data_1UKO
#
_entry.id   1UKO
#
_cell.length_a   75.100
_cell.length_b   78.140
_cell.length_c   87.944
_cell.angle_alpha   89.93
_cell.angle_beta   89.88
_cell.angle_gamma   90.08
#
_symmetry.space_group_name_H-M   'P 1'
#
loop_
_entity.id
_entity.type
_entity.pdbx_description
1 polymer Beta-amylase
2 non-polymer 'SULFATE ION'
3 water water
#
_entity_poly.entity_id   1
_entity_poly.type   'polypeptide(L)'
_entity_poly.pdbx_seq_one_letter_code
;ATSDSNMLLNYVPVYVMLPLGVVNVDNVFEDPDGLKEQLLQLRAAGVDGVMVDVWWGIIELKGPKQYDWRAYRSLLQLVQ
ECGLTLQAIMSFHQCGGNVGDIVNIPIPQWVLDIGESNHDIFYTNRSGTRNKEYLTVGVDNEPIFHGRTAIEIYSDYMKS
FRENMSDFLESGLIIDIEVGLGPAGELRYPSYPQSQGWEFPGIGEFQCYDKYLKADFKAAVARAGHPEWELPDDAGKYND
VPESTGFFKSNGTYVTEKGKFFLTWYSNKLLNHGDQILDEANKAFLGCKVKLAIKVSGIHWWYKVENHAAELTAGYYNLN
DRDGYRPIARMLSRHHAILNFTCLEMRDSEQPSDAKSGPQELVQQVLSGGWREYIRVAGENALPRYDATAYNQIILNARP
QGVNNNGPPKLSMFGVTYLRLSDDLLQKSNFNIFKKFVLKMHADQDYCANPQKYNHAITPLKPSAPKIPIEVLLEATKPT
RPFPWLDETDMKVDG
;
_entity_poly.pdbx_strand_id   A,B,C,D
#
loop_
_chem_comp.id
_chem_comp.type
_chem_comp.name
_chem_comp.formula
SO4 non-polymer 'SULFATE ION' 'O4 S -2'
#
# COMPACT_ATOMS: atom_id res chain seq x y z
N ASN A 6 44.92 -4.26 16.59
CA ASN A 6 43.45 -4.31 16.33
C ASN A 6 43.21 -4.50 14.84
N MET A 7 42.19 -5.30 14.52
CA MET A 7 41.85 -5.53 13.12
C MET A 7 41.31 -4.22 12.56
N LEU A 8 40.91 -3.32 13.46
CA LEU A 8 40.38 -2.02 13.06
C LEU A 8 41.48 -1.18 12.44
N LEU A 9 42.70 -1.29 12.98
CA LEU A 9 43.82 -0.54 12.43
C LEU A 9 44.11 -1.02 10.99
N ASN A 10 43.63 -2.21 10.66
CA ASN A 10 43.83 -2.83 9.34
C ASN A 10 42.61 -2.63 8.43
N TYR A 11 41.63 -1.91 8.94
CA TYR A 11 40.39 -1.62 8.24
C TYR A 11 40.65 -0.58 7.13
N VAL A 12 40.30 -0.92 5.91
CA VAL A 12 40.48 -0.03 4.77
C VAL A 12 39.08 0.33 4.27
N PRO A 13 38.68 1.61 4.39
CA PRO A 13 37.35 2.04 3.94
C PRO A 13 37.03 1.77 2.47
N VAL A 14 35.77 1.42 2.21
CA VAL A 14 35.31 1.13 0.86
C VAL A 14 34.21 2.10 0.42
N TYR A 15 34.35 2.61 -0.80
CA TYR A 15 33.39 3.55 -1.37
C TYR A 15 32.82 2.97 -2.65
N VAL A 16 31.62 3.43 -3.01
CA VAL A 16 30.95 2.96 -4.23
C VAL A 16 30.58 4.14 -5.14
N MET A 17 31.02 4.09 -6.38
CA MET A 17 30.71 5.16 -7.33
C MET A 17 29.20 5.14 -7.61
N LEU A 18 28.57 6.30 -7.63
CA LEU A 18 27.15 6.36 -7.89
C LEU A 18 26.89 6.19 -9.39
N PRO A 19 25.63 5.89 -9.76
CA PRO A 19 25.25 5.70 -11.16
C PRO A 19 25.51 6.99 -11.92
N LEU A 20 25.92 6.89 -13.18
CA LEU A 20 26.16 8.10 -13.97
C LEU A 20 24.85 8.86 -14.17
N GLY A 21 24.92 10.18 -14.09
CA GLY A 21 23.75 11.01 -14.28
C GLY A 21 22.77 11.04 -13.12
N VAL A 22 23.21 10.70 -11.91
CA VAL A 22 22.31 10.72 -10.76
C VAL A 22 21.65 12.11 -10.75
N VAL A 23 22.41 13.10 -11.19
CA VAL A 23 21.92 14.46 -11.37
C VAL A 23 22.03 14.54 -12.89
N ASN A 24 20.91 14.72 -13.58
CA ASN A 24 20.93 14.73 -15.04
C ASN A 24 21.48 15.96 -15.75
N VAL A 25 21.67 15.81 -17.07
CA VAL A 25 22.20 16.87 -17.91
C VAL A 25 21.45 18.19 -17.72
N ASP A 26 20.20 18.12 -17.26
CA ASP A 26 19.42 19.33 -17.04
C ASP A 26 19.55 19.83 -15.59
N ASN A 27 20.56 19.30 -14.90
CA ASN A 27 20.83 19.67 -13.51
C ASN A 27 19.63 19.44 -12.61
N VAL A 28 19.08 18.24 -12.68
CA VAL A 28 17.94 17.85 -11.86
C VAL A 28 18.27 16.53 -11.16
N PHE A 29 17.98 16.44 -9.87
CA PHE A 29 18.22 15.22 -9.11
C PHE A 29 16.94 14.42 -9.33
N GLU A 30 16.97 13.64 -10.41
CA GLU A 30 15.85 12.84 -10.88
C GLU A 30 15.17 11.82 -9.97
N ASP A 31 15.91 10.78 -9.61
CA ASP A 31 15.32 9.71 -8.83
C ASP A 31 15.85 9.58 -7.41
N PRO A 32 15.45 10.51 -6.53
CA PRO A 32 15.90 10.51 -5.13
C PRO A 32 15.45 9.24 -4.43
N ASP A 33 14.18 8.88 -4.64
CA ASP A 33 13.60 7.70 -4.01
C ASP A 33 14.33 6.43 -4.39
N GLY A 34 14.63 6.28 -5.68
CA GLY A 34 15.34 5.09 -6.14
C GLY A 34 16.77 5.00 -5.64
N LEU A 35 17.48 6.12 -5.65
CA LEU A 35 18.87 6.15 -5.19
C LEU A 35 18.93 5.86 -3.68
N LYS A 36 18.04 6.51 -2.93
CA LYS A 36 17.98 6.32 -1.48
C LYS A 36 17.83 4.82 -1.15
N GLU A 37 17.03 4.12 -1.95
CA GLU A 37 16.79 2.70 -1.76
C GLU A 37 18.13 1.96 -1.89
N GLN A 38 18.81 2.22 -3.00
CA GLN A 38 20.10 1.59 -3.26
C GLN A 38 21.11 1.96 -2.16
N LEU A 39 21.12 3.23 -1.78
CA LEU A 39 22.05 3.71 -0.77
C LEU A 39 21.84 3.05 0.59
N LEU A 40 20.59 2.78 0.94
CA LEU A 40 20.28 2.14 2.21
C LEU A 40 20.87 0.72 2.25
N GLN A 41 20.89 0.06 1.10
CA GLN A 41 21.44 -1.30 1.01
C GLN A 41 22.95 -1.25 1.16
N LEU A 42 23.59 -0.27 0.54
CA LEU A 42 25.05 -0.12 0.64
C LEU A 42 25.39 0.13 2.10
N ARG A 43 24.63 1.03 2.71
CA ARG A 43 24.82 1.40 4.10
C ARG A 43 24.71 0.14 4.96
N ALA A 44 23.64 -0.62 4.74
CA ALA A 44 23.41 -1.86 5.48
C ALA A 44 24.55 -2.83 5.26
N ALA A 45 25.11 -2.82 4.05
CA ALA A 45 26.22 -3.71 3.71
C ALA A 45 27.51 -3.25 4.38
N GLY A 46 27.49 -2.08 5.00
CA GLY A 46 28.67 -1.57 5.67
C GLY A 46 29.58 -0.70 4.82
N VAL A 47 29.12 -0.28 3.65
CA VAL A 47 29.91 0.59 2.80
C VAL A 47 30.19 1.89 3.55
N ASP A 48 31.41 2.40 3.44
CA ASP A 48 31.76 3.64 4.13
C ASP A 48 31.17 4.89 3.49
N GLY A 49 31.33 5.02 2.18
CA GLY A 49 30.80 6.17 1.48
C GLY A 49 30.61 5.92 0.00
N VAL A 50 30.34 6.99 -0.75
CA VAL A 50 30.12 6.91 -2.19
C VAL A 50 30.96 7.96 -2.92
N MET A 51 31.04 7.84 -4.24
CA MET A 51 31.80 8.80 -5.04
C MET A 51 30.87 9.30 -6.13
N VAL A 52 30.96 10.57 -6.45
CA VAL A 52 30.09 11.15 -7.47
C VAL A 52 30.80 12.17 -8.34
N ASP A 53 30.47 12.16 -9.62
CA ASP A 53 31.04 13.12 -10.54
C ASP A 53 30.23 14.40 -10.38
N VAL A 54 30.91 15.52 -10.18
CA VAL A 54 30.25 16.81 -10.07
C VAL A 54 30.56 17.46 -11.43
N TRP A 55 29.75 17.10 -12.42
CA TRP A 55 29.92 17.58 -13.80
C TRP A 55 29.93 19.07 -14.07
N TRP A 56 31.08 19.53 -14.55
CA TRP A 56 31.27 20.92 -14.91
C TRP A 56 30.21 21.25 -15.96
N GLY A 57 30.00 20.30 -16.88
CA GLY A 57 29.03 20.47 -17.94
C GLY A 57 27.59 20.59 -17.46
N ILE A 58 27.38 20.39 -16.17
CA ILE A 58 26.05 20.51 -15.60
C ILE A 58 25.94 21.78 -14.77
N ILE A 59 26.89 21.96 -13.86
CA ILE A 59 26.93 23.10 -12.95
C ILE A 59 27.05 24.49 -13.58
N GLU A 60 28.04 24.68 -14.46
CA GLU A 60 28.26 25.97 -15.09
C GLU A 60 27.75 26.02 -16.54
N LEU A 61 26.61 25.39 -16.81
CA LEU A 61 26.08 25.36 -18.18
C LEU A 61 25.44 26.66 -18.65
N LYS A 62 24.72 27.32 -17.77
CA LYS A 62 24.03 28.57 -18.11
C LYS A 62 24.96 29.63 -18.68
N GLY A 63 26.19 29.69 -18.18
CA GLY A 63 27.12 30.69 -18.66
C GLY A 63 28.32 30.84 -17.74
N PRO A 64 29.40 31.49 -18.20
CA PRO A 64 30.59 31.68 -17.38
C PRO A 64 30.26 32.18 -15.98
N LYS A 65 30.67 31.42 -14.98
CA LYS A 65 30.45 31.76 -13.58
C LYS A 65 28.99 31.74 -13.13
N GLN A 66 28.14 31.05 -13.88
CA GLN A 66 26.75 30.92 -13.48
C GLN A 66 26.67 29.50 -12.93
N TYR A 67 26.75 29.38 -11.62
CA TYR A 67 26.74 28.08 -10.96
C TYR A 67 25.39 27.75 -10.33
N ASP A 68 24.87 26.58 -10.63
CA ASP A 68 23.61 26.11 -10.06
C ASP A 68 23.96 24.83 -9.30
N TRP A 69 24.01 24.94 -7.98
CA TRP A 69 24.37 23.82 -7.11
C TRP A 69 23.17 23.15 -6.43
N ARG A 70 21.99 23.72 -6.63
CA ARG A 70 20.78 23.19 -6.01
C ARG A 70 20.62 21.67 -6.08
N ALA A 71 20.62 21.12 -7.29
CA ALA A 71 20.45 19.67 -7.46
C ALA A 71 21.53 18.82 -6.80
N TYR A 72 22.78 19.27 -6.84
CA TYR A 72 23.84 18.48 -6.21
C TYR A 72 23.73 18.54 -4.69
N ARG A 73 23.27 19.67 -4.18
CA ARG A 73 23.09 19.84 -2.74
C ARG A 73 22.05 18.83 -2.24
N SER A 74 21.01 18.62 -3.04
CA SER A 74 19.96 17.67 -2.67
C SER A 74 20.56 16.28 -2.69
N LEU A 75 21.45 16.03 -3.64
CA LEU A 75 22.11 14.74 -3.74
C LEU A 75 22.92 14.53 -2.46
N LEU A 76 23.84 15.47 -2.17
CA LEU A 76 24.65 15.36 -0.96
C LEU A 76 23.82 15.28 0.32
N GLN A 77 22.66 15.94 0.33
CA GLN A 77 21.79 15.91 1.51
C GLN A 77 21.29 14.48 1.70
N LEU A 78 20.83 13.87 0.61
CA LEU A 78 20.32 12.50 0.68
C LEU A 78 21.40 11.56 1.18
N VAL A 79 22.58 11.66 0.58
CA VAL A 79 23.71 10.82 0.95
C VAL A 79 23.98 10.95 2.45
N GLN A 80 23.97 12.19 2.95
CA GLN A 80 24.23 12.43 4.36
C GLN A 80 23.18 11.76 5.25
N GLU A 81 21.91 11.91 4.88
CA GLU A 81 20.82 11.32 5.66
C GLU A 81 20.94 9.81 5.72
N CYS A 82 21.59 9.23 4.70
CA CYS A 82 21.78 7.77 4.66
C CYS A 82 22.97 7.34 5.51
N GLY A 83 23.73 8.29 6.03
CA GLY A 83 24.86 7.95 6.87
C GLY A 83 26.11 7.56 6.12
N LEU A 84 26.26 8.06 4.90
CA LEU A 84 27.43 7.75 4.09
C LEU A 84 28.26 9.01 3.83
N THR A 85 29.56 8.83 3.66
CA THR A 85 30.46 9.95 3.36
C THR A 85 30.53 10.08 1.84
N LEU A 86 31.12 11.16 1.35
CA LEU A 86 31.18 11.35 -0.10
C LEU A 86 32.47 11.88 -0.65
N GLN A 87 32.91 11.29 -1.76
CA GLN A 87 34.11 11.72 -2.45
C GLN A 87 33.57 12.47 -3.67
N ALA A 88 33.80 13.77 -3.73
CA ALA A 88 33.31 14.60 -4.83
C ALA A 88 34.38 14.83 -5.88
N ILE A 89 34.06 14.51 -7.13
CA ILE A 89 35.00 14.71 -8.23
C ILE A 89 34.69 16.03 -8.95
N MET A 90 35.68 16.90 -9.05
CA MET A 90 35.48 18.15 -9.76
C MET A 90 35.70 17.69 -11.21
N SER A 91 34.63 17.23 -11.85
CA SER A 91 34.70 16.70 -13.21
C SER A 91 34.65 17.74 -14.32
N PHE A 92 35.81 18.29 -14.66
CA PHE A 92 35.91 19.29 -15.71
C PHE A 92 36.05 18.65 -17.08
N HIS A 93 35.40 17.51 -17.28
CA HIS A 93 35.49 16.79 -18.54
C HIS A 93 34.15 16.27 -19.01
N GLN A 94 34.11 15.80 -20.25
CA GLN A 94 32.90 15.27 -20.85
C GLN A 94 32.51 13.88 -20.34
N CYS A 95 31.20 13.65 -20.20
CA CYS A 95 30.67 12.36 -19.77
C CYS A 95 30.06 11.76 -21.04
N GLY A 96 30.25 10.46 -21.24
CA GLY A 96 29.71 9.85 -22.44
C GLY A 96 30.39 10.38 -23.70
N GLY A 97 29.65 10.45 -24.79
CA GLY A 97 30.21 10.95 -26.04
C GLY A 97 30.38 9.87 -27.10
N ASN A 98 30.36 8.62 -26.69
CA ASN A 98 30.50 7.52 -27.64
C ASN A 98 29.13 6.95 -27.96
N VAL A 99 29.00 6.32 -29.13
CA VAL A 99 27.72 5.74 -29.51
C VAL A 99 27.34 4.65 -28.51
N GLY A 100 26.12 4.70 -28.00
CA GLY A 100 25.70 3.70 -27.03
C GLY A 100 25.72 4.23 -25.61
N ASP A 101 26.56 5.25 -25.35
CA ASP A 101 26.63 5.86 -24.03
C ASP A 101 25.25 6.42 -23.65
N ILE A 102 24.72 5.97 -22.53
CA ILE A 102 23.41 6.40 -22.06
C ILE A 102 23.43 7.86 -21.59
N VAL A 103 24.36 8.16 -20.70
CA VAL A 103 24.51 9.50 -20.13
C VAL A 103 25.59 10.33 -20.82
N ASN A 104 25.16 11.36 -21.55
CA ASN A 104 26.09 12.24 -22.23
C ASN A 104 26.05 13.64 -21.60
N ILE A 105 27.19 14.08 -21.10
CA ILE A 105 27.28 15.40 -20.48
C ILE A 105 28.49 16.15 -21.03
N PRO A 106 28.30 16.88 -22.14
CA PRO A 106 29.44 17.62 -22.68
C PRO A 106 29.89 18.74 -21.73
N ILE A 107 31.07 19.30 -21.96
CA ILE A 107 31.53 20.39 -21.12
C ILE A 107 30.62 21.56 -21.48
N PRO A 108 30.61 22.64 -20.68
CA PRO A 108 29.77 23.81 -20.94
C PRO A 108 29.69 24.23 -22.40
N GLN A 109 28.47 24.37 -22.91
CA GLN A 109 28.24 24.77 -24.29
C GLN A 109 28.92 26.09 -24.58
N TRP A 110 28.94 26.99 -23.61
CA TRP A 110 29.58 28.28 -23.82
C TRP A 110 31.09 28.15 -24.03
N VAL A 111 31.66 27.04 -23.54
CA VAL A 111 33.08 26.81 -23.74
C VAL A 111 33.24 26.24 -25.15
N LEU A 112 32.31 25.35 -25.50
CA LEU A 112 32.33 24.73 -26.83
C LEU A 112 32.14 25.79 -27.92
N ASP A 113 31.30 26.79 -27.66
CA ASP A 113 31.06 27.84 -28.65
C ASP A 113 32.37 28.55 -28.93
N ILE A 114 33.19 28.69 -27.89
CA ILE A 114 34.49 29.34 -28.02
C ILE A 114 35.37 28.44 -28.88
N GLY A 115 35.18 27.13 -28.73
CA GLY A 115 35.97 26.17 -29.50
C GLY A 115 35.65 26.23 -30.98
N GLU A 116 34.41 26.58 -31.30
CA GLU A 116 33.97 26.68 -32.69
C GLU A 116 34.82 27.69 -33.45
N SER A 117 35.18 28.78 -32.77
CA SER A 117 35.99 29.82 -33.39
C SER A 117 37.47 29.68 -33.02
N ASN A 118 37.78 28.72 -32.16
CA ASN A 118 39.16 28.46 -31.75
C ASN A 118 39.29 26.97 -31.43
N HIS A 119 39.51 26.18 -32.48
CA HIS A 119 39.63 24.74 -32.36
C HIS A 119 40.83 24.27 -31.56
N ASP A 120 41.80 25.15 -31.37
CA ASP A 120 43.01 24.80 -30.63
C ASP A 120 42.87 24.76 -29.11
N ILE A 121 41.65 24.87 -28.61
CA ILE A 121 41.46 24.80 -27.17
C ILE A 121 41.31 23.32 -26.79
N PHE A 122 41.24 22.46 -27.81
CA PHE A 122 41.08 21.03 -27.61
C PHE A 122 42.34 20.26 -27.91
N TYR A 123 42.48 19.10 -27.27
CA TYR A 123 43.63 18.24 -27.52
C TYR A 123 43.52 17.82 -28.97
N THR A 124 44.60 17.98 -29.71
CA THR A 124 44.60 17.65 -31.12
C THR A 124 45.68 16.63 -31.48
N ASN A 125 45.33 15.65 -32.30
CA ASN A 125 46.28 14.63 -32.71
C ASN A 125 47.01 15.09 -33.97
N ARG A 126 47.97 14.31 -34.42
CA ARG A 126 48.76 14.67 -35.58
C ARG A 126 47.95 15.00 -36.82
N SER A 127 46.89 14.22 -37.07
CA SER A 127 46.03 14.44 -38.23
C SER A 127 45.19 15.70 -38.13
N GLY A 128 45.07 16.26 -36.93
CA GLY A 128 44.29 17.47 -36.75
C GLY A 128 42.90 17.29 -36.16
N THR A 129 42.55 16.09 -35.71
CA THR A 129 41.24 15.84 -35.13
C THR A 129 41.16 16.50 -33.76
N ARG A 130 40.03 17.12 -33.45
CA ARG A 130 39.84 17.80 -32.17
C ARG A 130 39.02 16.95 -31.20
N ASN A 131 39.53 16.81 -29.99
CA ASN A 131 38.85 16.04 -28.95
C ASN A 131 38.17 17.07 -28.03
N LYS A 132 36.84 17.11 -28.02
CA LYS A 132 36.13 18.08 -27.20
C LYS A 132 35.74 17.66 -25.78
N GLU A 133 36.42 16.67 -25.22
CA GLU A 133 36.07 16.22 -23.87
C GLU A 133 36.80 16.99 -22.78
N TYR A 134 37.81 17.77 -23.15
CA TYR A 134 38.60 18.52 -22.17
C TYR A 134 39.41 19.60 -22.87
N LEU A 135 39.81 20.63 -22.12
CA LEU A 135 40.59 21.72 -22.69
C LEU A 135 42.06 21.36 -22.57
N THR A 136 42.82 21.50 -23.66
CA THR A 136 44.25 21.17 -23.64
C THR A 136 45.02 21.88 -22.55
N VAL A 137 46.14 21.27 -22.13
CA VAL A 137 47.00 21.88 -21.12
C VAL A 137 47.45 23.19 -21.74
N GLY A 138 47.52 23.19 -23.07
CA GLY A 138 47.95 24.36 -23.81
C GLY A 138 47.31 25.68 -23.43
N VAL A 139 46.04 25.64 -23.03
CA VAL A 139 45.35 26.88 -22.68
C VAL A 139 45.14 27.04 -21.18
N ASP A 140 45.84 26.21 -20.40
CA ASP A 140 45.74 26.27 -18.95
C ASP A 140 45.90 27.70 -18.44
N ASN A 141 46.86 28.42 -19.02
CA ASN A 141 47.14 29.78 -18.61
C ASN A 141 46.84 30.84 -19.68
N GLU A 142 45.98 30.50 -20.63
CA GLU A 142 45.62 31.42 -21.70
C GLU A 142 44.24 32.02 -21.39
N PRO A 143 44.16 33.35 -21.21
CA PRO A 143 42.90 34.04 -20.89
C PRO A 143 42.00 34.25 -22.10
N ILE A 144 41.59 33.15 -22.71
CA ILE A 144 40.76 33.17 -23.90
C ILE A 144 39.32 32.72 -23.67
N PHE A 145 38.95 32.48 -22.41
CA PHE A 145 37.59 32.05 -22.10
C PHE A 145 36.87 33.19 -21.42
N HIS A 146 36.47 34.18 -22.24
CA HIS A 146 35.81 35.36 -21.75
C HIS A 146 36.63 35.98 -20.62
N GLY A 147 37.93 36.11 -20.87
CA GLY A 147 38.82 36.72 -19.90
C GLY A 147 39.58 35.79 -18.97
N ARG A 148 39.03 34.61 -18.72
CA ARG A 148 39.69 33.68 -17.81
C ARG A 148 40.52 32.63 -18.54
N THR A 149 41.47 32.07 -17.80
CA THR A 149 42.33 31.01 -18.31
C THR A 149 41.60 29.74 -17.92
N ALA A 150 42.03 28.60 -18.45
CA ALA A 150 41.39 27.34 -18.11
C ALA A 150 41.52 27.10 -16.61
N ILE A 151 42.68 27.39 -16.05
CA ILE A 151 42.91 27.18 -14.62
C ILE A 151 42.00 28.06 -13.75
N GLU A 152 41.83 29.32 -14.13
CA GLU A 152 40.97 30.22 -13.37
C GLU A 152 39.56 29.64 -13.38
N ILE A 153 39.18 29.02 -14.49
CA ILE A 153 37.87 28.39 -14.59
C ILE A 153 37.77 27.30 -13.53
N TYR A 154 38.74 26.39 -13.52
CA TYR A 154 38.75 25.29 -12.57
C TYR A 154 38.78 25.83 -11.15
N SER A 155 39.56 26.88 -10.96
CA SER A 155 39.69 27.52 -9.65
C SER A 155 38.40 28.16 -9.14
N ASP A 156 37.73 28.94 -9.99
CA ASP A 156 36.49 29.58 -9.57
C ASP A 156 35.47 28.50 -9.23
N TYR A 157 35.47 27.45 -10.03
CA TYR A 157 34.55 26.33 -9.87
C TYR A 157 34.70 25.68 -8.49
N MET A 158 35.93 25.36 -8.12
CA MET A 158 36.19 24.74 -6.82
C MET A 158 35.88 25.69 -5.67
N LYS A 159 36.16 26.98 -5.86
CA LYS A 159 35.88 27.94 -4.80
C LYS A 159 34.37 28.07 -4.60
N SER A 160 33.62 28.03 -5.69
CA SER A 160 32.16 28.12 -5.62
C SER A 160 31.61 26.87 -4.94
N PHE A 161 32.20 25.73 -5.26
CA PHE A 161 31.77 24.47 -4.65
C PHE A 161 32.02 24.53 -3.15
N ARG A 162 33.21 24.95 -2.75
CA ARG A 162 33.56 25.04 -1.34
C ARG A 162 32.62 25.98 -0.59
N GLU A 163 32.21 27.05 -1.26
CA GLU A 163 31.30 28.01 -0.66
C GLU A 163 29.89 27.44 -0.56
N ASN A 164 29.38 26.92 -1.66
CA ASN A 164 28.02 26.39 -1.68
C ASN A 164 27.80 25.07 -0.94
N MET A 165 28.88 24.34 -0.67
CA MET A 165 28.75 23.08 0.06
C MET A 165 29.41 23.24 1.42
N SER A 166 29.50 24.48 1.89
CA SER A 166 30.13 24.75 3.17
C SER A 166 29.53 23.95 4.31
N ASP A 167 28.22 23.74 4.29
CA ASP A 167 27.58 22.98 5.35
C ASP A 167 27.98 21.51 5.26
N PHE A 168 27.98 20.95 4.06
CA PHE A 168 28.37 19.56 3.87
C PHE A 168 29.85 19.33 4.22
N LEU A 169 30.69 20.30 3.88
CA LEU A 169 32.12 20.20 4.19
C LEU A 169 32.33 20.31 5.69
N GLU A 170 31.47 21.10 6.34
CA GLU A 170 31.60 21.30 7.78
C GLU A 170 31.13 20.09 8.57
N SER A 171 30.02 19.48 8.17
CA SER A 171 29.49 18.32 8.87
C SER A 171 30.29 17.06 8.63
N GLY A 172 31.31 17.14 7.77
CA GLY A 172 32.12 15.97 7.50
C GLY A 172 31.52 15.01 6.49
N LEU A 173 30.53 15.47 5.72
CA LEU A 173 29.93 14.62 4.70
C LEU A 173 30.94 14.31 3.61
N ILE A 174 31.71 15.33 3.22
CA ILE A 174 32.71 15.19 2.16
C ILE A 174 34.08 14.83 2.73
N ILE A 175 34.56 13.62 2.43
CA ILE A 175 35.85 13.18 2.92
C ILE A 175 36.99 13.65 2.02
N ASP A 176 36.77 13.69 0.72
CA ASP A 176 37.83 14.18 -0.15
C ASP A 176 37.35 14.79 -1.48
N ILE A 177 38.21 15.61 -2.06
CA ILE A 177 37.91 16.27 -3.32
C ILE A 177 38.86 15.75 -4.38
N GLU A 178 38.33 14.99 -5.34
CA GLU A 178 39.18 14.49 -6.41
C GLU A 178 39.12 15.55 -7.51
N VAL A 179 40.27 16.04 -7.93
CA VAL A 179 40.30 17.08 -8.95
C VAL A 179 40.50 16.51 -10.34
N GLY A 180 39.50 16.69 -11.20
CA GLY A 180 39.60 16.20 -12.57
C GLY A 180 40.75 16.94 -13.21
N LEU A 181 41.56 16.24 -14.00
CA LEU A 181 42.71 16.85 -14.65
C LEU A 181 42.88 16.54 -16.13
N GLY A 182 41.87 15.91 -16.72
CA GLY A 182 41.93 15.57 -18.13
C GLY A 182 40.76 14.69 -18.53
N PRO A 183 40.87 13.96 -19.67
CA PRO A 183 39.79 13.08 -20.13
C PRO A 183 39.40 12.09 -19.04
N ALA A 184 38.10 11.86 -18.85
CA ALA A 184 37.63 10.94 -17.83
C ALA A 184 38.15 11.41 -16.46
N GLY A 185 38.48 12.69 -16.37
CA GLY A 185 38.96 13.26 -15.13
C GLY A 185 40.35 12.79 -14.69
N GLU A 186 41.07 12.13 -15.59
CA GLU A 186 42.40 11.62 -15.28
C GLU A 186 43.53 12.53 -15.76
N LEU A 187 44.63 12.51 -15.03
CA LEU A 187 45.79 13.32 -15.39
C LEU A 187 46.52 12.63 -16.54
N ARG A 188 46.06 12.87 -17.75
CA ARG A 188 46.65 12.27 -18.95
C ARG A 188 46.14 12.95 -20.22
N TYR A 189 46.69 12.53 -21.35
CA TYR A 189 46.28 13.04 -22.65
C TYR A 189 45.26 12.03 -23.15
N PRO A 190 44.29 12.46 -23.98
CA PRO A 190 43.27 11.56 -24.52
C PRO A 190 43.88 10.79 -25.67
N SER A 191 44.84 9.92 -25.34
CA SER A 191 45.58 9.14 -26.33
C SER A 191 44.90 7.92 -26.94
N TYR A 192 43.82 7.44 -26.33
CA TYR A 192 43.13 6.27 -26.85
C TYR A 192 41.62 6.45 -26.92
N PRO A 193 41.17 7.49 -27.67
CA PRO A 193 39.75 7.81 -27.84
C PRO A 193 38.99 6.80 -28.68
N GLN A 194 37.91 6.27 -28.14
CA GLN A 194 37.08 5.31 -28.87
C GLN A 194 36.45 6.02 -30.06
N SER A 195 36.02 7.26 -29.84
CA SER A 195 35.39 8.05 -30.91
C SER A 195 36.27 8.24 -32.13
N GLN A 196 37.58 7.99 -32.01
CA GLN A 196 38.45 8.15 -33.18
C GLN A 196 38.89 6.81 -33.72
N GLY A 197 38.22 5.74 -33.28
CA GLY A 197 38.55 4.41 -33.75
C GLY A 197 39.49 3.57 -32.92
N TRP A 198 40.08 4.12 -31.87
CA TRP A 198 41.00 3.34 -31.06
C TRP A 198 40.36 2.08 -30.51
N GLU A 199 41.14 1.00 -30.50
CA GLU A 199 40.68 -0.27 -29.98
C GLU A 199 41.80 -0.98 -29.26
N PHE A 200 41.51 -1.46 -28.06
CA PHE A 200 42.50 -2.17 -27.26
C PHE A 200 43.11 -3.25 -28.15
N PRO A 201 44.45 -3.43 -28.09
CA PRO A 201 45.41 -2.68 -27.29
C PRO A 201 46.26 -1.70 -28.10
N GLY A 202 45.62 -0.87 -28.91
CA GLY A 202 46.36 0.10 -29.72
C GLY A 202 47.28 0.97 -28.89
N ILE A 203 48.45 1.30 -29.43
CA ILE A 203 49.44 2.14 -28.73
C ILE A 203 48.91 3.55 -28.45
N GLY A 204 47.89 3.97 -29.19
CA GLY A 204 47.34 5.30 -29.01
C GLY A 204 48.16 6.34 -29.74
N GLU A 205 47.81 7.61 -29.58
CA GLU A 205 48.52 8.67 -30.26
C GLU A 205 48.79 9.86 -29.36
N PHE A 206 49.90 10.54 -29.64
CA PHE A 206 50.28 11.73 -28.89
C PHE A 206 49.22 12.79 -29.21
N GLN A 207 48.89 13.62 -28.22
CA GLN A 207 47.87 14.66 -28.40
C GLN A 207 48.45 16.03 -28.08
N CYS A 208 49.58 16.34 -28.71
CA CYS A 208 50.27 17.62 -28.46
C CYS A 208 50.32 18.53 -29.69
N TYR A 209 49.35 18.41 -30.59
CA TYR A 209 49.39 19.20 -31.81
C TYR A 209 48.55 20.46 -31.90
N ASP A 210 47.86 20.83 -30.83
CA ASP A 210 47.09 22.07 -30.88
C ASP A 210 48.15 23.17 -30.98
N LYS A 211 47.79 24.33 -31.52
CA LYS A 211 48.75 25.42 -31.71
C LYS A 211 49.47 25.92 -30.44
N TYR A 212 48.79 25.89 -29.30
CA TYR A 212 49.43 26.36 -28.07
C TYR A 212 50.58 25.43 -27.69
N LEU A 213 50.32 24.13 -27.62
CA LEU A 213 51.36 23.18 -27.27
C LEU A 213 52.43 23.13 -28.36
N LYS A 214 52.03 23.35 -29.61
CA LYS A 214 52.97 23.33 -30.71
C LYS A 214 53.96 24.50 -30.57
N ALA A 215 53.44 25.66 -30.18
CA ALA A 215 54.28 26.84 -30.00
C ALA A 215 55.14 26.63 -28.77
N ASP A 216 54.55 25.98 -27.78
CA ASP A 216 55.22 25.68 -26.52
C ASP A 216 56.46 24.84 -26.80
N PHE A 217 56.26 23.76 -27.55
CA PHE A 217 57.33 22.83 -27.92
C PHE A 217 58.40 23.53 -28.76
N LYS A 218 57.96 24.35 -29.70
CA LYS A 218 58.89 25.08 -30.57
C LYS A 218 59.80 25.98 -29.74
N ALA A 219 59.22 26.63 -28.75
CA ALA A 219 60.00 27.53 -27.91
C ALA A 219 60.95 26.70 -27.04
N ALA A 220 60.53 25.49 -26.68
CA ALA A 220 61.34 24.62 -25.85
C ALA A 220 62.53 24.05 -26.62
N VAL A 221 62.30 23.57 -27.84
CA VAL A 221 63.41 23.02 -28.61
C VAL A 221 64.36 24.12 -29.00
N ALA A 222 63.83 25.34 -29.17
CA ALA A 222 64.67 26.48 -29.52
C ALA A 222 65.64 26.75 -28.37
N ARG A 223 65.15 26.69 -27.13
CA ARG A 223 65.99 26.90 -25.96
C ARG A 223 67.07 25.84 -25.91
N ALA A 224 66.73 24.63 -26.36
CA ALA A 224 67.65 23.51 -26.37
C ALA A 224 68.64 23.63 -27.52
N GLY A 225 68.48 24.68 -28.31
CA GLY A 225 69.37 24.90 -29.43
C GLY A 225 69.09 23.95 -30.58
N HIS A 226 67.85 23.47 -30.68
CA HIS A 226 67.47 22.53 -31.72
C HIS A 226 66.19 22.94 -32.45
N PRO A 227 66.23 24.05 -33.20
CA PRO A 227 65.05 24.51 -33.93
C PRO A 227 64.58 23.51 -34.99
N GLU A 228 65.43 22.56 -35.35
CA GLU A 228 65.08 21.56 -36.36
C GLU A 228 64.19 20.45 -35.83
N TRP A 229 63.98 20.41 -34.52
CA TRP A 229 63.13 19.39 -33.92
C TRP A 229 61.63 19.72 -33.98
N GLU A 230 60.87 18.84 -34.62
CA GLU A 230 59.43 19.02 -34.72
C GLU A 230 58.75 17.98 -33.86
N LEU A 231 57.45 18.14 -33.61
CA LEU A 231 56.72 17.16 -32.82
C LEU A 231 56.80 15.83 -33.59
N PRO A 232 56.62 14.70 -32.89
CA PRO A 232 56.68 13.37 -33.49
C PRO A 232 55.92 13.23 -34.81
N ASP A 233 56.60 12.65 -35.81
CA ASP A 233 55.97 12.47 -37.12
C ASP A 233 56.12 11.03 -37.60
N ASP A 234 56.47 10.13 -36.68
CA ASP A 234 56.65 8.73 -37.01
C ASP A 234 56.10 7.81 -35.91
N ALA A 235 55.13 8.32 -35.14
CA ALA A 235 54.53 7.55 -34.06
C ALA A 235 53.39 6.65 -34.52
N GLY A 236 53.03 6.74 -35.79
CA GLY A 236 51.96 5.89 -36.30
C GLY A 236 50.56 6.36 -35.89
N LYS A 237 49.65 5.40 -35.71
CA LYS A 237 48.28 5.73 -35.34
C LYS A 237 47.74 4.91 -34.16
N TYR A 238 46.58 5.32 -33.67
CA TYR A 238 45.92 4.71 -32.52
C TYR A 238 46.03 3.19 -32.36
N ASN A 239 45.74 2.45 -33.42
CA ASN A 239 45.75 0.99 -33.35
C ASN A 239 47.00 0.24 -33.78
N ASP A 240 48.10 0.95 -33.97
CA ASP A 240 49.35 0.28 -34.33
C ASP A 240 49.94 -0.43 -33.14
N VAL A 241 50.98 -1.22 -33.40
CA VAL A 241 51.72 -1.91 -32.36
C VAL A 241 53.05 -1.15 -32.39
N PRO A 242 53.74 -1.04 -31.25
CA PRO A 242 55.01 -0.30 -31.21
C PRO A 242 56.05 -0.59 -32.29
N GLU A 243 56.26 -1.86 -32.59
CA GLU A 243 57.26 -2.22 -33.58
C GLU A 243 56.91 -1.84 -35.01
N SER A 244 55.66 -1.50 -35.26
CA SER A 244 55.26 -1.12 -36.61
C SER A 244 55.41 0.39 -36.81
N THR A 245 56.01 1.07 -35.83
CA THR A 245 56.21 2.51 -35.93
C THR A 245 57.69 2.85 -35.74
N GLY A 246 58.11 3.96 -36.34
CA GLY A 246 59.49 4.38 -36.24
C GLY A 246 59.85 4.95 -34.87
N PHE A 247 58.88 5.53 -34.20
CA PHE A 247 59.10 6.12 -32.89
C PHE A 247 59.24 5.10 -31.76
N PHE A 248 58.35 4.11 -31.75
CA PHE A 248 58.33 3.09 -30.70
C PHE A 248 59.03 1.77 -30.96
N LYS A 249 59.53 1.56 -32.17
CA LYS A 249 60.21 0.30 -32.45
C LYS A 249 61.59 0.25 -31.81
N SER A 250 62.17 -0.95 -31.78
CA SER A 250 63.50 -1.13 -31.21
C SER A 250 64.46 -0.12 -31.83
N ASN A 251 65.20 0.58 -30.97
CA ASN A 251 66.15 1.59 -31.43
C ASN A 251 65.42 2.63 -32.25
N GLY A 252 64.16 2.88 -31.87
CA GLY A 252 63.36 3.85 -32.57
C GLY A 252 63.65 5.25 -32.07
N THR A 253 62.91 6.21 -32.63
CA THR A 253 63.08 7.61 -32.27
C THR A 253 62.99 7.88 -30.76
N TYR A 254 62.15 7.14 -30.04
CA TYR A 254 62.00 7.38 -28.60
C TYR A 254 63.27 7.24 -27.75
N VAL A 255 64.32 6.64 -28.31
CA VAL A 255 65.56 6.49 -27.55
C VAL A 255 66.59 7.51 -27.99
N THR A 256 66.28 8.25 -29.04
CA THR A 256 67.19 9.28 -29.55
C THR A 256 67.11 10.52 -28.65
N GLU A 257 68.10 11.39 -28.78
CA GLU A 257 68.15 12.61 -27.98
C GLU A 257 66.86 13.41 -28.19
N LYS A 258 66.43 13.48 -29.45
CA LYS A 258 65.23 14.18 -29.83
C LYS A 258 64.00 13.53 -29.19
N GLY A 259 63.90 12.21 -29.33
CA GLY A 259 62.78 11.50 -28.77
C GLY A 259 62.69 11.70 -27.27
N LYS A 260 63.82 11.53 -26.58
CA LYS A 260 63.83 11.70 -25.13
C LYS A 260 63.48 13.11 -24.72
N PHE A 261 63.89 14.10 -25.50
CA PHE A 261 63.57 15.48 -25.18
C PHE A 261 62.05 15.69 -25.26
N PHE A 262 61.43 15.23 -26.35
CA PHE A 262 60.00 15.38 -26.52
C PHE A 262 59.21 14.73 -25.39
N LEU A 263 59.53 13.46 -25.13
CA LEU A 263 58.84 12.69 -24.10
C LEU A 263 58.91 13.36 -22.74
N THR A 264 60.07 13.94 -22.41
CA THR A 264 60.23 14.63 -21.14
C THR A 264 59.35 15.86 -21.15
N TRP A 265 59.39 16.61 -22.24
CA TRP A 265 58.57 17.80 -22.40
C TRP A 265 57.09 17.44 -22.30
N TYR A 266 56.71 16.42 -23.07
CA TYR A 266 55.33 15.93 -23.13
C TYR A 266 54.81 15.51 -21.76
N SER A 267 55.59 14.71 -21.05
CA SER A 267 55.19 14.24 -19.73
C SER A 267 55.25 15.36 -18.68
N ASN A 268 56.23 16.25 -18.79
CA ASN A 268 56.33 17.36 -17.85
C ASN A 268 55.09 18.25 -17.86
N LYS A 269 54.47 18.42 -19.03
CA LYS A 269 53.28 19.25 -19.15
C LYS A 269 52.21 18.79 -18.17
N LEU A 270 52.07 17.48 -18.03
CA LEU A 270 51.08 16.90 -17.13
C LEU A 270 51.43 17.14 -15.66
N LEU A 271 52.70 16.98 -15.30
CA LEU A 271 53.12 17.22 -13.93
C LEU A 271 52.82 18.66 -13.52
N ASN A 272 53.19 19.61 -14.36
CA ASN A 272 52.92 21.02 -14.07
C ASN A 272 51.44 21.30 -14.18
N HIS A 273 50.78 20.61 -15.10
CA HIS A 273 49.35 20.77 -15.27
C HIS A 273 48.67 20.43 -13.95
N GLY A 274 49.06 19.29 -13.37
CA GLY A 274 48.47 18.87 -12.12
C GLY A 274 48.90 19.73 -10.94
N ASP A 275 50.17 20.13 -10.94
CA ASP A 275 50.71 20.94 -9.86
C ASP A 275 50.04 22.31 -9.80
N GLN A 276 49.86 22.93 -10.95
CA GLN A 276 49.24 24.25 -11.01
C GLN A 276 47.78 24.24 -10.61
N ILE A 277 47.04 23.23 -11.07
CA ILE A 277 45.63 23.14 -10.74
C ILE A 277 45.42 22.73 -9.30
N LEU A 278 46.31 21.89 -8.75
CA LEU A 278 46.16 21.51 -7.35
C LEU A 278 46.47 22.70 -6.46
N ASP A 279 47.25 23.65 -6.97
CA ASP A 279 47.58 24.85 -6.22
C ASP A 279 46.27 25.56 -5.91
N GLU A 280 45.35 25.53 -6.87
CA GLU A 280 44.07 26.19 -6.69
C GLU A 280 43.15 25.40 -5.76
N ALA A 281 43.27 24.07 -5.79
CA ALA A 281 42.44 23.23 -4.93
C ALA A 281 42.84 23.44 -3.48
N ASN A 282 44.14 23.51 -3.22
CA ASN A 282 44.62 23.72 -1.86
C ASN A 282 44.14 25.08 -1.37
N LYS A 283 44.15 26.07 -2.25
CA LYS A 283 43.68 27.41 -1.88
C LYS A 283 42.17 27.38 -1.68
N ALA A 284 41.46 26.73 -2.59
CA ALA A 284 40.00 26.68 -2.50
C ALA A 284 39.49 25.95 -1.27
N PHE A 285 40.13 24.84 -0.93
CA PHE A 285 39.70 24.03 0.20
C PHE A 285 40.51 24.17 1.47
N LEU A 286 41.28 25.26 1.55
CA LEU A 286 42.11 25.55 2.72
C LEU A 286 41.28 25.44 3.98
N GLY A 287 41.79 24.70 4.96
CA GLY A 287 41.09 24.55 6.21
C GLY A 287 39.99 23.50 6.26
N CYS A 288 39.48 23.08 5.12
CA CYS A 288 38.42 22.09 5.12
C CYS A 288 38.98 20.74 5.56
N LYS A 289 38.20 19.99 6.32
CA LYS A 289 38.63 18.68 6.78
C LYS A 289 38.43 17.60 5.73
N VAL A 290 39.01 17.84 4.56
CA VAL A 290 38.94 16.90 3.45
C VAL A 290 40.36 16.70 2.96
N LYS A 291 40.54 15.73 2.07
CA LYS A 291 41.83 15.48 1.48
C LYS A 291 41.65 15.75 0.00
N LEU A 292 42.72 16.14 -0.68
CA LEU A 292 42.63 16.38 -2.11
C LEU A 292 43.07 15.09 -2.77
N ALA A 293 42.73 14.92 -4.04
CA ALA A 293 43.10 13.73 -4.76
C ALA A 293 43.02 13.96 -6.26
N ILE A 294 43.74 13.13 -7.01
CA ILE A 294 43.71 13.19 -8.47
C ILE A 294 43.56 11.76 -8.92
N LYS A 295 43.19 11.56 -10.17
CA LYS A 295 43.02 10.22 -10.72
C LYS A 295 44.07 9.97 -11.78
N VAL A 296 44.89 8.94 -11.57
CA VAL A 296 45.92 8.56 -12.52
C VAL A 296 45.40 7.36 -13.30
N SER A 297 45.41 7.47 -14.62
CA SER A 297 44.91 6.40 -15.46
C SER A 297 45.80 5.17 -15.43
N GLY A 298 45.20 4.01 -15.60
CA GLY A 298 45.96 2.77 -15.61
C GLY A 298 46.16 2.24 -17.02
N ILE A 299 47.28 2.62 -17.63
CA ILE A 299 47.60 2.17 -18.98
C ILE A 299 48.49 0.95 -18.81
N HIS A 300 47.88 -0.23 -18.80
CA HIS A 300 48.62 -1.46 -18.59
C HIS A 300 49.09 -2.18 -19.85
N TRP A 301 48.50 -1.86 -20.99
CA TRP A 301 48.93 -2.53 -22.22
C TRP A 301 50.25 -1.96 -22.72
N TRP A 302 51.18 -2.85 -23.04
CA TRP A 302 52.53 -2.52 -23.52
C TRP A 302 53.45 -2.25 -22.35
N TYR A 303 52.93 -2.41 -21.13
CA TYR A 303 53.75 -2.20 -19.94
C TYR A 303 54.86 -3.24 -19.93
N LYS A 304 54.64 -4.36 -20.60
CA LYS A 304 55.62 -5.44 -20.64
C LYS A 304 56.73 -5.35 -21.70
N VAL A 305 56.73 -4.30 -22.50
CA VAL A 305 57.79 -4.15 -23.49
C VAL A 305 58.53 -2.83 -23.24
N GLU A 306 59.80 -2.81 -23.60
CA GLU A 306 60.62 -1.63 -23.39
C GLU A 306 60.05 -0.28 -23.77
N ASN A 307 59.28 -0.19 -24.86
CA ASN A 307 58.73 1.09 -25.28
C ASN A 307 57.59 1.66 -24.46
N HIS A 308 56.88 0.82 -23.70
CA HIS A 308 55.76 1.30 -22.90
C HIS A 308 54.98 2.31 -23.74
N ALA A 309 54.80 1.99 -25.02
CA ALA A 309 54.13 2.87 -25.97
C ALA A 309 52.81 3.50 -25.50
N ALA A 310 51.88 2.66 -25.05
CA ALA A 310 50.58 3.16 -24.60
C ALA A 310 50.73 4.17 -23.46
N GLU A 311 51.71 3.93 -22.59
CA GLU A 311 51.97 4.83 -21.47
C GLU A 311 52.55 6.17 -21.94
N LEU A 312 53.53 6.11 -22.84
CA LEU A 312 54.15 7.34 -23.36
C LEU A 312 53.14 8.25 -24.07
N THR A 313 52.29 7.70 -24.93
CA THR A 313 51.32 8.55 -25.62
C THR A 313 50.29 9.13 -24.67
N ALA A 314 50.03 8.47 -23.55
CA ALA A 314 49.07 8.97 -22.58
C ALA A 314 49.67 10.10 -21.73
N GLY A 315 51.00 10.19 -21.73
CA GLY A 315 51.66 11.22 -20.96
C GLY A 315 52.50 10.73 -19.79
N TYR A 316 52.54 9.41 -19.59
CA TYR A 316 53.35 8.85 -18.51
C TYR A 316 54.64 8.34 -19.13
N TYR A 317 55.73 9.08 -18.92
CA TYR A 317 57.02 8.68 -19.47
C TYR A 317 57.61 7.57 -18.59
N ASN A 318 57.02 6.39 -18.69
CA ASN A 318 57.44 5.26 -17.90
C ASN A 318 58.20 4.23 -18.73
N LEU A 319 59.40 3.89 -18.28
CA LEU A 319 60.22 2.92 -18.97
C LEU A 319 60.76 1.91 -17.96
N ASN A 320 61.40 0.85 -18.45
CA ASN A 320 61.95 -0.15 -17.56
C ASN A 320 62.95 0.47 -16.61
N ASP A 321 63.52 1.61 -16.99
CA ASP A 321 64.53 2.26 -16.16
C ASP A 321 64.27 3.74 -15.91
N ARG A 322 63.00 4.14 -15.93
CA ARG A 322 62.60 5.53 -15.67
C ARG A 322 61.22 5.42 -15.04
N ASP A 323 61.11 5.75 -13.76
CA ASP A 323 59.83 5.68 -13.06
C ASP A 323 58.99 6.89 -13.44
N GLY A 324 58.07 6.69 -14.40
CA GLY A 324 57.23 7.78 -14.85
C GLY A 324 56.05 8.13 -13.98
N TYR A 325 55.88 7.43 -12.86
CA TYR A 325 54.76 7.71 -11.97
C TYR A 325 55.17 8.38 -10.66
N ARG A 326 56.28 7.95 -10.07
CA ARG A 326 56.73 8.52 -8.81
C ARG A 326 56.82 10.05 -8.86
N PRO A 327 57.27 10.63 -9.99
CA PRO A 327 57.35 12.08 -10.04
C PRO A 327 55.95 12.67 -9.81
N ILE A 328 54.91 11.95 -10.21
CA ILE A 328 53.56 12.43 -9.99
C ILE A 328 53.21 12.33 -8.50
N ALA A 329 53.69 11.27 -7.86
CA ALA A 329 53.43 11.07 -6.43
C ALA A 329 54.17 12.14 -5.64
N ARG A 330 55.38 12.48 -6.08
CA ARG A 330 56.16 13.50 -5.39
C ARG A 330 55.48 14.86 -5.56
N MET A 331 54.91 15.07 -6.74
CA MET A 331 54.21 16.31 -7.03
C MET A 331 53.01 16.40 -6.09
N LEU A 332 52.31 15.29 -5.93
CA LEU A 332 51.15 15.26 -5.06
C LEU A 332 51.50 15.49 -3.60
N SER A 333 52.70 15.12 -3.19
CA SER A 333 53.10 15.27 -1.80
C SER A 333 53.01 16.71 -1.27
N ARG A 334 53.35 17.70 -2.09
CA ARG A 334 53.28 19.07 -1.61
C ARG A 334 51.84 19.55 -1.42
N HIS A 335 50.89 18.82 -1.99
CA HIS A 335 49.47 19.18 -1.87
C HIS A 335 48.77 18.28 -0.85
N HIS A 336 49.53 17.37 -0.24
CA HIS A 336 48.99 16.45 0.76
C HIS A 336 47.85 15.68 0.12
N ALA A 337 47.97 15.47 -1.18
CA ALA A 337 46.92 14.79 -1.93
C ALA A 337 47.10 13.28 -2.07
N ILE A 338 45.99 12.62 -2.38
CA ILE A 338 45.90 11.18 -2.57
C ILE A 338 46.08 10.84 -4.04
N LEU A 339 46.79 9.75 -4.32
CA LEU A 339 46.95 9.31 -5.69
C LEU A 339 45.96 8.16 -5.86
N ASN A 340 44.85 8.45 -6.53
CA ASN A 340 43.81 7.46 -6.78
C ASN A 340 44.17 6.72 -8.06
N PHE A 341 44.45 5.43 -7.95
CA PHE A 341 44.83 4.65 -9.11
C PHE A 341 43.69 3.69 -9.50
N THR A 342 44.01 2.69 -10.32
CA THR A 342 42.99 1.75 -10.77
C THR A 342 43.58 0.37 -11.07
N CYS A 343 42.84 -0.47 -11.78
CA CYS A 343 43.30 -1.82 -12.13
C CYS A 343 43.58 -2.68 -10.91
N LEU A 344 43.03 -2.30 -9.76
CA LEU A 344 43.25 -3.07 -8.54
C LEU A 344 42.67 -4.49 -8.63
N GLU A 345 41.70 -4.67 -9.52
CA GLU A 345 41.06 -5.98 -9.65
C GLU A 345 41.67 -6.85 -10.72
N MET A 346 42.56 -6.29 -11.54
CA MET A 346 43.13 -7.05 -12.63
C MET A 346 44.29 -7.96 -12.34
N ARG A 347 44.32 -9.08 -13.07
CA ARG A 347 45.39 -10.04 -12.99
C ARG A 347 45.92 -10.12 -14.41
N ASP A 348 47.24 -10.19 -14.54
CA ASP A 348 47.87 -10.26 -15.85
C ASP A 348 47.30 -11.36 -16.74
N SER A 349 47.02 -12.51 -16.14
CA SER A 349 46.50 -13.65 -16.89
C SER A 349 45.14 -13.41 -17.54
N GLU A 350 44.50 -12.28 -17.21
CA GLU A 350 43.18 -11.99 -17.78
C GLU A 350 43.25 -11.17 -19.06
N GLN A 351 44.46 -10.77 -19.47
CA GLN A 351 44.64 -9.97 -20.68
C GLN A 351 45.22 -10.80 -21.82
N PRO A 352 44.85 -10.48 -23.07
CA PRO A 352 45.39 -11.25 -24.20
C PRO A 352 46.90 -11.06 -24.26
N SER A 353 47.63 -12.10 -24.62
CA SER A 353 49.09 -12.01 -24.68
C SER A 353 49.59 -10.94 -25.64
N ASP A 354 48.88 -10.74 -26.75
CA ASP A 354 49.27 -9.77 -27.77
C ASP A 354 49.24 -8.33 -27.27
N ALA A 355 48.89 -8.14 -26.00
CA ALA A 355 48.81 -6.79 -25.45
C ALA A 355 49.95 -6.45 -24.51
N LYS A 356 50.80 -7.44 -24.21
CA LYS A 356 51.92 -7.22 -23.30
C LYS A 356 51.44 -6.42 -22.10
N SER A 357 50.30 -6.85 -21.55
CA SER A 357 49.66 -6.18 -20.44
C SER A 357 50.19 -6.63 -19.09
N GLY A 358 50.48 -5.65 -18.22
CA GLY A 358 50.98 -5.96 -16.90
C GLY A 358 50.33 -5.14 -15.79
N PRO A 359 48.99 -5.16 -15.71
CA PRO A 359 48.31 -4.37 -14.67
C PRO A 359 48.81 -4.65 -13.25
N GLN A 360 49.10 -5.91 -12.94
CA GLN A 360 49.59 -6.26 -11.62
C GLN A 360 50.89 -5.54 -11.31
N GLU A 361 51.83 -5.64 -12.23
CA GLU A 361 53.11 -4.98 -12.07
C GLU A 361 52.93 -3.45 -12.03
N LEU A 362 52.05 -2.93 -12.88
CA LEU A 362 51.78 -1.48 -12.93
C LEU A 362 51.31 -0.97 -11.58
N VAL A 363 50.31 -1.66 -11.01
CA VAL A 363 49.75 -1.29 -9.71
C VAL A 363 50.84 -1.29 -8.63
N GLN A 364 51.71 -2.29 -8.68
CA GLN A 364 52.79 -2.40 -7.71
C GLN A 364 53.77 -1.24 -7.83
N GLN A 365 54.12 -0.87 -9.06
CA GLN A 365 55.05 0.25 -9.25
C GLN A 365 54.44 1.54 -8.69
N VAL A 366 53.24 1.86 -9.15
CA VAL A 366 52.53 3.07 -8.73
C VAL A 366 52.30 3.15 -7.23
N LEU A 367 51.73 2.09 -6.65
CA LEU A 367 51.47 2.11 -5.22
C LEU A 367 52.77 2.24 -4.43
N SER A 368 53.77 1.47 -4.81
CA SER A 368 55.07 1.50 -4.14
C SER A 368 55.70 2.87 -4.25
N GLY A 369 55.60 3.46 -5.43
CA GLY A 369 56.16 4.78 -5.64
C GLY A 369 55.48 5.77 -4.71
N GLY A 370 54.16 5.68 -4.63
CA GLY A 370 53.41 6.58 -3.77
C GLY A 370 53.82 6.45 -2.33
N TRP A 371 53.84 5.21 -1.84
CA TRP A 371 54.24 4.96 -0.47
C TRP A 371 55.67 5.39 -0.24
N ARG A 372 56.48 5.35 -1.31
CA ARG A 372 57.89 5.76 -1.26
C ARG A 372 57.97 7.27 -1.04
N GLU A 373 57.01 8.00 -1.58
CA GLU A 373 56.94 9.44 -1.44
C GLU A 373 56.16 9.82 -0.19
N TYR A 374 55.74 8.80 0.55
CA TYR A 374 54.96 9.02 1.78
C TYR A 374 53.62 9.72 1.56
N ILE A 375 52.94 9.40 0.46
CA ILE A 375 51.64 9.98 0.20
C ILE A 375 50.58 8.89 0.33
N ARG A 376 49.32 9.29 0.38
CA ARG A 376 48.24 8.31 0.49
C ARG A 376 47.95 7.78 -0.91
N VAL A 377 47.69 6.48 -1.02
CA VAL A 377 47.38 5.90 -2.31
C VAL A 377 46.09 5.09 -2.23
N ALA A 378 45.08 5.51 -2.99
CA ALA A 378 43.80 4.82 -3.03
C ALA A 378 43.66 4.26 -4.43
N GLY A 379 42.55 3.59 -4.72
CA GLY A 379 42.37 3.04 -6.04
C GLY A 379 40.99 2.52 -6.36
N GLU A 380 40.80 2.17 -7.63
CA GLU A 380 39.52 1.66 -8.11
C GLU A 380 39.75 0.42 -8.97
N ASN A 381 38.66 -0.29 -9.26
CA ASN A 381 38.71 -1.44 -10.15
C ASN A 381 38.52 -0.80 -11.51
N ALA A 382 39.30 -1.22 -12.49
CA ALA A 382 39.20 -0.65 -13.83
C ALA A 382 37.90 -1.04 -14.55
N LEU A 383 37.57 -2.32 -14.53
CA LEU A 383 36.38 -2.80 -15.22
C LEU A 383 35.36 -3.41 -14.26
N PRO A 384 34.10 -3.47 -14.68
CA PRO A 384 33.02 -4.03 -13.86
C PRO A 384 33.29 -5.49 -13.52
N ARG A 385 33.29 -5.82 -12.24
CA ARG A 385 33.51 -7.19 -11.81
C ARG A 385 32.62 -7.47 -10.60
N TYR A 386 32.04 -8.66 -10.55
CA TYR A 386 31.15 -9.06 -9.46
C TYR A 386 31.60 -10.40 -8.88
N ASP A 387 32.68 -10.94 -9.44
CA ASP A 387 33.22 -12.23 -9.01
C ASP A 387 34.22 -12.15 -7.86
N ALA A 388 34.27 -13.23 -7.07
CA ALA A 388 35.16 -13.30 -5.92
C ALA A 388 36.62 -13.12 -6.31
N THR A 389 37.01 -13.67 -7.45
CA THR A 389 38.38 -13.56 -7.91
C THR A 389 38.79 -12.08 -8.03
N ALA A 390 37.91 -11.28 -8.62
CA ALA A 390 38.17 -9.85 -8.76
C ALA A 390 38.33 -9.18 -7.40
N TYR A 391 37.42 -9.46 -6.47
CA TYR A 391 37.49 -8.85 -5.14
C TYR A 391 38.75 -9.24 -4.37
N ASN A 392 39.16 -10.50 -4.47
CA ASN A 392 40.35 -10.93 -3.77
C ASN A 392 41.58 -10.17 -4.27
N GLN A 393 41.62 -9.90 -5.56
CA GLN A 393 42.76 -9.17 -6.13
C GLN A 393 42.78 -7.75 -5.55
N ILE A 394 41.61 -7.13 -5.42
CA ILE A 394 41.51 -5.78 -4.88
C ILE A 394 41.98 -5.80 -3.43
N ILE A 395 41.45 -6.75 -2.67
CA ILE A 395 41.81 -6.88 -1.26
C ILE A 395 43.31 -7.10 -1.14
N LEU A 396 43.87 -7.89 -2.05
CA LEU A 396 45.31 -8.13 -2.04
C LEU A 396 46.02 -6.79 -2.18
N ASN A 397 45.63 -6.00 -3.20
CA ASN A 397 46.24 -4.71 -3.42
C ASN A 397 45.95 -3.70 -2.30
N ALA A 398 44.82 -3.88 -1.62
CA ALA A 398 44.45 -2.99 -0.52
C ALA A 398 45.43 -3.11 0.64
N ARG A 399 45.95 -4.31 0.85
CA ARG A 399 46.94 -4.60 1.89
C ARG A 399 47.88 -5.64 1.28
N PRO A 400 48.81 -5.19 0.43
CA PRO A 400 49.80 -6.04 -0.25
C PRO A 400 50.50 -7.07 0.62
N GLN A 401 50.73 -6.73 1.88
CA GLN A 401 51.42 -7.66 2.76
C GLN A 401 50.47 -8.20 3.83
N GLY A 402 49.17 -8.15 3.54
CA GLY A 402 48.17 -8.65 4.45
C GLY A 402 47.99 -7.89 5.75
N VAL A 403 47.13 -8.43 6.61
CA VAL A 403 46.84 -7.85 7.91
C VAL A 403 48.04 -7.99 8.83
N ASN A 404 48.18 -7.04 9.76
CA ASN A 404 49.25 -7.07 10.74
C ASN A 404 48.57 -7.28 12.09
N ASN A 405 48.95 -8.34 12.79
CA ASN A 405 48.35 -8.67 14.09
C ASN A 405 48.76 -7.73 15.21
N ASN A 406 49.82 -6.95 15.01
CA ASN A 406 50.26 -6.03 16.05
C ASN A 406 50.53 -4.64 15.51
N GLY A 407 49.45 -3.97 15.10
CA GLY A 407 49.60 -2.62 14.58
C GLY A 407 49.00 -2.49 13.19
N PRO A 408 48.98 -1.26 12.63
CA PRO A 408 48.42 -1.09 11.30
C PRO A 408 49.22 -1.90 10.30
N PRO A 409 48.62 -2.24 9.16
CA PRO A 409 49.33 -3.02 8.14
C PRO A 409 50.65 -2.39 7.72
N LYS A 410 51.59 -3.22 7.31
CA LYS A 410 52.90 -2.74 6.87
C LYS A 410 52.70 -1.82 5.68
N LEU A 411 51.87 -2.25 4.73
CA LEU A 411 51.54 -1.47 3.56
C LEU A 411 50.03 -1.49 3.48
N SER A 412 49.44 -0.37 3.09
CA SER A 412 48.00 -0.30 3.00
C SER A 412 47.50 0.88 2.21
N MET A 413 46.56 0.63 1.31
CA MET A 413 45.97 1.69 0.51
C MET A 413 45.09 2.53 1.42
N PHE A 414 44.94 3.80 1.09
CA PHE A 414 44.13 4.72 1.89
C PHE A 414 42.65 4.36 1.82
N GLY A 415 42.24 3.88 0.65
CA GLY A 415 40.86 3.48 0.45
C GLY A 415 40.64 2.92 -0.93
N VAL A 416 39.48 2.31 -1.16
CA VAL A 416 39.15 1.75 -2.45
C VAL A 416 37.77 2.19 -2.86
N THR A 417 37.66 2.68 -4.10
CA THR A 417 36.38 3.12 -4.61
C THR A 417 35.96 2.14 -5.69
N TYR A 418 34.84 1.47 -5.42
CA TYR A 418 34.31 0.46 -6.32
C TYR A 418 33.43 1.01 -7.42
N LEU A 419 33.69 0.55 -8.64
CA LEU A 419 32.92 0.94 -9.81
C LEU A 419 32.12 -0.31 -10.14
N ARG A 420 30.79 -0.24 -10.17
CA ARG A 420 30.02 0.98 -9.93
C ARG A 420 28.65 0.57 -9.36
N LEU A 421 27.96 1.49 -8.70
CA LEU A 421 26.63 1.18 -8.15
C LEU A 421 25.64 0.98 -9.29
N SER A 422 24.99 -0.18 -9.31
CA SER A 422 23.99 -0.50 -10.34
C SER A 422 23.02 -1.55 -9.83
N ASP A 423 22.04 -1.89 -10.66
CA ASP A 423 21.04 -2.90 -10.31
C ASP A 423 21.72 -4.24 -10.26
N ASP A 424 22.65 -4.45 -11.18
CA ASP A 424 23.41 -5.69 -11.23
C ASP A 424 24.08 -5.96 -9.89
N LEU A 425 24.74 -4.94 -9.34
CA LEU A 425 25.42 -5.08 -8.07
C LEU A 425 24.48 -5.46 -6.93
N LEU A 426 23.28 -4.89 -6.93
CA LEU A 426 22.31 -5.16 -5.87
C LEU A 426 21.58 -6.49 -6.01
N GLN A 427 21.81 -7.19 -7.10
CA GLN A 427 21.17 -8.49 -7.26
C GLN A 427 21.67 -9.40 -6.15
N LYS A 428 20.77 -10.22 -5.63
CA LYS A 428 21.06 -11.12 -4.53
C LYS A 428 22.46 -11.73 -4.49
N SER A 429 22.78 -12.56 -5.48
CA SER A 429 24.07 -13.25 -5.53
C SER A 429 25.25 -12.29 -5.62
N ASN A 430 25.19 -11.34 -6.55
CA ASN A 430 26.29 -10.40 -6.69
C ASN A 430 26.52 -9.61 -5.41
N PHE A 431 25.43 -9.08 -4.85
CA PHE A 431 25.53 -8.29 -3.64
C PHE A 431 26.06 -9.10 -2.46
N ASN A 432 25.68 -10.38 -2.42
CA ASN A 432 26.12 -11.28 -1.37
C ASN A 432 27.65 -11.32 -1.35
N ILE A 433 28.25 -11.47 -2.54
CA ILE A 433 29.69 -11.52 -2.64
C ILE A 433 30.26 -10.14 -2.30
N PHE A 434 29.62 -9.09 -2.81
CA PHE A 434 30.07 -7.73 -2.54
C PHE A 434 30.17 -7.50 -1.05
N LYS A 435 29.14 -7.92 -0.31
CA LYS A 435 29.15 -7.74 1.12
C LYS A 435 30.36 -8.39 1.78
N LYS A 436 30.76 -9.57 1.31
CA LYS A 436 31.92 -10.24 1.87
C LYS A 436 33.18 -9.43 1.54
N PHE A 437 33.20 -8.83 0.35
CA PHE A 437 34.33 -8.00 -0.09
C PHE A 437 34.50 -6.85 0.90
N VAL A 438 33.38 -6.23 1.28
CA VAL A 438 33.38 -5.12 2.21
C VAL A 438 33.88 -5.57 3.59
N LEU A 439 33.41 -6.74 4.02
CA LEU A 439 33.80 -7.27 5.31
C LEU A 439 35.32 -7.48 5.34
N LYS A 440 35.86 -8.10 4.29
CA LYS A 440 37.29 -8.35 4.23
C LYS A 440 38.12 -7.07 4.15
N MET A 441 37.65 -6.10 3.37
CA MET A 441 38.36 -4.83 3.26
C MET A 441 38.41 -4.23 4.65
N HIS A 442 37.35 -4.49 5.42
CA HIS A 442 37.24 -4.01 6.79
C HIS A 442 37.94 -4.92 7.81
N ALA A 443 38.77 -5.83 7.32
CA ALA A 443 39.51 -6.75 8.19
C ALA A 443 38.58 -7.52 9.14
N ASP A 444 37.48 -8.03 8.60
CA ASP A 444 36.49 -8.78 9.36
C ASP A 444 35.76 -7.96 10.41
N GLN A 445 35.97 -6.66 10.41
CA GLN A 445 35.32 -5.81 11.40
C GLN A 445 34.07 -5.19 10.78
N ASP A 446 33.12 -4.84 11.62
CA ASP A 446 31.87 -4.20 11.17
C ASP A 446 32.17 -2.76 10.80
N TYR A 447 31.24 -2.17 10.06
CA TYR A 447 31.38 -0.78 9.65
C TYR A 447 31.83 0.02 10.87
N CYS A 448 32.79 0.90 10.67
CA CYS A 448 33.30 1.72 11.76
C CYS A 448 33.08 3.19 11.41
N ALA A 449 32.30 3.89 12.21
CA ALA A 449 32.01 5.30 11.96
C ALA A 449 33.15 6.26 12.26
N ASN A 450 33.92 5.97 13.31
CA ASN A 450 35.04 6.83 13.69
C ASN A 450 36.34 6.49 12.98
N PRO A 451 36.79 7.36 12.05
CA PRO A 451 38.02 7.17 11.28
C PRO A 451 39.27 6.97 12.14
N GLN A 452 39.28 7.62 13.31
CA GLN A 452 40.43 7.49 14.20
C GLN A 452 40.78 6.03 14.45
N LYS A 453 39.77 5.18 14.49
CA LYS A 453 39.99 3.76 14.76
C LYS A 453 40.64 2.99 13.62
N TYR A 454 40.52 3.48 12.39
CA TYR A 454 41.19 2.79 11.29
C TYR A 454 42.30 3.67 10.71
N ASN A 455 43.02 4.30 11.62
CA ASN A 455 44.13 5.16 11.32
C ASN A 455 43.92 6.23 10.24
N HIS A 456 42.75 6.85 10.23
CA HIS A 456 42.49 7.90 9.26
C HIS A 456 42.32 9.23 9.99
N ALA A 457 43.41 9.99 10.06
CA ALA A 457 43.40 11.28 10.73
C ALA A 457 42.65 12.30 9.87
N ILE A 458 41.49 12.74 10.34
CA ILE A 458 40.70 13.72 9.61
C ILE A 458 41.00 15.09 10.23
N THR A 459 41.70 15.92 9.47
CA THR A 459 42.12 17.24 9.93
C THR A 459 41.97 18.31 8.86
N PRO A 460 42.13 19.60 9.24
CA PRO A 460 42.00 20.70 8.27
C PRO A 460 43.09 20.63 7.22
N LEU A 461 42.71 20.86 5.96
CA LEU A 461 43.65 20.86 4.85
C LEU A 461 44.64 22.00 5.02
N LYS A 462 45.93 21.67 4.98
CA LYS A 462 46.98 22.67 5.12
C LYS A 462 47.38 23.23 3.77
N PRO A 463 47.87 24.47 3.74
CA PRO A 463 48.27 25.03 2.46
C PRO A 463 49.36 24.17 1.82
N SER A 464 49.54 24.33 0.51
CA SER A 464 50.55 23.57 -0.21
C SER A 464 51.94 23.81 0.36
N ALA A 465 52.76 22.77 0.35
CA ALA A 465 54.13 22.90 0.85
C ALA A 465 54.91 23.67 -0.23
N PRO A 466 56.15 24.08 0.06
CA PRO A 466 56.92 24.83 -0.95
C PRO A 466 57.01 24.15 -2.32
N LYS A 467 57.08 24.96 -3.36
CA LYS A 467 57.20 24.48 -4.73
C LYS A 467 58.38 23.53 -4.86
N ILE A 468 58.20 22.45 -5.62
CA ILE A 468 59.28 21.50 -5.83
C ILE A 468 59.74 21.68 -7.29
N PRO A 469 60.99 22.11 -7.50
CA PRO A 469 61.49 22.30 -8.86
C PRO A 469 61.41 21.06 -9.74
N ILE A 470 61.14 21.28 -11.03
CA ILE A 470 61.01 20.19 -11.99
C ILE A 470 62.13 19.16 -11.89
N GLU A 471 63.38 19.61 -11.76
CA GLU A 471 64.47 18.66 -11.67
C GLU A 471 64.38 17.79 -10.42
N VAL A 472 63.81 18.33 -9.35
CA VAL A 472 63.67 17.56 -8.12
C VAL A 472 62.53 16.56 -8.27
N LEU A 473 61.50 16.96 -9.00
CA LEU A 473 60.38 16.05 -9.24
C LEU A 473 60.88 14.90 -10.10
N LEU A 474 61.66 15.23 -11.13
CA LEU A 474 62.18 14.20 -12.03
C LEU A 474 63.22 13.30 -11.38
N GLU A 475 63.73 13.70 -10.22
CA GLU A 475 64.71 12.87 -9.54
C GLU A 475 63.99 11.59 -9.11
N ALA A 476 62.66 11.66 -9.01
CA ALA A 476 61.87 10.52 -8.60
C ALA A 476 61.74 9.48 -9.72
N THR A 477 62.35 9.75 -10.87
CA THR A 477 62.28 8.80 -11.98
C THR A 477 63.27 7.68 -11.77
N LYS A 478 64.17 7.83 -10.80
CA LYS A 478 65.16 6.80 -10.53
C LYS A 478 64.45 5.49 -10.24
N PRO A 479 64.78 4.43 -11.00
CA PRO A 479 64.16 3.11 -10.82
C PRO A 479 64.34 2.58 -9.41
N THR A 480 63.29 1.98 -8.87
CA THR A 480 63.33 1.39 -7.54
C THR A 480 62.43 0.17 -7.54
N ARG A 481 62.93 -0.92 -6.97
CA ARG A 481 62.17 -2.16 -6.90
C ARG A 481 60.92 -1.91 -6.06
N PRO A 482 59.78 -2.43 -6.50
CA PRO A 482 58.54 -2.24 -5.74
C PRO A 482 58.61 -3.08 -4.47
N PHE A 483 57.78 -2.76 -3.50
CA PHE A 483 57.74 -3.52 -2.25
C PHE A 483 57.25 -4.92 -2.55
N PRO A 484 57.67 -5.90 -1.74
CA PRO A 484 57.22 -7.27 -1.98
C PRO A 484 55.70 -7.39 -1.76
N TRP A 485 55.04 -8.13 -2.64
CA TRP A 485 53.60 -8.35 -2.59
C TRP A 485 53.33 -9.79 -2.17
N LEU A 486 52.19 -10.03 -1.55
CA LEU A 486 51.81 -11.40 -1.20
C LEU A 486 51.34 -11.96 -2.54
N ASP A 487 51.36 -13.27 -2.70
CA ASP A 487 50.91 -13.89 -3.94
C ASP A 487 49.38 -13.97 -3.91
N GLU A 488 48.85 -14.21 -2.72
CA GLU A 488 47.41 -14.31 -2.52
C GLU A 488 47.15 -13.58 -1.21
N THR A 489 46.05 -12.86 -1.12
CA THR A 489 45.75 -12.13 0.10
C THR A 489 45.44 -13.10 1.24
N ASP A 490 45.46 -12.60 2.46
CA ASP A 490 45.17 -13.42 3.63
C ASP A 490 43.72 -13.22 4.04
N MET A 491 43.01 -12.37 3.30
CA MET A 491 41.61 -12.09 3.58
C MET A 491 40.69 -12.29 2.37
N LYS A 492 40.62 -13.51 1.87
CA LYS A 492 39.77 -13.82 0.71
C LYS A 492 38.31 -13.67 1.10
N VAL A 493 37.47 -13.31 0.13
CA VAL A 493 36.05 -13.14 0.41
C VAL A 493 35.46 -14.47 0.85
N ASP A 494 36.04 -15.56 0.35
CA ASP A 494 35.58 -16.89 0.72
C ASP A 494 36.46 -17.39 1.87
N GLY A 495 37.20 -18.48 1.62
CA GLY A 495 38.07 -19.05 2.63
C GLY A 495 39.39 -18.30 2.77
N ASN B 6 2.08 12.32 -3.25
CA ASN B 6 1.51 13.44 -2.45
C ASN B 6 2.10 13.39 -1.04
N MET B 7 2.49 14.55 -0.54
CA MET B 7 3.06 14.65 0.80
C MET B 7 2.06 14.21 1.86
N LEU B 8 0.77 14.39 1.57
CA LEU B 8 -0.28 13.99 2.50
C LEU B 8 -0.26 12.47 2.71
N LEU B 9 0.23 11.73 1.72
CA LEU B 9 0.33 10.28 1.85
C LEU B 9 1.47 9.92 2.78
N ASN B 10 2.32 10.90 3.07
CA ASN B 10 3.47 10.72 3.96
C ASN B 10 3.18 11.37 5.31
N TYR B 11 1.95 11.86 5.44
CA TYR B 11 1.49 12.54 6.64
C TYR B 11 1.25 11.51 7.75
N VAL B 12 1.92 11.69 8.88
CA VAL B 12 1.78 10.79 10.03
C VAL B 12 1.14 11.58 11.16
N PRO B 13 -0.09 11.21 11.56
CA PRO B 13 -0.82 11.91 12.64
C PRO B 13 -0.10 12.02 13.99
N VAL B 14 -0.23 13.17 14.63
CA VAL B 14 0.39 13.43 15.92
C VAL B 14 -0.66 13.60 17.03
N TYR B 15 -0.52 12.85 18.11
CA TYR B 15 -1.45 12.92 19.24
C TYR B 15 -0.69 13.41 20.48
N VAL B 16 -1.40 14.04 21.40
CA VAL B 16 -0.78 14.54 22.63
C VAL B 16 -1.45 13.97 23.88
N MET B 17 -0.66 13.40 24.77
CA MET B 17 -1.19 12.84 26.02
C MET B 17 -1.69 13.98 26.91
N LEU B 18 -2.89 13.84 27.44
CA LEU B 18 -3.46 14.85 28.32
C LEU B 18 -2.78 14.81 29.69
N PRO B 19 -2.92 15.89 30.47
CA PRO B 19 -2.30 15.93 31.81
C PRO B 19 -2.93 14.83 32.65
N LEU B 20 -2.16 14.27 33.57
CA LEU B 20 -2.67 13.24 34.45
C LEU B 20 -3.70 13.84 35.40
N GLY B 21 -4.78 13.10 35.64
CA GLY B 21 -5.80 13.59 36.54
C GLY B 21 -6.77 14.60 35.97
N VAL B 22 -6.83 14.74 34.63
CA VAL B 22 -7.77 15.68 34.03
C VAL B 22 -9.14 15.42 34.67
N VAL B 23 -9.43 14.14 34.90
CA VAL B 23 -10.64 13.75 35.62
C VAL B 23 -10.00 13.25 36.92
N ASN B 24 -10.27 13.90 38.04
CA ASN B 24 -9.63 13.51 39.30
C ASN B 24 -10.06 12.19 39.95
N VAL B 25 -9.44 11.89 41.09
CA VAL B 25 -9.71 10.65 41.82
C VAL B 25 -11.15 10.55 42.27
N ASP B 26 -11.83 11.69 42.37
CA ASP B 26 -13.23 11.69 42.79
C ASP B 26 -14.18 11.69 41.59
N ASN B 27 -13.64 11.36 40.43
CA ASN B 27 -14.41 11.32 39.20
C ASN B 27 -15.10 12.64 38.89
N VAL B 28 -14.31 13.71 38.88
CA VAL B 28 -14.82 15.02 38.56
C VAL B 28 -13.89 15.67 37.52
N PHE B 29 -14.49 16.21 36.46
CA PHE B 29 -13.73 16.89 35.41
C PHE B 29 -13.54 18.28 35.96
N GLU B 30 -12.51 18.43 36.78
CA GLU B 30 -12.20 19.67 37.47
C GLU B 30 -11.99 20.97 36.70
N ASP B 31 -11.00 20.99 35.82
CA ASP B 31 -10.70 22.23 35.13
C ASP B 31 -10.95 22.22 33.63
N PRO B 32 -12.23 22.27 33.23
CA PRO B 32 -12.60 22.27 31.80
C PRO B 32 -12.06 23.50 31.09
N ASP B 33 -12.20 24.65 31.73
CA ASP B 33 -11.74 25.90 31.15
C ASP B 33 -10.23 25.92 30.89
N GLY B 34 -9.46 25.48 31.89
CA GLY B 34 -8.02 25.45 31.73
C GLY B 34 -7.59 24.48 30.63
N LEU B 35 -8.22 23.30 30.60
CA LEU B 35 -7.90 22.28 29.61
C LEU B 35 -8.29 22.74 28.20
N LYS B 36 -9.48 23.33 28.07
CA LYS B 36 -9.95 23.80 26.79
C LYS B 36 -8.97 24.83 26.21
N GLU B 37 -8.42 25.66 27.08
CA GLU B 37 -7.47 26.66 26.66
C GLU B 37 -6.27 25.95 26.01
N GLN B 38 -5.74 24.95 26.72
CA GLN B 38 -4.60 24.19 26.22
C GLN B 38 -4.93 23.42 24.95
N LEU B 39 -6.14 22.87 24.87
CA LEU B 39 -6.55 22.10 23.72
C LEU B 39 -6.70 22.94 22.45
N LEU B 40 -7.19 24.17 22.58
CA LEU B 40 -7.33 25.05 21.43
C LEU B 40 -5.96 25.36 20.84
N GLN B 41 -4.95 25.50 21.70
CA GLN B 41 -3.59 25.77 21.23
C GLN B 41 -3.06 24.57 20.46
N LEU B 42 -3.25 23.37 21.00
CA LEU B 42 -2.80 22.16 20.32
C LEU B 42 -3.44 22.14 18.96
N ARG B 43 -4.77 22.27 18.97
CA ARG B 43 -5.58 22.29 17.77
C ARG B 43 -4.97 23.26 16.76
N ALA B 44 -4.75 24.49 17.20
CA ALA B 44 -4.19 25.53 16.36
C ALA B 44 -2.78 25.17 15.86
N ALA B 45 -2.07 24.35 16.63
CA ALA B 45 -0.73 23.94 16.23
C ALA B 45 -0.81 22.82 15.20
N GLY B 46 -2.02 22.31 14.98
CA GLY B 46 -2.21 21.24 14.01
C GLY B 46 -2.26 19.84 14.57
N VAL B 47 -2.21 19.70 15.89
CA VAL B 47 -2.26 18.37 16.48
C VAL B 47 -3.55 17.65 16.07
N ASP B 48 -3.44 16.38 15.71
CA ASP B 48 -4.59 15.61 15.27
C ASP B 48 -5.54 15.21 16.40
N GLY B 49 -4.99 14.70 17.51
CA GLY B 49 -5.83 14.29 18.62
C GLY B 49 -5.07 14.21 19.93
N VAL B 50 -5.72 13.65 20.95
CA VAL B 50 -5.11 13.51 22.27
C VAL B 50 -5.29 12.07 22.79
N MET B 51 -4.62 11.76 23.88
CA MET B 51 -4.69 10.45 24.50
C MET B 51 -4.99 10.66 25.97
N VAL B 52 -5.85 9.81 26.54
CA VAL B 52 -6.17 9.95 27.94
C VAL B 52 -6.38 8.61 28.63
N ASP B 53 -5.96 8.52 29.88
CA ASP B 53 -6.14 7.32 30.65
C ASP B 53 -7.58 7.33 31.17
N VAL B 54 -8.26 6.21 31.04
CA VAL B 54 -9.63 6.09 31.54
C VAL B 54 -9.46 5.18 32.75
N TRP B 55 -8.99 5.78 33.83
CA TRP B 55 -8.70 5.08 35.07
C TRP B 55 -9.78 4.20 35.66
N TRP B 56 -9.47 2.92 35.73
CA TRP B 56 -10.37 1.93 36.27
C TRP B 56 -10.66 2.34 37.71
N GLY B 57 -9.62 2.82 38.39
CA GLY B 57 -9.73 3.25 39.78
C GLY B 57 -10.69 4.42 39.98
N ILE B 58 -11.02 5.11 38.90
CA ILE B 58 -11.95 6.22 38.99
C ILE B 58 -13.36 5.73 38.65
N ILE B 59 -13.48 5.15 37.46
CA ILE B 59 -14.77 4.66 36.96
C ILE B 59 -15.55 3.66 37.81
N GLU B 60 -14.91 2.57 38.20
CA GLU B 60 -15.57 1.54 38.99
C GLU B 60 -15.20 1.59 40.47
N LEU B 61 -15.01 2.79 41.01
CA LEU B 61 -14.64 2.94 42.40
C LEU B 61 -15.71 2.54 43.41
N LYS B 62 -16.96 2.92 43.14
CA LYS B 62 -18.07 2.62 44.05
C LYS B 62 -18.23 1.13 44.35
N GLY B 63 -18.12 0.31 43.32
CA GLY B 63 -18.28 -1.12 43.53
C GLY B 63 -18.33 -1.88 42.23
N PRO B 64 -18.33 -3.22 42.31
CA PRO B 64 -18.37 -4.07 41.12
C PRO B 64 -19.54 -3.71 40.20
N LYS B 65 -19.22 -3.41 38.94
CA LYS B 65 -20.21 -3.06 37.93
C LYS B 65 -20.92 -1.74 38.20
N GLN B 66 -20.35 -0.93 39.07
CA GLN B 66 -20.92 0.37 39.36
C GLN B 66 -20.05 1.38 38.63
N TYR B 67 -20.37 1.61 37.36
CA TYR B 67 -19.61 2.53 36.53
C TYR B 67 -20.22 3.92 36.52
N ASP B 68 -19.36 4.93 36.61
CA ASP B 68 -19.78 6.33 36.59
C ASP B 68 -18.94 7.01 35.51
N TRP B 69 -19.54 7.16 34.33
CA TRP B 69 -18.88 7.75 33.18
C TRP B 69 -19.12 9.23 32.98
N ARG B 70 -19.97 9.82 33.81
CA ARG B 70 -20.31 11.24 33.69
C ARG B 70 -19.14 12.20 33.45
N ALA B 71 -18.17 12.20 34.34
CA ALA B 71 -17.03 13.11 34.21
C ALA B 71 -16.27 12.87 32.90
N TYR B 72 -16.00 11.61 32.58
CA TYR B 72 -15.28 11.30 31.35
C TYR B 72 -16.05 11.69 30.11
N ARG B 73 -17.37 11.56 30.14
CA ARG B 73 -18.18 11.95 29.01
C ARG B 73 -18.06 13.46 28.81
N SER B 74 -17.99 14.21 29.91
CA SER B 74 -17.84 15.66 29.81
C SER B 74 -16.49 15.95 29.19
N LEU B 75 -15.48 15.18 29.60
CA LEU B 75 -14.14 15.34 29.04
C LEU B 75 -14.17 15.16 27.52
N LEU B 76 -14.61 13.98 27.07
CA LEU B 76 -14.66 13.72 25.64
C LEU B 76 -15.51 14.74 24.86
N GLN B 77 -16.56 15.25 25.50
CA GLN B 77 -17.42 16.24 24.85
C GLN B 77 -16.58 17.48 24.53
N LEU B 78 -15.73 17.86 25.48
CA LEU B 78 -14.87 19.02 25.30
C LEU B 78 -13.87 18.78 24.19
N VAL B 79 -13.29 17.58 24.19
CA VAL B 79 -12.31 17.23 23.18
C VAL B 79 -12.94 17.34 21.79
N GLN B 80 -14.16 16.82 21.66
CA GLN B 80 -14.86 16.86 20.38
C GLN B 80 -15.14 18.31 19.95
N GLU B 81 -15.54 19.14 20.92
CA GLU B 81 -15.82 20.54 20.62
C GLU B 81 -14.58 21.27 20.15
N CYS B 82 -13.41 20.77 20.54
CA CYS B 82 -12.16 21.40 20.14
C CYS B 82 -11.67 20.88 18.79
N GLY B 83 -12.41 19.93 18.22
CA GLY B 83 -12.03 19.40 16.93
C GLY B 83 -10.85 18.46 16.95
N LEU B 84 -10.65 17.78 18.07
CA LEU B 84 -9.57 16.81 18.23
C LEU B 84 -10.12 15.39 18.36
N THR B 85 -9.37 14.40 17.90
CA THR B 85 -9.80 13.01 18.04
C THR B 85 -9.26 12.51 19.38
N LEU B 86 -9.63 11.29 19.77
CA LEU B 86 -9.18 10.81 21.07
C LEU B 86 -8.78 9.34 21.10
N GLN B 87 -7.66 9.09 21.79
CA GLN B 87 -7.15 7.75 21.98
C GLN B 87 -7.50 7.45 23.44
N ALA B 88 -8.37 6.47 23.65
CA ALA B 88 -8.80 6.12 24.99
C ALA B 88 -8.10 4.88 25.51
N ILE B 89 -7.41 5.02 26.63
CA ILE B 89 -6.70 3.90 27.25
C ILE B 89 -7.58 3.28 28.34
N MET B 90 -7.82 1.98 28.24
CA MET B 90 -8.59 1.26 29.26
C MET B 90 -7.53 0.99 30.33
N SER B 91 -7.34 1.96 31.21
CA SER B 91 -6.35 1.88 32.26
C SER B 91 -6.73 1.03 33.47
N PHE B 92 -6.42 -0.26 33.43
CA PHE B 92 -6.73 -1.17 34.52
C PHE B 92 -5.56 -1.29 35.48
N HIS B 93 -4.88 -0.17 35.73
CA HIS B 93 -3.73 -0.19 36.64
C HIS B 93 -3.69 1.07 37.48
N GLN B 94 -2.79 1.07 38.45
CA GLN B 94 -2.62 2.20 39.36
C GLN B 94 -1.90 3.37 38.70
N CYS B 95 -2.29 4.58 39.10
CA CYS B 95 -1.67 5.79 38.62
C CYS B 95 -0.87 6.33 39.80
N GLY B 96 0.37 6.73 39.56
CA GLY B 96 1.20 7.25 40.62
C GLY B 96 1.58 6.16 41.62
N GLY B 97 1.62 6.52 42.90
CA GLY B 97 1.96 5.55 43.93
C GLY B 97 3.32 5.77 44.56
N ASN B 98 4.23 6.42 43.84
CA ASN B 98 5.57 6.67 44.37
C ASN B 98 5.65 8.02 45.06
N VAL B 99 6.58 8.13 46.01
CA VAL B 99 6.77 9.39 46.74
C VAL B 99 7.00 10.52 45.74
N GLY B 100 6.22 11.59 45.87
CA GLY B 100 6.38 12.71 44.95
C GLY B 100 5.31 12.79 43.88
N ASP B 101 4.74 11.64 43.49
CA ASP B 101 3.70 11.61 42.47
C ASP B 101 2.53 12.50 42.89
N ILE B 102 2.22 13.49 42.07
CA ILE B 102 1.13 14.40 42.38
C ILE B 102 -0.24 13.71 42.32
N VAL B 103 -0.50 13.02 41.22
CA VAL B 103 -1.75 12.33 41.01
C VAL B 103 -1.65 10.83 41.28
N ASN B 104 -2.39 10.38 42.28
CA ASN B 104 -2.41 8.98 42.66
C ASN B 104 -3.82 8.43 42.50
N ILE B 105 -3.95 7.37 41.70
CA ILE B 105 -5.23 6.73 41.48
C ILE B 105 -5.07 5.23 41.62
N PRO B 106 -5.26 4.70 42.83
CA PRO B 106 -5.10 3.25 43.01
C PRO B 106 -6.24 2.54 42.27
N ILE B 107 -6.10 1.23 42.05
CA ILE B 107 -7.15 0.50 41.38
C ILE B 107 -8.34 0.50 42.36
N PRO B 108 -9.53 0.11 41.89
CA PRO B 108 -10.72 0.09 42.76
C PRO B 108 -10.46 -0.43 44.17
N GLN B 109 -10.86 0.36 45.16
CA GLN B 109 -10.68 -0.01 46.56
C GLN B 109 -11.34 -1.34 46.87
N TRP B 110 -12.46 -1.62 46.21
CA TRP B 110 -13.14 -2.88 46.47
C TRP B 110 -12.30 -4.08 46.00
N VAL B 111 -11.40 -3.84 45.05
CA VAL B 111 -10.53 -4.89 44.57
C VAL B 111 -9.40 -5.06 45.57
N LEU B 112 -8.89 -3.94 46.08
CA LEU B 112 -7.81 -3.96 47.06
C LEU B 112 -8.27 -4.66 48.34
N ASP B 113 -9.54 -4.49 48.69
CA ASP B 113 -10.07 -5.14 49.89
C ASP B 113 -9.99 -6.65 49.73
N ILE B 114 -10.26 -7.13 48.52
CA ILE B 114 -10.18 -8.55 48.24
C ILE B 114 -8.70 -8.92 48.45
N GLY B 115 -7.83 -8.00 48.06
CA GLY B 115 -6.40 -8.23 48.21
C GLY B 115 -5.97 -8.34 49.65
N GLU B 116 -6.68 -7.68 50.55
CA GLU B 116 -6.35 -7.72 51.96
C GLU B 116 -6.43 -9.14 52.50
N SER B 117 -7.36 -9.92 51.97
CA SER B 117 -7.54 -11.30 52.43
C SER B 117 -6.90 -12.29 51.47
N ASN B 118 -6.52 -11.81 50.30
CA ASN B 118 -5.88 -12.67 49.30
C ASN B 118 -4.75 -11.90 48.62
N HIS B 119 -3.62 -11.81 49.30
CA HIS B 119 -2.46 -11.10 48.80
C HIS B 119 -1.96 -11.60 47.44
N ASP B 120 -2.28 -12.84 47.09
CA ASP B 120 -1.83 -13.43 45.82
C ASP B 120 -2.52 -12.91 44.56
N ILE B 121 -3.34 -11.87 44.67
CA ILE B 121 -3.99 -11.34 43.48
C ILE B 121 -3.03 -10.34 42.83
N PHE B 122 -1.93 -10.08 43.52
CA PHE B 122 -0.93 -9.12 43.04
C PHE B 122 0.35 -9.79 42.58
N TYR B 123 1.03 -9.16 41.63
CA TYR B 123 2.30 -9.66 41.15
C TYR B 123 3.20 -9.68 42.36
N THR B 124 3.85 -10.81 42.60
CA THR B 124 4.71 -10.97 43.76
C THR B 124 6.12 -11.34 43.33
N ASN B 125 7.12 -10.73 43.98
CA ASN B 125 8.51 -11.02 43.66
C ASN B 125 9.02 -12.15 44.56
N ARG B 126 10.27 -12.53 44.33
CA ARG B 126 10.90 -13.61 45.08
C ARG B 126 10.85 -13.43 46.59
N SER B 127 11.01 -12.20 47.05
CA SER B 127 11.00 -11.89 48.47
C SER B 127 9.60 -11.91 49.08
N GLY B 128 8.59 -11.88 48.22
CA GLY B 128 7.22 -11.89 48.71
C GLY B 128 6.53 -10.53 48.74
N THR B 129 7.21 -9.47 48.29
CA THR B 129 6.60 -8.15 48.28
C THR B 129 5.45 -8.14 47.26
N ARG B 130 4.35 -7.52 47.64
CA ARG B 130 3.17 -7.46 46.77
C ARG B 130 3.05 -6.10 46.09
N ASN B 131 2.90 -6.13 44.77
CA ASN B 131 2.74 -4.91 43.99
C ASN B 131 1.24 -4.76 43.75
N LYS B 132 0.65 -3.70 44.29
CA LYS B 132 -0.79 -3.48 44.16
C LYS B 132 -1.22 -2.64 42.95
N GLU B 133 -0.32 -2.38 42.01
CA GLU B 133 -0.70 -1.56 40.87
C GLU B 133 -1.47 -2.29 39.79
N TYR B 134 -1.53 -3.61 39.86
CA TYR B 134 -2.22 -4.39 38.83
C TYR B 134 -2.50 -5.83 39.29
N LEU B 135 -3.52 -6.45 38.72
CA LEU B 135 -3.88 -7.82 39.07
C LEU B 135 -3.03 -8.78 38.26
N THR B 136 -2.38 -9.72 38.94
CA THR B 136 -1.52 -10.68 38.26
C THR B 136 -2.20 -11.48 37.16
N VAL B 137 -1.42 -11.87 36.16
CA VAL B 137 -1.91 -12.69 35.05
C VAL B 137 -2.51 -13.92 35.72
N GLY B 138 -1.91 -14.29 36.85
CA GLY B 138 -2.34 -15.46 37.60
C GLY B 138 -3.82 -15.57 37.85
N VAL B 139 -4.50 -14.44 38.01
CA VAL B 139 -5.93 -14.45 38.28
C VAL B 139 -6.78 -13.98 37.10
N ASP B 140 -6.23 -14.03 35.89
CA ASP B 140 -6.97 -13.63 34.71
C ASP B 140 -8.27 -14.43 34.58
N ASN B 141 -8.19 -15.73 34.85
CA ASN B 141 -9.36 -16.59 34.75
C ASN B 141 -9.79 -17.18 36.10
N GLU B 142 -9.48 -16.49 37.19
CA GLU B 142 -9.88 -16.95 38.52
C GLU B 142 -11.07 -16.10 38.95
N PRO B 143 -12.23 -16.74 39.18
CA PRO B 143 -13.45 -16.04 39.59
C PRO B 143 -13.47 -15.70 41.06
N ILE B 144 -12.47 -14.93 41.51
CA ILE B 144 -12.35 -14.55 42.91
C ILE B 144 -12.65 -13.09 43.22
N PHE B 145 -13.20 -12.37 42.25
CA PHE B 145 -13.53 -10.97 42.46
C PHE B 145 -15.05 -10.84 42.46
N HIS B 146 -15.64 -11.20 43.60
CA HIS B 146 -17.08 -11.19 43.77
C HIS B 146 -17.74 -11.93 42.61
N GLY B 147 -17.19 -13.10 42.30
CA GLY B 147 -17.73 -13.93 41.24
C GLY B 147 -17.05 -13.83 39.89
N ARG B 148 -16.52 -12.65 39.57
CA ARG B 148 -15.88 -12.46 38.28
C ARG B 148 -14.38 -12.72 38.29
N THR B 149 -13.86 -13.02 37.11
CA THR B 149 -12.43 -13.26 36.94
C THR B 149 -11.87 -11.89 36.57
N ALA B 150 -10.54 -11.76 36.55
CA ALA B 150 -9.93 -10.48 36.20
C ALA B 150 -10.29 -10.07 34.77
N ILE B 151 -10.31 -11.04 33.86
CA ILE B 151 -10.65 -10.75 32.48
C ILE B 151 -12.09 -10.29 32.34
N GLU B 152 -13.01 -10.95 33.05
CA GLU B 152 -14.42 -10.55 32.99
C GLU B 152 -14.54 -9.10 33.46
N ILE B 153 -13.72 -8.71 34.44
CA ILE B 153 -13.75 -7.34 34.92
C ILE B 153 -13.36 -6.40 33.77
N TYR B 154 -12.20 -6.66 33.17
CA TYR B 154 -11.72 -5.85 32.06
C TYR B 154 -12.75 -5.85 30.94
N SER B 155 -13.36 -7.01 30.73
CA SER B 155 -14.36 -7.18 29.68
C SER B 155 -15.62 -6.35 29.93
N ASP B 156 -16.23 -6.50 31.10
CA ASP B 156 -17.44 -5.74 31.42
C ASP B 156 -17.15 -4.24 31.33
N TYR B 157 -15.97 -3.86 31.78
CA TYR B 157 -15.53 -2.48 31.77
C TYR B 157 -15.55 -1.91 30.35
N MET B 158 -14.93 -2.62 29.42
CA MET B 158 -14.90 -2.17 28.03
C MET B 158 -16.28 -2.16 27.38
N LYS B 159 -17.12 -3.12 27.75
CA LYS B 159 -18.46 -3.18 27.19
C LYS B 159 -19.28 -2.00 27.69
N SER B 160 -19.10 -1.64 28.95
CA SER B 160 -19.81 -0.51 29.55
C SER B 160 -19.33 0.77 28.89
N PHE B 161 -18.02 0.87 28.64
CA PHE B 161 -17.46 2.05 27.99
C PHE B 161 -18.06 2.19 26.59
N ARG B 162 -18.08 1.08 25.84
CA ARG B 162 -18.61 1.11 24.48
C ARG B 162 -20.07 1.52 24.47
N GLU B 163 -20.82 1.10 25.49
CA GLU B 163 -22.22 1.44 25.60
C GLU B 163 -22.40 2.91 26.00
N ASN B 164 -21.70 3.32 27.05
CA ASN B 164 -21.83 4.69 27.53
C ASN B 164 -21.19 5.78 26.69
N MET B 165 -20.34 5.41 25.75
CA MET B 165 -19.67 6.38 24.88
C MET B 165 -20.10 6.07 23.45
N SER B 166 -21.26 5.46 23.29
CA SER B 166 -21.76 5.10 21.96
C SER B 166 -21.85 6.29 21.04
N ASP B 167 -22.24 7.44 21.57
CA ASP B 167 -22.34 8.64 20.75
C ASP B 167 -20.96 9.09 20.28
N PHE B 168 -20.01 9.13 21.19
CA PHE B 168 -18.66 9.53 20.84
C PHE B 168 -18.02 8.56 19.84
N LEU B 169 -18.27 7.26 20.03
CA LEU B 169 -17.73 6.25 19.12
C LEU B 169 -18.38 6.38 17.75
N GLU B 170 -19.65 6.77 17.74
CA GLU B 170 -20.38 6.93 16.50
C GLU B 170 -19.95 8.15 15.70
N SER B 171 -19.75 9.27 16.39
CA SER B 171 -19.34 10.51 15.72
C SER B 171 -17.89 10.50 15.27
N GLY B 172 -17.14 9.44 15.57
CA GLY B 172 -15.76 9.38 15.16
C GLY B 172 -14.76 10.06 16.09
N LEU B 173 -15.23 10.48 17.27
CA LEU B 173 -14.33 11.13 18.24
C LEU B 173 -13.19 10.22 18.65
N ILE B 174 -13.54 9.01 19.08
CA ILE B 174 -12.57 8.02 19.52
C ILE B 174 -12.04 7.27 18.30
N ILE B 175 -10.74 7.37 18.06
CA ILE B 175 -10.14 6.69 16.92
C ILE B 175 -9.52 5.34 17.28
N ASP B 176 -9.16 5.15 18.54
CA ASP B 176 -8.60 3.87 18.95
C ASP B 176 -8.67 3.63 20.46
N ILE B 177 -8.80 2.36 20.81
CA ILE B 177 -8.90 1.94 22.20
C ILE B 177 -7.63 1.21 22.62
N GLU B 178 -6.84 1.83 23.48
CA GLU B 178 -5.63 1.17 23.95
C GLU B 178 -6.03 0.42 25.20
N VAL B 179 -5.85 -0.89 25.19
CA VAL B 179 -6.21 -1.74 26.31
C VAL B 179 -5.05 -1.92 27.28
N GLY B 180 -5.20 -1.42 28.50
CA GLY B 180 -4.14 -1.59 29.47
C GLY B 180 -3.98 -3.07 29.75
N LEU B 181 -2.74 -3.55 29.80
CA LEU B 181 -2.50 -4.98 30.05
C LEU B 181 -1.55 -5.30 31.20
N GLY B 182 -1.11 -4.26 31.92
CA GLY B 182 -0.21 -4.47 33.04
C GLY B 182 0.15 -3.17 33.75
N PRO B 183 1.26 -3.15 34.50
CA PRO B 183 1.68 -1.94 35.21
C PRO B 183 1.85 -0.83 34.20
N ALA B 184 1.50 0.40 34.60
CA ALA B 184 1.60 1.54 33.68
C ALA B 184 0.90 1.19 32.37
N GLY B 185 -0.11 0.33 32.45
CA GLY B 185 -0.86 -0.06 31.27
C GLY B 185 -0.11 -0.83 30.20
N GLU B 186 1.13 -1.22 30.50
CA GLU B 186 1.93 -1.95 29.53
C GLU B 186 1.84 -3.46 29.69
N LEU B 187 1.98 -4.17 28.56
CA LEU B 187 1.95 -5.63 28.56
C LEU B 187 3.31 -6.10 29.05
N ARG B 188 3.44 -6.23 30.37
CA ARG B 188 4.68 -6.65 30.99
C ARG B 188 4.49 -6.92 32.47
N TYR B 189 5.54 -7.41 33.13
CA TYR B 189 5.52 -7.67 34.55
C TYR B 189 6.12 -6.42 35.18
N PRO B 190 5.72 -6.08 36.41
CA PRO B 190 6.25 -4.90 37.11
C PRO B 190 7.63 -5.26 37.66
N SER B 191 8.57 -5.46 36.75
CA SER B 191 9.94 -5.87 37.11
C SER B 191 10.90 -4.80 37.62
N TYR B 192 10.56 -3.53 37.44
CA TYR B 192 11.44 -2.44 37.91
C TYR B 192 10.68 -1.37 38.65
N PRO B 193 10.00 -1.75 39.75
CA PRO B 193 9.21 -0.83 40.58
C PRO B 193 10.08 0.13 41.41
N GLN B 194 9.81 1.42 41.26
CA GLN B 194 10.54 2.43 42.02
C GLN B 194 10.21 2.25 43.51
N SER B 195 8.95 1.93 43.81
CA SER B 195 8.52 1.76 45.19
C SER B 195 9.25 0.64 45.91
N GLN B 196 9.92 -0.23 45.16
CA GLN B 196 10.65 -1.32 45.79
C GLN B 196 12.14 -1.08 45.77
N GLY B 197 12.54 0.14 45.42
CA GLY B 197 13.95 0.49 45.41
C GLY B 197 14.70 0.37 44.10
N TRP B 198 14.03 -0.03 43.03
CA TRP B 198 14.72 -0.16 41.75
C TRP B 198 15.24 1.18 41.26
N GLU B 199 16.41 1.14 40.63
CA GLU B 199 17.02 2.34 40.08
C GLU B 199 17.76 2.00 38.79
N PHE B 200 17.49 2.78 37.76
CA PHE B 200 18.14 2.59 36.46
C PHE B 200 19.64 2.46 36.71
N PRO B 201 20.31 1.50 36.04
CA PRO B 201 19.76 0.52 35.10
C PRO B 201 19.69 -0.89 35.69
N GLY B 202 19.09 -1.04 36.87
CA GLY B 202 18.98 -2.36 37.47
C GLY B 202 18.31 -3.37 36.57
N ILE B 203 18.75 -4.62 36.63
CA ILE B 203 18.18 -5.69 35.80
C ILE B 203 16.71 -5.97 36.14
N GLY B 204 16.28 -5.56 37.33
CA GLY B 204 14.90 -5.81 37.72
C GLY B 204 14.72 -7.21 38.27
N GLU B 205 13.49 -7.59 38.58
CA GLU B 205 13.23 -8.90 39.13
C GLU B 205 12.00 -9.56 38.53
N PHE B 206 12.03 -10.89 38.47
CA PHE B 206 10.92 -11.67 37.95
C PHE B 206 9.77 -11.50 38.93
N GLN B 207 8.55 -11.43 38.42
CA GLN B 207 7.36 -11.22 39.25
C GLN B 207 6.37 -12.37 39.08
N CYS B 208 6.85 -13.58 39.21
CA CYS B 208 6.02 -14.78 39.02
C CYS B 208 5.87 -15.61 40.28
N TYR B 209 5.93 -14.99 41.44
CA TYR B 209 5.85 -15.76 42.68
C TYR B 209 4.53 -15.79 43.44
N ASP B 210 3.47 -15.18 42.90
CA ASP B 210 2.19 -15.25 43.57
C ASP B 210 1.78 -16.73 43.47
N LYS B 211 0.94 -17.21 44.38
CA LYS B 211 0.55 -18.62 44.38
C LYS B 211 -0.08 -19.16 43.11
N TYR B 212 -0.85 -18.34 42.40
CA TYR B 212 -1.48 -18.80 41.17
C TYR B 212 -0.43 -19.11 40.11
N LEU B 213 0.47 -18.17 39.86
CA LEU B 213 1.51 -18.40 38.87
C LEU B 213 2.47 -19.50 39.33
N LYS B 214 2.66 -19.60 40.65
CA LYS B 214 3.55 -20.62 41.20
C LYS B 214 2.98 -22.02 40.94
N ALA B 215 1.67 -22.14 41.07
CA ALA B 215 0.98 -23.41 40.84
C ALA B 215 0.97 -23.68 39.34
N ASP B 216 0.77 -22.61 38.56
CA ASP B 216 0.75 -22.68 37.10
C ASP B 216 2.07 -23.28 36.61
N PHE B 217 3.17 -22.69 37.08
CA PHE B 217 4.52 -23.15 36.74
C PHE B 217 4.78 -24.58 37.19
N LYS B 218 4.35 -24.89 38.41
CA LYS B 218 4.54 -26.23 38.95
C LYS B 218 3.85 -27.25 38.04
N ALA B 219 2.64 -26.94 37.60
CA ALA B 219 1.89 -27.84 36.74
C ALA B 219 2.57 -27.94 35.37
N ALA B 220 3.20 -26.85 34.94
CA ALA B 220 3.88 -26.82 33.65
C ALA B 220 5.16 -27.65 33.67
N VAL B 221 5.98 -27.51 34.71
CA VAL B 221 7.22 -28.27 34.78
C VAL B 221 6.90 -29.73 34.97
N ALA B 222 5.78 -30.02 35.64
CA ALA B 222 5.37 -31.39 35.86
C ALA B 222 5.08 -32.04 34.51
N ARG B 223 4.39 -31.30 33.63
CA ARG B 223 4.06 -31.81 32.29
C ARG B 223 5.35 -32.07 31.52
N ALA B 224 6.33 -31.20 31.70
CA ALA B 224 7.61 -31.34 31.03
C ALA B 224 8.40 -32.49 31.61
N GLY B 225 7.86 -33.10 32.68
CA GLY B 225 8.55 -34.20 33.31
C GLY B 225 9.68 -33.73 34.21
N HIS B 226 9.58 -32.50 34.71
CA HIS B 226 10.61 -31.94 35.59
C HIS B 226 10.05 -31.33 36.86
N PRO B 227 9.55 -32.16 37.79
CA PRO B 227 9.01 -31.64 39.04
C PRO B 227 10.08 -31.01 39.94
N GLU B 228 11.35 -31.25 39.63
CA GLU B 228 12.44 -30.70 40.43
C GLU B 228 12.72 -29.24 40.08
N TRP B 229 12.09 -28.73 39.03
CA TRP B 229 12.30 -27.34 38.62
C TRP B 229 11.45 -26.34 39.40
N GLU B 230 12.10 -25.40 40.06
CA GLU B 230 11.41 -24.37 40.82
C GLU B 230 11.60 -23.04 40.11
N LEU B 231 10.80 -22.04 40.48
CA LEU B 231 10.95 -20.73 39.88
C LEU B 231 12.38 -20.26 40.18
N PRO B 232 12.91 -19.32 39.39
CA PRO B 232 14.26 -18.78 39.56
C PRO B 232 14.63 -18.44 41.01
N ASP B 233 15.80 -18.87 41.43
CA ASP B 233 16.25 -18.60 42.80
C ASP B 233 17.68 -18.05 42.82
N ASP B 234 18.16 -17.61 41.66
CA ASP B 234 19.51 -17.07 41.56
C ASP B 234 19.57 -15.91 40.57
N ALA B 235 18.47 -15.17 40.45
CA ALA B 235 18.42 -14.05 39.53
C ALA B 235 18.85 -12.73 40.17
N GLY B 236 19.05 -12.75 41.48
CA GLY B 236 19.48 -11.55 42.17
C GLY B 236 18.36 -10.61 42.55
N LYS B 237 18.66 -9.32 42.55
CA LYS B 237 17.67 -8.31 42.92
C LYS B 237 17.59 -7.16 41.93
N TYR B 238 16.57 -6.33 42.10
CA TYR B 238 16.30 -5.19 41.24
C TYR B 238 17.48 -4.41 40.68
N ASN B 239 18.41 -4.03 41.55
CA ASN B 239 19.55 -3.23 41.12
C ASN B 239 20.87 -3.93 40.78
N ASP B 240 20.84 -5.24 40.61
CA ASP B 240 22.05 -5.95 40.24
C ASP B 240 22.35 -5.74 38.76
N VAL B 241 23.53 -6.20 38.36
CA VAL B 241 23.94 -6.17 36.96
C VAL B 241 23.92 -7.66 36.60
N PRO B 242 23.70 -7.99 35.33
CA PRO B 242 23.65 -9.39 34.91
C PRO B 242 24.74 -10.34 35.39
N GLU B 243 25.99 -9.93 35.22
CA GLU B 243 27.11 -10.77 35.60
C GLU B 243 27.27 -11.00 37.09
N SER B 244 26.48 -10.30 37.91
CA SER B 244 26.59 -10.47 39.34
C SER B 244 25.56 -11.50 39.82
N THR B 245 24.82 -12.07 38.88
CA THR B 245 23.81 -13.06 39.23
C THR B 245 24.08 -14.39 38.52
N GLY B 246 23.61 -15.48 39.13
CA GLY B 246 23.81 -16.80 38.54
C GLY B 246 22.93 -17.05 37.33
N PHE B 247 21.76 -16.42 37.32
CA PHE B 247 20.81 -16.61 36.22
C PHE B 247 21.20 -15.89 34.94
N PHE B 248 21.63 -14.63 35.07
CA PHE B 248 21.97 -13.80 33.91
C PHE B 248 23.43 -13.71 33.51
N LYS B 249 24.34 -14.29 34.29
CA LYS B 249 25.75 -14.19 33.95
C LYS B 249 26.09 -15.13 32.80
N SER B 250 27.27 -14.94 32.22
CA SER B 250 27.73 -15.75 31.10
C SER B 250 27.57 -17.23 31.44
N ASN B 251 26.94 -17.96 30.53
CA ASN B 251 26.70 -19.38 30.70
C ASN B 251 25.92 -19.62 31.97
N GLY B 252 25.20 -18.60 32.40
CA GLY B 252 24.39 -18.69 33.60
C GLY B 252 23.18 -19.58 33.42
N THR B 253 22.26 -19.51 34.36
CA THR B 253 21.06 -20.32 34.31
C THR B 253 20.16 -20.02 33.11
N TYR B 254 20.11 -18.77 32.68
CA TYR B 254 19.22 -18.43 31.56
C TYR B 254 19.48 -19.22 30.27
N VAL B 255 20.67 -19.82 30.14
CA VAL B 255 20.96 -20.60 28.94
C VAL B 255 20.71 -22.08 29.13
N THR B 256 20.48 -22.51 30.37
CA THR B 256 20.23 -23.91 30.65
C THR B 256 18.83 -24.31 30.17
N GLU B 257 18.57 -25.61 30.08
CA GLU B 257 17.28 -26.13 29.63
C GLU B 257 16.19 -25.64 30.58
N LYS B 258 16.51 -25.63 31.87
CA LYS B 258 15.60 -25.18 32.91
C LYS B 258 15.33 -23.69 32.73
N GLY B 259 16.41 -22.93 32.55
CA GLY B 259 16.27 -21.50 32.37
C GLY B 259 15.42 -21.17 31.16
N LYS B 260 15.72 -21.81 30.03
CA LYS B 260 14.97 -21.56 28.80
C LYS B 260 13.52 -21.95 28.96
N PHE B 261 13.25 -23.02 29.70
CA PHE B 261 11.87 -23.43 29.90
C PHE B 261 11.09 -22.35 30.67
N PHE B 262 11.68 -21.88 31.76
CA PHE B 262 11.03 -20.85 32.57
C PHE B 262 10.75 -19.58 31.77
N LEU B 263 11.77 -19.08 31.09
CA LEU B 263 11.66 -17.87 30.29
C LEU B 263 10.55 -17.96 29.25
N THR B 264 10.44 -19.12 28.60
CA THR B 264 9.41 -19.34 27.60
C THR B 264 8.05 -19.30 28.30
N TRP B 265 7.95 -20.00 29.42
CA TRP B 265 6.72 -20.05 30.21
C TRP B 265 6.36 -18.64 30.66
N TYR B 266 7.35 -17.95 31.24
CA TYR B 266 7.20 -16.61 31.76
C TYR B 266 6.72 -15.63 30.69
N SER B 267 7.36 -15.64 29.52
CA SER B 267 6.97 -14.73 28.45
C SER B 267 5.67 -15.13 27.76
N ASN B 268 5.38 -16.43 27.72
CA ASN B 268 4.14 -16.90 27.10
C ASN B 268 2.92 -16.46 27.89
N LYS B 269 3.09 -16.24 29.19
CA LYS B 269 1.97 -15.81 30.03
C LYS B 269 1.44 -14.47 29.56
N LEU B 270 2.35 -13.59 29.16
CA LEU B 270 1.98 -12.26 28.68
C LEU B 270 1.29 -12.31 27.31
N LEU B 271 1.83 -13.13 26.40
CA LEU B 271 1.22 -13.24 25.07
C LEU B 271 -0.24 -13.68 25.18
N ASN B 272 -0.48 -14.71 25.99
CA ASN B 272 -1.83 -15.20 26.17
C ASN B 272 -2.64 -14.17 26.95
N HIS B 273 -2.00 -13.56 27.94
CA HIS B 273 -2.64 -12.54 28.74
C HIS B 273 -3.18 -11.46 27.79
N GLY B 274 -2.34 -11.03 26.85
CA GLY B 274 -2.76 -10.02 25.90
C GLY B 274 -3.77 -10.54 24.89
N ASP B 275 -3.58 -11.77 24.43
CA ASP B 275 -4.46 -12.38 23.45
C ASP B 275 -5.87 -12.58 24.01
N GLN B 276 -5.96 -13.06 25.25
CA GLN B 276 -7.24 -13.31 25.88
C GLN B 276 -8.02 -12.04 26.16
N ILE B 277 -7.32 -11.01 26.63
CA ILE B 277 -7.96 -9.75 26.94
C ILE B 277 -8.34 -9.01 25.66
N LEU B 278 -7.53 -9.12 24.62
CA LEU B 278 -7.88 -8.47 23.36
C LEU B 278 -9.09 -9.17 22.76
N ASP B 279 -9.26 -10.45 23.10
CA ASP B 279 -10.41 -11.21 22.60
C ASP B 279 -11.68 -10.49 23.05
N GLU B 280 -11.67 -10.03 24.30
CA GLU B 280 -12.80 -9.32 24.87
C GLU B 280 -12.93 -7.93 24.28
N ALA B 281 -11.81 -7.33 23.89
CA ALA B 281 -11.84 -5.99 23.32
C ALA B 281 -12.51 -6.03 21.94
N ASN B 282 -12.18 -7.05 21.15
CA ASN B 282 -12.76 -7.17 19.82
C ASN B 282 -14.26 -7.43 19.91
N LYS B 283 -14.69 -8.11 20.96
CA LYS B 283 -16.10 -8.40 21.14
C LYS B 283 -16.81 -7.12 21.57
N ALA B 284 -16.25 -6.44 22.56
CA ALA B 284 -16.85 -5.23 23.08
C ALA B 284 -16.97 -4.11 22.04
N PHE B 285 -15.93 -3.92 21.24
CA PHE B 285 -15.93 -2.86 20.25
C PHE B 285 -16.24 -3.31 18.84
N LEU B 286 -16.87 -4.48 18.72
CA LEU B 286 -17.23 -5.02 17.41
C LEU B 286 -17.99 -3.98 16.60
N GLY B 287 -17.58 -3.79 15.36
CA GLY B 287 -18.26 -2.84 14.51
C GLY B 287 -17.92 -1.38 14.70
N CYS B 288 -17.33 -1.01 15.83
CA CYS B 288 -16.99 0.39 16.05
C CYS B 288 -15.87 0.79 15.10
N LYS B 289 -15.91 2.03 14.61
CA LYS B 289 -14.88 2.50 13.69
C LYS B 289 -13.65 2.99 14.43
N VAL B 290 -13.09 2.11 15.26
CA VAL B 290 -11.89 2.42 16.03
C VAL B 290 -10.91 1.28 15.81
N LYS B 291 -9.69 1.48 16.28
CA LYS B 291 -8.65 0.46 16.17
C LYS B 291 -8.30 0.09 17.61
N LEU B 292 -7.97 -1.17 17.83
CA LEU B 292 -7.55 -1.60 19.16
C LEU B 292 -6.06 -1.37 19.20
N ALA B 293 -5.50 -1.37 20.40
CA ALA B 293 -4.07 -1.17 20.56
C ALA B 293 -3.63 -1.59 21.95
N ILE B 294 -2.35 -1.90 22.09
CA ILE B 294 -1.77 -2.26 23.38
C ILE B 294 -0.49 -1.46 23.48
N LYS B 295 0.05 -1.36 24.69
CA LYS B 295 1.28 -0.63 24.91
C LYS B 295 2.39 -1.58 25.33
N VAL B 296 3.45 -1.61 24.53
CA VAL B 296 4.60 -2.46 24.82
C VAL B 296 5.68 -1.58 25.43
N SER B 297 6.17 -1.97 26.60
CA SER B 297 7.19 -1.19 27.28
C SER B 297 8.53 -1.22 26.57
N GLY B 298 9.28 -0.14 26.72
CA GLY B 298 10.59 -0.04 26.10
C GLY B 298 11.71 -0.27 27.10
N ILE B 299 12.14 -1.51 27.24
CA ILE B 299 13.21 -1.86 28.16
C ILE B 299 14.48 -1.85 27.31
N HIS B 300 15.16 -0.71 27.29
CA HIS B 300 16.37 -0.57 26.48
C HIS B 300 17.69 -0.87 27.18
N TRP B 301 17.70 -0.89 28.50
CA TRP B 301 18.95 -1.18 29.20
C TRP B 301 19.27 -2.67 29.19
N TRP B 302 20.54 -2.99 28.94
CA TRP B 302 21.04 -4.35 28.84
C TRP B 302 20.68 -4.97 27.49
N TYR B 303 20.09 -4.16 26.61
CA TYR B 303 19.72 -4.66 25.29
C TYR B 303 21.02 -4.98 24.55
N LYS B 304 22.08 -4.26 24.90
CA LYS B 304 23.37 -4.43 24.25
C LYS B 304 24.22 -5.61 24.71
N VAL B 305 23.73 -6.39 25.67
CA VAL B 305 24.48 -7.58 26.11
C VAL B 305 23.63 -8.83 25.89
N GLU B 306 24.31 -9.94 25.64
CA GLU B 306 23.64 -11.22 25.37
C GLU B 306 22.46 -11.59 26.26
N ASN B 307 22.55 -11.29 27.56
CA ASN B 307 21.47 -11.66 28.48
C ASN B 307 20.18 -10.86 28.41
N HIS B 308 20.23 -9.65 27.86
CA HIS B 308 19.02 -8.82 27.77
C HIS B 308 18.25 -8.96 29.09
N ALA B 309 19.00 -8.98 30.19
CA ALA B 309 18.42 -9.15 31.52
C ALA B 309 17.16 -8.36 31.82
N ALA B 310 17.22 -7.04 31.65
CA ALA B 310 16.08 -6.19 31.94
C ALA B 310 14.83 -6.57 31.13
N GLU B 311 15.02 -6.92 29.87
CA GLU B 311 13.88 -7.33 29.05
C GLU B 311 13.31 -8.65 29.56
N LEU B 312 14.20 -9.61 29.85
CA LEU B 312 13.75 -10.92 30.34
C LEU B 312 12.90 -10.85 31.61
N THR B 313 13.34 -10.06 32.60
CA THR B 313 12.59 -9.94 33.85
C THR B 313 11.31 -9.16 33.61
N ALA B 314 11.29 -8.36 32.57
CA ALA B 314 10.11 -7.57 32.21
C ALA B 314 9.06 -8.47 31.56
N GLY B 315 9.50 -9.58 30.99
CA GLY B 315 8.58 -10.50 30.34
C GLY B 315 8.78 -10.65 28.84
N TYR B 316 9.72 -9.89 28.29
CA TYR B 316 10.00 -9.99 26.86
C TYR B 316 11.21 -10.89 26.75
N TYR B 317 11.00 -12.10 26.23
CA TYR B 317 12.09 -13.06 26.08
C TYR B 317 12.82 -12.76 24.78
N ASN B 318 13.59 -11.67 24.80
CA ASN B 318 14.33 -11.23 23.63
C ASN B 318 15.84 -11.47 23.79
N LEU B 319 16.44 -12.13 22.81
CA LEU B 319 17.88 -12.40 22.83
C LEU B 319 18.44 -12.04 21.46
N ASN B 320 19.77 -11.99 21.34
CA ASN B 320 20.37 -11.64 20.07
C ASN B 320 19.88 -12.59 18.98
N ASP B 321 19.51 -13.82 19.35
CA ASP B 321 19.05 -14.80 18.38
C ASP B 321 17.62 -15.27 18.61
N ARG B 322 16.84 -14.49 19.35
CA ARG B 322 15.44 -14.84 19.62
C ARG B 322 14.64 -13.54 19.65
N ASP B 323 13.80 -13.34 18.64
CA ASP B 323 12.99 -12.14 18.58
C ASP B 323 11.83 -12.32 19.55
N GLY B 324 11.92 -11.66 20.70
CA GLY B 324 10.87 -11.78 21.69
C GLY B 324 9.75 -10.77 21.55
N TYR B 325 9.79 -9.97 20.48
CA TYR B 325 8.75 -8.97 20.26
C TYR B 325 7.83 -9.29 19.09
N ARG B 326 8.38 -9.84 18.00
CA ARG B 326 7.52 -10.16 16.88
C ARG B 326 6.37 -11.08 17.28
N PRO B 327 6.62 -12.03 18.21
CA PRO B 327 5.52 -12.91 18.60
C PRO B 327 4.35 -12.06 19.11
N ILE B 328 4.66 -10.95 19.76
CA ILE B 328 3.64 -10.05 20.28
C ILE B 328 2.93 -9.36 19.11
N ALA B 329 3.67 -9.01 18.08
CA ALA B 329 3.10 -8.37 16.92
C ALA B 329 2.18 -9.34 16.20
N ARG B 330 2.62 -10.58 16.05
CA ARG B 330 1.82 -11.60 15.39
C ARG B 330 0.53 -11.83 16.19
N MET B 331 0.64 -11.81 17.51
CA MET B 331 -0.52 -11.98 18.37
C MET B 331 -1.50 -10.83 18.09
N LEU B 332 -0.97 -9.62 17.94
CA LEU B 332 -1.81 -8.46 17.69
C LEU B 332 -2.49 -8.51 16.34
N SER B 333 -1.87 -9.19 15.37
CA SER B 333 -2.44 -9.24 14.03
C SER B 333 -3.87 -9.79 13.99
N ARG B 334 -4.15 -10.87 14.72
CA ARG B 334 -5.51 -11.42 14.69
C ARG B 334 -6.54 -10.48 15.27
N HIS B 335 -6.10 -9.50 16.06
CA HIS B 335 -7.03 -8.55 16.66
C HIS B 335 -7.04 -7.25 15.86
N HIS B 336 -6.28 -7.22 14.77
CA HIS B 336 -6.21 -6.04 13.91
C HIS B 336 -5.78 -4.85 14.76
N ALA B 337 -4.99 -5.14 15.79
CA ALA B 337 -4.54 -4.12 16.72
C ALA B 337 -3.22 -3.47 16.39
N ILE B 338 -3.02 -2.30 16.98
CA ILE B 338 -1.83 -1.48 16.83
C ILE B 338 -0.84 -1.80 17.95
N LEU B 339 0.45 -1.84 17.60
CA LEU B 339 1.47 -2.07 18.62
C LEU B 339 2.05 -0.69 18.90
N ASN B 340 1.65 -0.12 20.04
CA ASN B 340 2.11 1.20 20.47
C ASN B 340 3.40 1.00 21.25
N PHE B 341 4.50 1.52 20.70
CA PHE B 341 5.79 1.37 21.36
C PHE B 341 6.27 2.70 21.95
N THR B 342 7.55 2.80 22.28
CA THR B 342 8.08 4.01 22.88
C THR B 342 9.56 4.21 22.55
N CYS B 343 10.23 5.11 23.27
CA CYS B 343 11.66 5.38 23.07
C CYS B 343 11.95 6.01 21.70
N LEU B 344 10.91 6.52 21.05
CA LEU B 344 11.05 7.12 19.72
C LEU B 344 12.01 8.30 19.69
N GLU B 345 12.12 8.98 20.81
CA GLU B 345 12.97 10.16 20.91
C GLU B 345 14.40 9.86 21.34
N MET B 346 14.64 8.65 21.84
CA MET B 346 15.96 8.31 22.35
C MET B 346 17.08 7.93 21.40
N ARG B 347 18.29 8.29 21.79
CA ARG B 347 19.49 7.95 21.04
C ARG B 347 20.44 7.25 22.00
N ASP B 348 21.11 6.22 21.53
CA ASP B 348 22.02 5.44 22.35
C ASP B 348 23.05 6.31 23.06
N SER B 349 23.53 7.33 22.36
CA SER B 349 24.54 8.23 22.92
C SER B 349 24.06 8.97 24.16
N GLU B 350 22.76 9.02 24.38
CA GLU B 350 22.24 9.72 25.54
C GLU B 350 22.17 8.84 26.79
N GLN B 351 22.60 7.59 26.65
CA GLN B 351 22.57 6.65 27.76
C GLN B 351 23.97 6.36 28.31
N PRO B 352 24.08 6.19 29.64
CA PRO B 352 25.40 5.91 30.23
C PRO B 352 25.88 4.55 29.74
N SER B 353 27.16 4.46 29.39
CA SER B 353 27.71 3.21 28.88
C SER B 353 27.49 1.99 29.77
N ASP B 354 27.50 2.20 31.08
CA ASP B 354 27.34 1.09 32.02
C ASP B 354 25.94 0.50 32.05
N ALA B 355 25.06 1.00 31.18
CA ALA B 355 23.70 0.49 31.12
C ALA B 355 23.48 -0.35 29.87
N LYS B 356 24.50 -0.40 29.02
CA LYS B 356 24.45 -1.16 27.76
C LYS B 356 23.10 -0.94 27.07
N SER B 357 22.70 0.33 27.00
CA SER B 357 21.42 0.72 26.42
C SER B 357 21.42 0.84 24.90
N GLY B 358 20.37 0.27 24.28
CA GLY B 358 20.23 0.33 22.83
C GLY B 358 18.83 0.68 22.38
N PRO B 359 18.25 1.77 22.89
CA PRO B 359 16.90 2.19 22.52
C PRO B 359 16.68 2.29 21.01
N GLN B 360 17.70 2.79 20.30
CA GLN B 360 17.61 2.93 18.86
C GLN B 360 17.44 1.58 18.19
N GLU B 361 18.27 0.61 18.57
CA GLU B 361 18.20 -0.73 18.02
C GLU B 361 16.92 -1.42 18.46
N LEU B 362 16.48 -1.14 19.69
CA LEU B 362 15.26 -1.74 20.20
C LEU B 362 14.06 -1.29 19.37
N VAL B 363 14.04 0.00 19.04
CA VAL B 363 12.95 0.57 18.26
C VAL B 363 12.88 -0.07 16.87
N GLN B 364 14.03 -0.18 16.21
CA GLN B 364 14.08 -0.76 14.88
C GLN B 364 13.65 -2.22 14.90
N GLN B 365 13.96 -2.94 15.97
CA GLN B 365 13.57 -4.35 16.05
C GLN B 365 12.06 -4.49 16.18
N VAL B 366 11.47 -3.74 17.13
CA VAL B 366 10.04 -3.80 17.36
C VAL B 366 9.24 -3.30 16.16
N LEU B 367 9.63 -2.14 15.64
CA LEU B 367 8.93 -1.58 14.50
C LEU B 367 9.05 -2.49 13.27
N SER B 368 10.26 -2.99 13.01
CA SER B 368 10.47 -3.87 11.86
C SER B 368 9.69 -5.18 12.01
N GLY B 369 9.66 -5.69 13.23
CA GLY B 369 8.93 -6.91 13.50
C GLY B 369 7.45 -6.68 13.22
N GLY B 370 6.92 -5.57 13.72
CA GLY B 370 5.52 -5.27 13.50
C GLY B 370 5.18 -5.14 12.03
N TRP B 371 5.99 -4.38 11.30
CA TRP B 371 5.76 -4.21 9.88
C TRP B 371 5.88 -5.53 9.14
N ARG B 372 6.72 -6.43 9.63
CA ARG B 372 6.85 -7.73 8.97
C ARG B 372 5.61 -8.57 9.23
N GLU B 373 4.95 -8.31 10.34
CA GLU B 373 3.73 -9.03 10.69
C GLU B 373 2.54 -8.34 10.04
N TYR B 374 2.85 -7.27 9.30
CA TYR B 374 1.83 -6.48 8.62
C TYR B 374 0.79 -5.86 9.56
N ILE B 375 1.25 -5.39 10.71
CA ILE B 375 0.34 -4.73 11.65
C ILE B 375 0.74 -3.26 11.72
N ARG B 376 -0.13 -2.44 12.32
CA ARG B 376 0.16 -1.02 12.45
C ARG B 376 1.07 -0.84 13.66
N VAL B 377 2.04 0.06 13.55
CA VAL B 377 2.94 0.32 14.68
C VAL B 377 2.99 1.81 14.97
N ALA B 378 2.59 2.19 16.16
CA ALA B 378 2.61 3.58 16.58
C ALA B 378 3.61 3.67 17.74
N GLY B 379 3.81 4.86 18.29
CA GLY B 379 4.75 4.99 19.39
C GLY B 379 4.74 6.32 20.12
N GLU B 380 5.46 6.36 21.23
CA GLU B 380 5.54 7.55 22.06
C GLU B 380 6.99 7.82 22.43
N ASN B 381 7.25 9.03 22.92
CA ASN B 381 8.59 9.38 23.37
C ASN B 381 8.61 8.82 24.79
N ALA B 382 9.75 8.28 25.20
CA ALA B 382 9.84 7.71 26.55
C ALA B 382 9.85 8.78 27.63
N LEU B 383 10.79 9.70 27.53
CA LEU B 383 10.93 10.76 28.51
C LEU B 383 10.57 12.14 27.98
N PRO B 384 10.22 13.07 28.87
CA PRO B 384 9.86 14.43 28.46
C PRO B 384 11.02 15.03 27.68
N ARG B 385 10.74 15.57 26.50
CA ARG B 385 11.76 16.20 25.67
C ARG B 385 11.12 17.37 24.95
N TYR B 386 11.85 18.48 24.84
CA TYR B 386 11.34 19.67 24.19
C TYR B 386 12.30 20.19 23.11
N ASP B 387 13.46 19.54 23.00
CA ASP B 387 14.52 19.93 22.08
C ASP B 387 14.40 19.38 20.67
N ALA B 388 14.87 20.17 19.71
CA ALA B 388 14.85 19.80 18.30
C ALA B 388 15.41 18.41 18.03
N THR B 389 16.49 18.06 18.74
CA THR B 389 17.12 16.76 18.59
C THR B 389 16.17 15.59 18.87
N ALA B 390 15.43 15.68 19.97
CA ALA B 390 14.49 14.64 20.35
C ALA B 390 13.41 14.49 19.27
N TYR B 391 12.90 15.61 18.77
CA TYR B 391 11.86 15.59 17.75
C TYR B 391 12.36 15.01 16.43
N ASN B 392 13.60 15.31 16.08
CA ASN B 392 14.14 14.79 14.83
C ASN B 392 14.26 13.27 14.92
N GLN B 393 14.60 12.77 16.11
CA GLN B 393 14.72 11.32 16.29
C GLN B 393 13.35 10.67 16.13
N ILE B 394 12.31 11.30 16.67
CA ILE B 394 10.96 10.77 16.57
C ILE B 394 10.54 10.77 15.10
N ILE B 395 10.76 11.89 14.43
CA ILE B 395 10.41 12.03 13.03
C ILE B 395 11.14 10.96 12.22
N LEU B 396 12.40 10.71 12.59
CA LEU B 396 13.19 9.69 11.92
C LEU B 396 12.48 8.35 12.05
N ASN B 397 12.11 8.00 13.28
CA ASN B 397 11.43 6.74 13.54
C ASN B 397 10.04 6.71 12.92
N ALA B 398 9.42 7.88 12.79
CA ALA B 398 8.07 7.96 12.22
C ALA B 398 8.08 7.51 10.75
N ARG B 399 9.18 7.81 10.07
CA ARG B 399 9.35 7.43 8.65
C ARG B 399 10.83 7.08 8.51
N PRO B 400 11.21 5.86 8.95
CA PRO B 400 12.59 5.35 8.89
C PRO B 400 13.34 5.61 7.60
N GLN B 401 12.65 5.55 6.47
CA GLN B 401 13.30 5.79 5.18
C GLN B 401 12.84 7.08 4.54
N GLY B 402 12.50 8.06 5.37
CA GLY B 402 12.08 9.35 4.89
C GLY B 402 10.82 9.37 4.02
N VAL B 403 10.52 10.56 3.51
CA VAL B 403 9.34 10.77 2.67
C VAL B 403 9.56 10.11 1.31
N ASN B 404 8.46 9.70 0.70
CA ASN B 404 8.50 9.10 -0.63
C ASN B 404 7.80 10.09 -1.55
N ASN B 405 8.50 10.51 -2.61
CA ASN B 405 7.95 11.49 -3.54
C ASN B 405 6.88 10.94 -4.48
N ASN B 406 6.78 9.61 -4.57
CA ASN B 406 5.79 9.01 -5.45
C ASN B 406 5.01 7.92 -4.74
N GLY B 407 4.21 8.30 -3.76
CA GLY B 407 3.42 7.32 -3.04
C GLY B 407 3.65 7.38 -1.55
N PRO B 408 2.90 6.59 -0.75
CA PRO B 408 3.10 6.63 0.69
C PRO B 408 4.53 6.19 1.03
N PRO B 409 5.04 6.58 2.20
CA PRO B 409 6.40 6.19 2.58
C PRO B 409 6.61 4.68 2.54
N LYS B 410 7.85 4.28 2.26
CA LYS B 410 8.19 2.86 2.20
C LYS B 410 7.88 2.24 3.55
N LEU B 411 8.22 2.97 4.62
CA LEU B 411 7.97 2.55 6.00
C LEU B 411 7.44 3.76 6.74
N SER B 412 6.44 3.56 7.59
CA SER B 412 5.90 4.66 8.35
C SER B 412 5.09 4.16 9.53
N MET B 413 5.23 4.84 10.65
CA MET B 413 4.49 4.47 11.83
C MET B 413 3.06 4.94 11.63
N PHE B 414 2.12 4.24 12.26
CA PHE B 414 0.71 4.58 12.13
C PHE B 414 0.42 5.92 12.75
N GLY B 415 1.14 6.24 13.82
CA GLY B 415 0.96 7.52 14.50
C GLY B 415 1.93 7.67 15.65
N VAL B 416 2.04 8.88 16.18
CA VAL B 416 2.91 9.13 17.32
C VAL B 416 2.14 9.90 18.39
N THR B 417 2.24 9.42 19.63
CA THR B 417 1.58 10.08 20.74
C THR B 417 2.66 10.70 21.61
N TYR B 418 2.62 12.02 21.70
CA TYR B 418 3.60 12.79 22.45
C TYR B 418 3.25 12.92 23.93
N LEU B 419 4.25 12.65 24.76
CA LEU B 419 4.13 12.77 26.21
C LEU B 419 4.95 14.02 26.52
N ARG B 420 4.35 15.04 27.15
CA ARG B 420 2.95 15.05 27.57
C ARG B 420 2.47 16.51 27.58
N LEU B 421 1.16 16.72 27.53
CA LEU B 421 0.63 18.08 27.55
C LEU B 421 0.85 18.70 28.93
N SER B 422 1.57 19.81 28.98
CA SER B 422 1.84 20.49 30.24
C SER B 422 2.04 21.98 29.98
N ASP B 423 2.27 22.75 31.04
CA ASP B 423 2.49 24.18 30.91
C ASP B 423 3.80 24.38 30.17
N ASP B 424 4.80 23.60 30.55
CA ASP B 424 6.11 23.66 29.94
C ASP B 424 6.02 23.58 28.43
N LEU B 425 5.24 22.64 27.92
CA LEU B 425 5.08 22.48 26.47
C LEU B 425 4.51 23.72 25.81
N LEU B 426 3.54 24.35 26.46
CA LEU B 426 2.90 25.54 25.90
C LEU B 426 3.72 26.82 26.00
N GLN B 427 4.86 26.76 26.66
CA GLN B 427 5.70 27.95 26.78
C GLN B 427 6.15 28.31 25.37
N LYS B 428 6.22 29.61 25.11
CA LYS B 428 6.59 30.14 23.80
C LYS B 428 7.66 29.37 23.03
N SER B 429 8.88 29.33 23.55
CA SER B 429 9.98 28.66 22.87
C SER B 429 9.75 27.17 22.67
N ASN B 430 9.35 26.47 23.73
CA ASN B 430 9.12 25.03 23.60
C ASN B 430 8.03 24.74 22.58
N PHE B 431 6.93 25.46 22.69
CA PHE B 431 5.79 25.25 21.78
C PHE B 431 6.15 25.56 20.34
N ASN B 432 6.97 26.59 20.14
CA ASN B 432 7.39 26.96 18.81
C ASN B 432 8.06 25.77 18.12
N ILE B 433 8.92 25.06 18.87
CA ILE B 433 9.60 23.90 18.31
C ILE B 433 8.62 22.76 18.10
N PHE B 434 7.71 22.57 19.07
CA PHE B 434 6.70 21.51 18.96
C PHE B 434 5.93 21.69 17.65
N LYS B 435 5.54 22.91 17.36
CA LYS B 435 4.79 23.20 16.14
C LYS B 435 5.54 22.68 14.92
N LYS B 436 6.85 22.93 14.87
CA LYS B 436 7.67 22.48 13.76
C LYS B 436 7.65 20.96 13.72
N PHE B 437 7.68 20.33 14.90
CA PHE B 437 7.65 18.88 14.98
C PHE B 437 6.39 18.35 14.30
N VAL B 438 5.24 18.95 14.63
CA VAL B 438 3.97 18.54 14.04
C VAL B 438 3.99 18.76 12.53
N LEU B 439 4.50 19.91 12.11
CA LEU B 439 4.56 20.21 10.70
C LEU B 439 5.34 19.12 9.96
N LYS B 440 6.50 18.74 10.50
CA LYS B 440 7.33 17.70 9.88
C LYS B 440 6.68 16.32 9.89
N MET B 441 5.99 15.98 10.97
CA MET B 441 5.32 14.70 11.07
C MET B 441 4.25 14.68 9.99
N HIS B 442 3.74 15.87 9.67
CA HIS B 442 2.72 16.02 8.66
C HIS B 442 3.32 16.21 7.26
N ALA B 443 4.60 15.89 7.11
CA ALA B 443 5.29 16.03 5.82
C ALA B 443 5.11 17.43 5.26
N ASP B 444 5.33 18.44 6.10
CA ASP B 444 5.19 19.85 5.71
C ASP B 444 3.77 20.26 5.33
N GLN B 445 2.81 19.34 5.46
CA GLN B 445 1.44 19.67 5.11
C GLN B 445 0.70 20.21 6.32
N ASP B 446 -0.40 20.93 6.06
CA ASP B 446 -1.20 21.48 7.14
C ASP B 446 -2.11 20.40 7.72
N TYR B 447 -2.62 20.65 8.92
CA TYR B 447 -3.51 19.69 9.55
C TYR B 447 -4.49 19.20 8.50
N CYS B 448 -4.73 17.89 8.48
CA CYS B 448 -5.64 17.29 7.52
C CYS B 448 -6.74 16.56 8.25
N ALA B 449 -7.97 17.02 8.07
CA ALA B 449 -9.12 16.43 8.76
C ALA B 449 -9.53 15.06 8.22
N ASN B 450 -9.42 14.85 6.91
CA ASN B 450 -9.82 13.59 6.31
C ASN B 450 -8.70 12.55 6.29
N PRO B 451 -8.83 11.49 7.11
CA PRO B 451 -7.83 10.42 7.20
C PRO B 451 -7.52 9.74 5.87
N GLN B 452 -8.52 9.66 5.00
CA GLN B 452 -8.33 9.02 3.70
C GLN B 452 -7.13 9.61 2.98
N LYS B 453 -6.89 10.89 3.17
CA LYS B 453 -5.78 11.57 2.51
C LYS B 453 -4.40 11.17 3.02
N TYR B 454 -4.31 10.72 4.27
CA TYR B 454 -3.01 10.28 4.77
C TYR B 454 -3.00 8.77 5.02
N ASN B 455 -3.65 8.07 4.10
CA ASN B 455 -3.74 6.62 4.08
C ASN B 455 -4.25 5.92 5.34
N HIS B 456 -5.14 6.55 6.10
CA HIS B 456 -5.70 5.92 7.28
C HIS B 456 -7.14 5.51 7.00
N ALA B 457 -7.36 4.22 6.74
CA ALA B 457 -8.69 3.73 6.46
C ALA B 457 -9.50 3.69 7.76
N ILE B 458 -10.63 4.39 7.77
CA ILE B 458 -11.49 4.42 8.95
C ILE B 458 -12.63 3.45 8.68
N THR B 459 -12.60 2.29 9.31
CA THR B 459 -13.63 1.28 9.09
C THR B 459 -14.07 0.55 10.35
N PRO B 460 -15.21 -0.16 10.27
CA PRO B 460 -15.73 -0.91 11.41
C PRO B 460 -14.75 -2.00 11.84
N LEU B 461 -14.59 -2.14 13.16
CA LEU B 461 -13.69 -3.15 13.71
C LEU B 461 -14.27 -4.53 13.42
N LYS B 462 -13.45 -5.39 12.80
CA LYS B 462 -13.88 -6.74 12.48
C LYS B 462 -13.57 -7.68 13.64
N PRO B 463 -14.36 -8.76 13.79
CA PRO B 463 -14.07 -9.69 14.88
C PRO B 463 -12.66 -10.28 14.72
N SER B 464 -12.12 -10.82 15.80
CA SER B 464 -10.78 -11.40 15.77
C SER B 464 -10.68 -12.50 14.73
N ALA B 465 -9.50 -12.60 14.11
CA ALA B 465 -9.25 -13.63 13.12
C ALA B 465 -9.11 -14.92 13.92
N PRO B 466 -9.00 -16.09 13.24
CA PRO B 466 -8.87 -17.34 14.00
C PRO B 466 -7.70 -17.35 14.97
N LYS B 467 -7.84 -18.14 16.04
CA LYS B 467 -6.79 -18.27 17.04
C LYS B 467 -5.50 -18.71 16.38
N ILE B 468 -4.38 -18.22 16.90
CA ILE B 468 -3.07 -18.62 16.38
C ILE B 468 -2.42 -19.42 17.49
N PRO B 469 -2.14 -20.71 17.24
CA PRO B 469 -1.51 -21.54 18.26
C PRO B 469 -0.16 -21.02 18.75
N ILE B 470 0.09 -21.22 20.04
CA ILE B 470 1.33 -20.77 20.66
C ILE B 470 2.58 -21.09 19.85
N GLU B 471 2.68 -22.31 19.31
CA GLU B 471 3.87 -22.63 18.52
C GLU B 471 3.98 -21.77 17.27
N VAL B 472 2.84 -21.39 16.70
CA VAL B 472 2.87 -20.54 15.50
C VAL B 472 3.25 -19.11 15.89
N LEU B 473 2.82 -18.67 17.07
CA LEU B 473 3.17 -17.34 17.53
C LEU B 473 4.67 -17.32 17.78
N LEU B 474 5.20 -18.40 18.34
CA LEU B 474 6.62 -18.45 18.63
C LEU B 474 7.50 -18.66 17.41
N GLU B 475 6.90 -18.92 16.25
CA GLU B 475 7.70 -19.09 15.05
C GLU B 475 8.21 -17.71 14.69
N ALA B 476 7.58 -16.69 15.28
CA ALA B 476 7.98 -15.32 15.02
C ALA B 476 9.23 -14.93 15.80
N THR B 477 9.77 -15.84 16.59
CA THR B 477 10.97 -15.54 17.36
C THR B 477 12.21 -15.68 16.46
N LYS B 478 12.02 -16.25 15.27
CA LYS B 478 13.15 -16.42 14.35
C LYS B 478 13.79 -15.06 14.09
N PRO B 479 15.10 -14.94 14.35
CA PRO B 479 15.81 -13.68 14.14
C PRO B 479 15.71 -13.18 12.70
N THR B 480 15.53 -11.88 12.55
CA THR B 480 15.46 -11.27 11.23
C THR B 480 16.06 -9.89 11.32
N ARG B 481 16.88 -9.54 10.33
CA ARG B 481 17.53 -8.24 10.30
C ARG B 481 16.45 -7.18 10.17
N PRO B 482 16.57 -6.08 10.92
CA PRO B 482 15.57 -5.02 10.84
C PRO B 482 15.73 -4.29 9.51
N PHE B 483 14.70 -3.56 9.11
CA PHE B 483 14.77 -2.82 7.85
C PHE B 483 15.82 -1.72 7.97
N PRO B 484 16.44 -1.34 6.85
CA PRO B 484 17.45 -0.28 6.93
C PRO B 484 16.81 1.06 7.34
N TRP B 485 17.49 1.78 8.22
CA TRP B 485 17.03 3.07 8.72
C TRP B 485 17.91 4.16 8.13
N LEU B 486 17.34 5.35 7.95
CA LEU B 486 18.14 6.47 7.48
C LEU B 486 18.95 6.83 8.72
N ASP B 487 20.11 7.45 8.53
CA ASP B 487 20.93 7.83 9.67
C ASP B 487 20.38 9.13 10.25
N GLU B 488 19.86 9.99 9.39
CA GLU B 488 19.27 11.25 9.80
C GLU B 488 17.99 11.38 9.00
N THR B 489 16.95 11.94 9.60
CA THR B 489 15.68 12.09 8.89
C THR B 489 15.84 13.15 7.81
N ASP B 490 14.93 13.13 6.85
CA ASP B 490 14.95 14.10 5.76
C ASP B 490 14.01 15.24 6.08
N MET B 491 13.36 15.17 7.24
CA MET B 491 12.43 16.20 7.66
C MET B 491 12.73 16.74 9.06
N LYS B 492 13.89 17.36 9.23
CA LYS B 492 14.28 17.93 10.53
C LYS B 492 13.40 19.13 10.86
N VAL B 493 13.21 19.40 12.14
CA VAL B 493 12.40 20.52 12.56
C VAL B 493 13.03 21.85 12.13
N ASP B 494 14.35 21.87 12.00
CA ASP B 494 15.05 23.07 11.55
C ASP B 494 15.35 22.93 10.06
N GLY B 495 16.63 22.79 9.75
CA GLY B 495 17.07 22.64 8.36
C GLY B 495 17.13 21.18 7.94
N ASN C 6 -52.40 -35.82 33.63
CA ASN C 6 -50.93 -35.74 33.89
C ASN C 6 -50.45 -34.30 33.80
N MET C 7 -49.53 -33.95 34.70
CA MET C 7 -48.95 -32.62 34.71
C MET C 7 -48.17 -32.46 33.40
N LEU C 8 -47.68 -33.58 32.88
CA LEU C 8 -46.91 -33.58 31.65
C LEU C 8 -47.76 -33.11 30.47
N LEU C 9 -49.08 -33.27 30.58
CA LEU C 9 -49.98 -32.82 29.53
C LEU C 9 -50.10 -31.30 29.64
N ASN C 10 -49.75 -30.77 30.81
CA ASN C 10 -49.79 -29.34 31.08
C ASN C 10 -48.42 -28.70 30.90
N TYR C 11 -47.46 -29.51 30.48
CA TYR C 11 -46.09 -29.10 30.27
C TYR C 11 -45.97 -28.24 29.00
N VAL C 12 -45.51 -27.00 29.18
CA VAL C 12 -45.32 -26.09 28.05
C VAL C 12 -43.80 -25.89 27.85
N PRO C 13 -43.28 -26.30 26.68
CA PRO C 13 -41.85 -26.18 26.35
C PRO C 13 -41.27 -24.75 26.39
N VAL C 14 -40.04 -24.65 26.92
CA VAL C 14 -39.38 -23.36 27.04
C VAL C 14 -38.11 -23.30 26.19
N TYR C 15 -38.03 -22.26 25.37
CA TYR C 15 -36.88 -22.05 24.49
C TYR C 15 -36.12 -20.79 24.90
N VAL C 16 -34.83 -20.74 24.54
CA VAL C 16 -34.02 -19.57 24.88
C VAL C 16 -33.34 -18.98 23.65
N MET C 17 -33.56 -17.70 23.42
CA MET C 17 -32.95 -17.03 22.28
C MET C 17 -31.44 -16.93 22.52
N LEU C 18 -30.65 -17.30 21.52
CA LEU C 18 -29.19 -17.25 21.62
C LEU C 18 -28.69 -15.82 21.53
N PRO C 19 -27.44 -15.58 21.99
CA PRO C 19 -26.86 -14.24 21.95
C PRO C 19 -26.78 -13.81 20.49
N LEU C 20 -26.89 -12.51 20.24
CA LEU C 20 -26.81 -12.04 18.86
C LEU C 20 -25.39 -12.21 18.34
N GLY C 21 -25.27 -12.45 17.04
CA GLY C 21 -23.96 -12.61 16.45
C GLY C 21 -23.24 -13.91 16.77
N VAL C 22 -23.94 -14.90 17.33
CA VAL C 22 -23.31 -16.19 17.65
C VAL C 22 -22.49 -16.63 16.43
N VAL C 23 -23.02 -16.32 15.25
CA VAL C 23 -22.32 -16.54 13.99
C VAL C 23 -22.15 -15.08 13.58
N ASN C 24 -20.92 -14.61 13.43
CA ASN C 24 -20.67 -13.21 13.10
C ASN C 24 -20.87 -12.78 11.64
N VAL C 25 -20.77 -11.48 11.41
CA VAL C 25 -20.95 -10.91 10.09
C VAL C 25 -20.05 -11.51 9.03
N ASP C 26 -18.93 -12.10 9.45
CA ASP C 26 -18.00 -12.71 8.51
C ASP C 26 -18.36 -14.18 8.33
N ASN C 27 -19.56 -14.55 8.78
CA ASN C 27 -20.03 -15.91 8.68
C ASN C 27 -19.08 -16.89 9.35
N VAL C 28 -18.61 -16.54 10.54
CA VAL C 28 -17.72 -17.40 11.31
C VAL C 28 -18.34 -17.74 12.67
N PHE C 29 -18.32 -19.02 13.05
CA PHE C 29 -18.85 -19.44 14.34
C PHE C 29 -17.70 -19.23 15.30
N GLU C 30 -17.59 -18.00 15.78
CA GLU C 30 -16.53 -17.60 16.65
C GLU C 30 -16.24 -18.31 17.96
N ASP C 31 -17.20 -18.29 18.89
CA ASP C 31 -16.95 -18.88 20.19
C ASP C 31 -17.77 -20.10 20.57
N PRO C 32 -17.50 -21.24 19.90
CA PRO C 32 -18.25 -22.46 20.21
C PRO C 32 -18.00 -22.94 21.62
N ASP C 33 -16.78 -22.75 22.12
CA ASP C 33 -16.47 -23.19 23.48
C ASP C 33 -17.29 -22.42 24.50
N GLY C 34 -17.34 -21.10 24.35
CA GLY C 34 -18.09 -20.27 25.28
C GLY C 34 -19.58 -20.54 25.24
N LEU C 35 -20.12 -20.72 24.03
CA LEU C 35 -21.56 -20.98 23.87
C LEU C 35 -21.90 -22.34 24.44
N LYS C 36 -21.04 -23.33 24.18
CA LYS C 36 -21.25 -24.68 24.67
C LYS C 36 -21.44 -24.68 26.18
N GLU C 37 -20.59 -23.93 26.88
CA GLU C 37 -20.65 -23.84 28.34
C GLU C 37 -22.04 -23.30 28.72
N GLN C 38 -22.49 -22.28 28.02
CA GLN C 38 -23.79 -21.67 28.27
C GLN C 38 -24.93 -22.64 27.98
N LEU C 39 -24.86 -23.32 26.85
CA LEU C 39 -25.89 -24.27 26.45
C LEU C 39 -25.98 -25.44 27.42
N LEU C 40 -24.84 -25.91 27.94
CA LEU C 40 -24.86 -27.02 28.89
C LEU C 40 -25.63 -26.62 30.16
N GLN C 41 -25.47 -25.36 30.56
CA GLN C 41 -26.15 -24.86 31.75
C GLN C 41 -27.66 -24.79 31.48
N LEU C 42 -28.02 -24.32 30.29
CA LEU C 42 -29.43 -24.24 29.92
C LEU C 42 -30.04 -25.62 30.00
N ARG C 43 -29.45 -26.55 29.29
CA ARG C 43 -29.93 -27.92 29.25
C ARG C 43 -30.10 -28.48 30.65
N ALA C 44 -29.07 -28.37 31.47
CA ALA C 44 -29.10 -28.86 32.84
C ALA C 44 -30.25 -28.21 33.62
N ALA C 45 -30.61 -27.01 33.23
CA ALA C 45 -31.69 -26.29 33.89
C ALA C 45 -33.05 -26.77 33.38
N GLY C 46 -33.03 -27.61 32.35
CA GLY C 46 -34.27 -28.14 31.82
C GLY C 46 -34.81 -27.47 30.56
N VAL C 47 -34.14 -26.43 30.09
CA VAL C 47 -34.59 -25.74 28.88
C VAL C 47 -34.78 -26.76 27.75
N ASP C 48 -35.89 -26.66 27.03
CA ASP C 48 -36.15 -27.58 25.93
C ASP C 48 -35.29 -27.32 24.71
N GLY C 49 -35.17 -26.05 24.31
CA GLY C 49 -34.38 -25.72 23.14
C GLY C 49 -33.99 -24.26 23.08
N VAL C 50 -33.49 -23.84 21.91
CA VAL C 50 -33.07 -22.46 21.70
C VAL C 50 -33.57 -21.93 20.38
N MET C 51 -33.42 -20.63 20.18
CA MET C 51 -33.84 -19.96 18.96
C MET C 51 -32.66 -19.15 18.43
N VAL C 52 -32.57 -19.04 17.11
CA VAL C 52 -31.47 -18.29 16.52
C VAL C 52 -31.84 -17.66 15.18
N ASP C 53 -31.29 -16.48 14.93
CA ASP C 53 -31.54 -15.78 13.67
C ASP C 53 -30.57 -16.35 12.64
N VAL C 54 -31.09 -16.71 11.47
CA VAL C 54 -30.24 -17.21 10.40
C VAL C 54 -30.23 -16.00 9.46
N TRP C 55 -29.37 -15.04 9.79
CA TRP C 55 -29.25 -13.80 9.05
C TRP C 55 -28.99 -13.92 7.57
N TRP C 56 -29.89 -13.32 6.79
CA TRP C 56 -29.79 -13.32 5.34
C TRP C 56 -28.51 -12.56 5.02
N GLY C 57 -28.27 -11.50 5.80
CA GLY C 57 -27.08 -10.67 5.62
C GLY C 57 -25.79 -11.43 5.78
N ILE C 58 -25.85 -12.59 6.42
CA ILE C 58 -24.67 -13.42 6.60
C ILE C 58 -24.59 -14.49 5.51
N ILE C 59 -25.66 -15.26 5.39
CA ILE C 59 -25.71 -16.36 4.43
C ILE C 59 -25.46 -16.01 2.97
N GLU C 60 -26.24 -15.09 2.43
CA GLU C 60 -26.14 -14.71 1.01
C GLU C 60 -25.40 -13.39 0.80
N LEU C 61 -24.32 -13.17 1.55
CA LEU C 61 -23.55 -11.93 1.42
C LEU C 61 -22.72 -11.87 0.14
N LYS C 62 -22.03 -12.96 -0.17
CA LYS C 62 -21.18 -13.01 -1.36
C LYS C 62 -21.89 -12.58 -2.65
N GLY C 63 -23.17 -12.90 -2.76
CA GLY C 63 -23.88 -12.52 -3.96
C GLY C 63 -25.14 -13.33 -4.18
N PRO C 64 -25.92 -12.99 -5.22
CA PRO C 64 -27.16 -13.69 -5.53
C PRO C 64 -27.01 -15.20 -5.61
N LYS C 65 -27.75 -15.90 -4.76
CA LYS C 65 -27.73 -17.36 -4.71
C LYS C 65 -26.41 -17.99 -4.29
N GLN C 66 -25.57 -17.22 -3.61
CA GLN C 66 -24.30 -17.75 -3.12
C GLN C 66 -24.50 -17.90 -1.63
N TYR C 67 -24.85 -19.11 -1.19
CA TYR C 67 -25.10 -19.37 0.21
C TYR C 67 -23.96 -20.14 0.88
N ASP C 68 -23.55 -19.65 2.03
CA ASP C 68 -22.49 -20.30 2.81
C ASP C 68 -23.12 -20.66 4.14
N TRP C 69 -23.46 -21.94 4.28
CA TRP C 69 -24.11 -22.46 5.48
C TRP C 69 -23.17 -23.10 6.48
N ARG C 70 -21.89 -23.16 6.15
CA ARG C 70 -20.89 -23.79 7.01
C ARG C 70 -20.93 -23.39 8.48
N ALA C 71 -20.77 -22.09 8.75
CA ALA C 71 -20.77 -21.60 10.13
C ALA C 71 -22.04 -21.92 10.90
N TYR C 72 -23.19 -21.86 10.22
CA TYR C 72 -24.46 -22.16 10.88
C TYR C 72 -24.59 -23.66 11.11
N ARG C 73 -24.07 -24.47 10.20
CA ARG C 73 -24.12 -25.92 10.36
C ARG C 73 -23.37 -26.32 11.63
N SER C 74 -22.21 -25.69 11.86
CA SER C 74 -21.41 -25.99 13.05
C SER C 74 -22.18 -25.55 14.30
N LEU C 75 -22.96 -24.48 14.18
CA LEU C 75 -23.75 -24.01 15.31
C LEU C 75 -24.82 -25.03 15.64
N LEU C 76 -25.68 -25.34 14.67
CA LEU C 76 -26.74 -26.32 14.87
C LEU C 76 -26.17 -27.65 15.39
N GLN C 77 -25.01 -28.04 14.87
CA GLN C 77 -24.35 -29.28 15.28
C GLN C 77 -24.04 -29.25 16.76
N LEU C 78 -23.53 -28.12 17.24
CA LEU C 78 -23.20 -27.98 18.65
C LEU C 78 -24.47 -28.03 19.48
N VAL C 79 -25.53 -27.43 18.96
CA VAL C 79 -26.81 -27.40 19.66
C VAL C 79 -27.30 -28.83 19.85
N GLN C 80 -27.24 -29.59 18.77
CA GLN C 80 -27.67 -30.99 18.79
C GLN C 80 -26.88 -31.76 19.84
N GLU C 81 -25.54 -31.69 19.76
CA GLU C 81 -24.68 -32.38 20.70
C GLU C 81 -25.01 -32.02 22.15
N CYS C 82 -25.62 -30.86 22.35
CA CYS C 82 -25.98 -30.42 23.69
C CYS C 82 -27.34 -30.95 24.13
N GLY C 83 -28.05 -31.59 23.21
CA GLY C 83 -29.35 -32.14 23.55
C GLY C 83 -30.46 -31.10 23.56
N LEU C 84 -30.29 -30.06 22.75
CA LEU C 84 -31.29 -29.01 22.67
C LEU C 84 -31.88 -28.94 21.26
N THR C 85 -33.16 -28.63 21.15
CA THR C 85 -33.79 -28.49 19.84
C THR C 85 -33.57 -27.04 19.40
N LEU C 86 -33.91 -26.73 18.15
CA LEU C 86 -33.66 -25.40 17.64
C LEU C 86 -34.79 -24.76 16.84
N GLN C 87 -35.07 -23.50 17.16
CA GLN C 87 -36.07 -22.73 16.44
C GLN C 87 -35.23 -21.84 15.53
N ALA C 88 -35.34 -22.05 14.22
CA ALA C 88 -34.57 -21.27 13.24
C ALA C 88 -35.38 -20.17 12.58
N ILE C 89 -34.89 -18.93 12.67
CA ILE C 89 -35.58 -17.81 12.07
C ILE C 89 -34.96 -17.47 10.70
N MET C 90 -35.79 -17.36 9.67
CA MET C 90 -35.28 -16.99 8.35
C MET C 90 -35.27 -15.47 8.46
N SER C 91 -34.17 -14.93 8.98
CA SER C 91 -34.03 -13.50 9.20
C SER C 91 -33.66 -12.67 7.97
N PHE C 92 -34.68 -12.27 7.22
CA PHE C 92 -34.50 -11.49 6.00
C PHE C 92 -34.52 -10.00 6.30
N HIS C 93 -34.01 -9.62 7.47
CA HIS C 93 -33.99 -8.22 7.89
C HIS C 93 -32.63 -7.86 8.48
N GLN C 94 -32.44 -6.58 8.75
CA GLN C 94 -31.19 -6.09 9.31
C GLN C 94 -31.11 -6.27 10.83
N CYS C 95 -29.93 -6.67 11.29
CA CYS C 95 -29.70 -6.83 12.73
C CYS C 95 -29.00 -5.55 13.17
N GLY C 96 -29.43 -5.01 14.30
CA GLY C 96 -28.84 -3.78 14.80
C GLY C 96 -29.10 -2.61 13.88
N GLY C 97 -28.13 -1.69 13.81
CA GLY C 97 -28.28 -0.53 12.95
C GLY C 97 -28.41 0.76 13.74
N ASN C 98 -28.63 0.67 15.03
CA ASN C 98 -28.77 1.85 15.88
C ASN C 98 -27.46 2.12 16.62
N VAL C 99 -27.21 3.39 16.97
CA VAL C 99 -26.00 3.73 17.69
C VAL C 99 -26.03 2.94 19.02
N GLY C 100 -24.92 2.27 19.33
CA GLY C 100 -24.86 1.49 20.55
C GLY C 100 -25.06 0.00 20.31
N ASP C 101 -25.64 -0.35 19.16
CA ASP C 101 -25.87 -1.75 18.82
C ASP C 101 -24.54 -2.46 18.61
N ILE C 102 -24.29 -3.48 19.42
CA ILE C 102 -23.05 -4.23 19.31
C ILE C 102 -23.00 -5.02 18.01
N VAL C 103 -24.02 -5.83 17.75
CA VAL C 103 -24.05 -6.64 16.54
C VAL C 103 -24.85 -5.99 15.41
N ASN C 104 -24.16 -5.66 14.32
CA ASN C 104 -24.82 -5.05 13.17
C ASN C 104 -24.66 -5.93 11.95
N ILE C 105 -25.78 -6.44 11.44
CA ILE C 105 -25.77 -7.29 10.27
C ILE C 105 -26.76 -6.79 9.22
N PRO C 106 -26.30 -5.92 8.32
CA PRO C 106 -27.19 -5.39 7.28
C PRO C 106 -27.60 -6.51 6.34
N ILE C 107 -28.67 -6.30 5.57
CA ILE C 107 -29.10 -7.31 4.62
C ILE C 107 -27.99 -7.34 3.57
N PRO C 108 -27.95 -8.38 2.71
CA PRO C 108 -26.92 -8.49 1.69
C PRO C 108 -26.55 -7.15 1.03
N GLN C 109 -25.24 -6.90 0.96
CA GLN C 109 -24.74 -5.66 0.36
C GLN C 109 -25.13 -5.58 -1.10
N TRP C 110 -25.16 -6.72 -1.79
CA TRP C 110 -25.52 -6.71 -3.20
C TRP C 110 -26.97 -6.25 -3.37
N VAL C 111 -27.78 -6.42 -2.33
CA VAL C 111 -29.17 -5.98 -2.37
C VAL C 111 -29.19 -4.47 -2.13
N LEU C 112 -28.35 -4.00 -1.22
CA LEU C 112 -28.27 -2.57 -0.95
C LEU C 112 -27.74 -1.83 -2.18
N ASP C 113 -26.82 -2.46 -2.91
CA ASP C 113 -26.25 -1.83 -4.10
C ASP C 113 -27.39 -1.56 -5.09
N ILE C 114 -28.32 -2.50 -5.19
CA ILE C 114 -29.46 -2.33 -6.07
C ILE C 114 -30.24 -1.15 -5.49
N GLY C 115 -30.27 -1.08 -4.17
CA GLY C 115 -30.96 -0.01 -3.49
C GLY C 115 -30.43 1.37 -3.82
N GLU C 116 -29.12 1.47 -4.03
CA GLU C 116 -28.50 2.76 -4.36
C GLU C 116 -29.15 3.38 -5.59
N SER C 117 -29.42 2.56 -6.60
CA SER C 117 -30.03 3.05 -7.82
C SER C 117 -31.55 2.96 -7.79
N ASN C 118 -32.10 2.26 -6.80
CA ASN C 118 -33.55 2.18 -6.68
C ASN C 118 -33.97 2.22 -5.22
N HIS C 119 -34.02 3.43 -4.69
CA HIS C 119 -34.38 3.68 -3.30
C HIS C 119 -35.78 3.20 -2.92
N ASP C 120 -36.59 2.88 -3.94
CA ASP C 120 -37.96 2.43 -3.69
C ASP C 120 -38.09 0.96 -3.31
N ILE C 121 -36.98 0.27 -3.08
CA ILE C 121 -37.07 -1.12 -2.66
C ILE C 121 -37.22 -1.13 -1.14
N PHE C 122 -37.03 0.05 -0.54
CA PHE C 122 -37.12 0.20 0.91
C PHE C 122 -38.43 0.84 1.36
N TYR C 123 -38.85 0.49 2.57
CA TYR C 123 -40.06 1.08 3.13
C TYR C 123 -39.75 2.55 3.25
N THR C 124 -40.67 3.39 2.80
CA THR C 124 -40.47 4.83 2.82
C THR C 124 -41.59 5.53 3.57
N ASN C 125 -41.22 6.50 4.40
CA ASN C 125 -42.21 7.26 5.14
C ASN C 125 -42.62 8.47 4.31
N ARG C 126 -43.61 9.19 4.80
CA ARG C 126 -44.14 10.37 4.13
C ARG C 126 -43.04 11.36 3.69
N SER C 127 -42.10 11.63 4.58
CA SER C 127 -41.00 12.56 4.34
C SER C 127 -39.98 12.09 3.30
N GLY C 128 -40.03 10.80 2.97
CA GLY C 128 -39.11 10.28 1.98
C GLY C 128 -37.87 9.55 2.51
N THR C 129 -37.80 9.32 3.82
CA THR C 129 -36.66 8.61 4.38
C THR C 129 -36.77 7.14 4.02
N ARG C 130 -35.64 6.54 3.66
CA ARG C 130 -35.65 5.12 3.28
C ARG C 130 -35.10 4.26 4.42
N ASN C 131 -35.89 3.28 4.83
CA ASN C 131 -35.48 2.36 5.88
C ASN C 131 -34.87 1.15 5.17
N LYS C 132 -33.59 0.90 5.42
CA LYS C 132 -32.88 -0.19 4.75
C LYS C 132 -32.81 -1.53 5.47
N GLU C 133 -33.66 -1.74 6.46
CA GLU C 133 -33.59 -3.00 7.19
C GLU C 133 -34.41 -4.12 6.56
N TYR C 134 -35.21 -3.80 5.57
CA TYR C 134 -36.05 -4.82 4.94
C TYR C 134 -36.61 -4.31 3.61
N LEU C 135 -36.88 -5.24 2.70
CA LEU C 135 -37.41 -4.89 1.39
C LEU C 135 -38.92 -4.68 1.48
N THR C 136 -39.38 -3.49 1.09
CA THR C 136 -40.80 -3.17 1.14
C THR C 136 -41.64 -4.25 0.48
N VAL C 137 -42.84 -4.46 1.01
CA VAL C 137 -43.76 -5.44 0.45
C VAL C 137 -44.07 -5.01 -0.99
N GLY C 138 -43.77 -3.76 -1.30
CA GLY C 138 -44.03 -3.26 -2.64
C GLY C 138 -43.31 -4.03 -3.74
N VAL C 139 -42.18 -4.64 -3.41
CA VAL C 139 -41.42 -5.37 -4.42
C VAL C 139 -41.43 -6.89 -4.24
N ASP C 140 -42.39 -7.40 -3.47
CA ASP C 140 -42.53 -8.83 -3.24
C ASP C 140 -42.56 -9.58 -4.57
N ASN C 141 -43.31 -9.06 -5.52
CA ASN C 141 -43.44 -9.69 -6.82
C ASN C 141 -42.82 -8.89 -7.97
N GLU C 142 -41.86 -8.03 -7.66
CA GLU C 142 -41.17 -7.23 -8.68
C GLU C 142 -39.81 -7.87 -8.96
N PRO C 143 -39.57 -8.34 -10.20
CA PRO C 143 -38.31 -8.99 -10.58
C PRO C 143 -37.21 -7.98 -10.81
N ILE C 144 -36.87 -7.23 -9.77
CA ILE C 144 -35.86 -6.20 -9.86
C ILE C 144 -34.56 -6.53 -9.16
N PHE C 145 -34.45 -7.75 -8.64
CA PHE C 145 -33.23 -8.15 -7.95
C PHE C 145 -32.48 -9.18 -8.79
N HIS C 146 -31.74 -8.65 -9.76
CA HIS C 146 -30.98 -9.47 -10.68
C HIS C 146 -31.87 -10.56 -11.25
N GLY C 147 -33.07 -10.18 -11.66
CA GLY C 147 -34.00 -11.12 -12.24
C GLY C 147 -35.01 -11.73 -11.28
N ARG C 148 -34.75 -11.68 -9.99
CA ARG C 148 -35.66 -12.26 -9.01
C ARG C 148 -36.52 -11.22 -8.30
N THR C 149 -37.63 -11.69 -7.72
CA THR C 149 -38.53 -10.83 -6.96
C THR C 149 -38.08 -10.97 -5.51
N ALA C 150 -38.66 -10.20 -4.60
CA ALA C 150 -38.27 -10.32 -3.20
C ALA C 150 -38.69 -11.67 -2.65
N ILE C 151 -39.86 -12.13 -3.06
CA ILE C 151 -40.36 -13.41 -2.59
C ILE C 151 -39.51 -14.57 -3.11
N GLU C 152 -39.11 -14.51 -4.37
CA GLU C 152 -38.26 -15.58 -4.92
C GLU C 152 -36.97 -15.63 -4.11
N ILE C 153 -36.49 -14.47 -3.69
CA ILE C 153 -35.28 -14.41 -2.89
C ILE C 153 -35.50 -15.22 -1.61
N TYR C 154 -36.55 -14.89 -0.89
CA TYR C 154 -36.86 -15.59 0.37
C TYR C 154 -37.10 -17.07 0.10
N SER C 155 -37.81 -17.34 -0.99
CA SER C 155 -38.11 -18.71 -1.41
C SER C 155 -36.84 -19.52 -1.61
N ASP C 156 -35.99 -19.08 -2.53
CA ASP C 156 -34.73 -19.78 -2.81
C ASP C 156 -33.92 -19.98 -1.53
N TYR C 157 -33.92 -18.96 -0.66
CA TYR C 157 -33.19 -18.98 0.60
C TYR C 157 -33.66 -20.13 1.49
N MET C 158 -34.98 -20.25 1.66
CA MET C 158 -35.54 -21.32 2.49
C MET C 158 -35.31 -22.69 1.87
N LYS C 159 -35.38 -22.77 0.55
CA LYS C 159 -35.14 -24.05 -0.13
C LYS C 159 -33.68 -24.48 0.06
N SER C 160 -32.77 -23.52 0.02
CA SER C 160 -31.36 -23.83 0.20
C SER C 160 -31.12 -24.27 1.64
N PHE C 161 -31.79 -23.61 2.58
CA PHE C 161 -31.65 -23.96 3.98
C PHE C 161 -32.15 -25.40 4.20
N ARG C 162 -33.31 -25.71 3.64
CA ARG C 162 -33.89 -27.04 3.79
C ARG C 162 -32.98 -28.10 3.21
N GLU C 163 -32.31 -27.77 2.12
CA GLU C 163 -31.39 -28.70 1.47
C GLU C 163 -30.11 -28.86 2.29
N ASN C 164 -29.49 -27.74 2.65
CA ASN C 164 -28.24 -27.79 3.41
C ASN C 164 -28.36 -28.14 4.88
N MET C 165 -29.59 -28.24 5.37
CA MET C 165 -29.81 -28.61 6.77
C MET C 165 -30.67 -29.86 6.80
N SER C 166 -30.62 -30.61 5.71
CA SER C 166 -31.41 -31.82 5.59
C SER C 166 -31.15 -32.81 6.71
N ASP C 167 -29.90 -32.92 7.12
CA ASP C 167 -29.55 -33.84 8.20
C ASP C 167 -30.14 -33.39 9.53
N PHE C 168 -30.01 -32.10 9.82
CA PHE C 168 -30.54 -31.55 11.06
C PHE C 168 -32.07 -31.62 11.08
N LEU C 169 -32.70 -31.36 9.93
CA LEU C 169 -34.15 -31.45 9.83
C LEU C 169 -34.60 -32.89 10.00
N GLU C 170 -33.79 -33.82 9.51
CA GLU C 170 -34.12 -35.23 9.59
C GLU C 170 -33.99 -35.79 11.01
N SER C 171 -32.92 -35.41 11.70
CA SER C 171 -32.69 -35.90 13.06
C SER C 171 -33.62 -35.26 14.08
N GLY C 172 -34.40 -34.29 13.64
CA GLY C 172 -35.32 -33.63 14.55
C GLY C 172 -34.75 -32.50 15.39
N LEU C 173 -33.59 -31.97 15.00
CA LEU C 173 -32.97 -30.87 15.73
C LEU C 173 -33.80 -29.59 15.60
N ILE C 174 -34.27 -29.32 14.39
CA ILE C 174 -35.06 -28.13 14.10
C ILE C 174 -36.54 -28.41 14.29
N ILE C 175 -37.15 -27.84 15.33
CA ILE C 175 -38.57 -28.06 15.57
C ILE C 175 -39.48 -27.12 14.79
N ASP C 176 -39.01 -25.91 14.51
CA ASP C 176 -39.84 -25.02 13.72
C ASP C 176 -39.06 -23.94 13.00
N ILE C 177 -39.66 -23.46 11.91
CA ILE C 177 -39.04 -22.43 11.09
C ILE C 177 -39.85 -21.16 11.18
N GLU C 178 -39.29 -20.14 11.82
CA GLU C 178 -39.99 -18.86 11.91
C GLU C 178 -39.54 -18.01 10.72
N VAL C 179 -40.48 -17.69 9.84
CA VAL C 179 -40.17 -16.89 8.65
C VAL C 179 -40.23 -15.39 8.90
N GLY C 180 -39.11 -14.71 8.69
CA GLY C 180 -39.08 -13.27 8.87
C GLY C 180 -39.99 -12.65 7.84
N LEU C 181 -40.75 -11.64 8.24
CA LEU C 181 -41.68 -10.99 7.32
C LEU C 181 -41.61 -9.46 7.34
N GLY C 182 -40.57 -8.92 7.97
CA GLY C 182 -40.43 -7.48 8.02
C GLY C 182 -39.34 -7.07 8.98
N PRO C 183 -39.39 -5.81 9.47
CA PRO C 183 -38.41 -5.27 10.41
C PRO C 183 -38.36 -6.13 11.66
N ALA C 184 -37.17 -6.43 12.14
CA ALA C 184 -37.00 -7.26 13.33
C ALA C 184 -37.64 -8.63 13.08
N GLY C 185 -37.76 -9.00 11.81
CA GLY C 185 -38.34 -10.29 11.45
C GLY C 185 -39.83 -10.41 11.69
N GLU C 186 -40.46 -9.32 12.11
CA GLU C 186 -41.89 -9.32 12.42
C GLU C 186 -42.75 -8.91 11.22
N LEU C 187 -43.98 -9.41 11.19
CA LEU C 187 -44.90 -9.07 10.10
C LEU C 187 -45.55 -7.71 10.38
N ARG C 188 -44.88 -6.65 9.95
CA ARG C 188 -45.36 -5.29 10.19
C ARG C 188 -44.55 -4.30 9.37
N TYR C 189 -44.96 -3.03 9.45
CA TYR C 189 -44.24 -1.96 8.76
C TYR C 189 -43.29 -1.39 9.82
N PRO C 190 -42.14 -0.84 9.40
CA PRO C 190 -41.18 -0.26 10.33
C PRO C 190 -41.68 1.13 10.73
N SER C 191 -42.79 1.15 11.46
CA SER C 191 -43.45 2.38 11.88
C SER C 191 -42.86 3.14 13.07
N TYR C 192 -41.99 2.50 13.85
CA TYR C 192 -41.39 3.18 14.98
C TYR C 192 -39.87 2.99 15.04
N PRO C 193 -39.17 3.41 13.98
CA PRO C 193 -37.71 3.29 13.88
C PRO C 193 -36.96 4.24 14.82
N GLN C 194 -36.08 3.68 15.65
CA GLN C 194 -35.29 4.49 16.56
C GLN C 194 -34.34 5.35 15.73
N SER C 195 -33.82 4.76 14.66
CA SER C 195 -32.91 5.45 13.78
C SER C 195 -33.49 6.75 13.24
N GLN C 196 -34.82 6.85 13.16
CA GLN C 196 -35.43 8.06 12.65
C GLN C 196 -35.95 8.95 13.77
N GLY C 197 -35.50 8.68 14.99
CA GLY C 197 -35.90 9.50 16.12
C GLY C 197 -37.09 9.08 16.95
N TRP C 198 -37.79 8.02 16.55
CA TRP C 198 -38.96 7.58 17.31
C TRP C 198 -38.60 7.27 18.75
N GLU C 199 -39.52 7.60 19.65
CA GLU C 199 -39.34 7.35 21.06
C GLU C 199 -40.68 6.98 21.69
N PHE C 200 -40.67 5.89 22.46
CA PHE C 200 -41.87 5.43 23.14
C PHE C 200 -42.46 6.62 23.89
N PRO C 201 -43.80 6.80 23.83
CA PRO C 201 -44.78 5.99 23.11
C PRO C 201 -45.32 6.68 21.84
N GLY C 202 -44.42 7.14 20.98
CA GLY C 202 -44.86 7.81 19.76
C GLY C 202 -45.79 6.94 18.93
N ILE C 203 -46.78 7.57 18.29
CA ILE C 203 -47.74 6.83 17.46
C ILE C 203 -47.08 6.17 16.26
N GLY C 204 -45.90 6.64 15.88
CA GLY C 204 -45.22 6.07 14.74
C GLY C 204 -45.74 6.65 13.44
N GLU C 205 -45.25 6.14 12.31
CA GLU C 205 -45.67 6.65 11.01
C GLU C 205 -45.95 5.57 10.00
N PHE C 206 -46.85 5.87 9.06
CA PHE C 206 -47.21 4.94 7.99
C PHE C 206 -45.98 4.84 7.09
N GLN C 207 -45.71 3.64 6.58
CA GLN C 207 -44.54 3.41 5.73
C GLN C 207 -44.96 2.87 4.36
N CYS C 208 -45.90 3.57 3.73
CA CYS C 208 -46.44 3.14 2.45
C CYS C 208 -46.15 4.12 1.32
N TYR C 209 -45.07 4.88 1.41
CA TYR C 209 -44.78 5.87 0.39
C TYR C 209 -43.77 5.55 -0.70
N ASP C 210 -43.22 4.33 -0.71
CA ASP C 210 -42.28 3.98 -1.77
C ASP C 210 -43.14 3.97 -3.04
N LYS C 211 -42.53 4.18 -4.20
CA LYS C 211 -43.29 4.25 -5.46
C LYS C 211 -44.14 3.03 -5.80
N TYR C 212 -43.69 1.84 -5.43
CA TYR C 212 -44.46 0.64 -5.74
C TYR C 212 -45.77 0.63 -4.97
N LEU C 213 -45.71 0.84 -3.66
CA LEU C 213 -46.92 0.86 -2.85
C LEU C 213 -47.78 2.07 -3.22
N LYS C 214 -47.14 3.16 -3.61
CA LYS C 214 -47.88 4.37 -3.99
C LYS C 214 -48.69 4.11 -5.26
N ALA C 215 -48.10 3.37 -6.20
CA ALA C 215 -48.78 3.05 -7.44
C ALA C 215 -49.87 2.04 -7.14
N ASP C 216 -49.57 1.15 -6.18
CA ASP C 216 -50.50 0.12 -5.75
C ASP C 216 -51.78 0.77 -5.23
N PHE C 217 -51.61 1.67 -4.27
CA PHE C 217 -52.73 2.40 -3.69
C PHE C 217 -53.48 3.21 -4.73
N LYS C 218 -52.75 3.86 -5.63
CA LYS C 218 -53.38 4.66 -6.68
C LYS C 218 -54.30 3.79 -7.52
N ALA C 219 -53.82 2.59 -7.86
CA ALA C 219 -54.62 1.69 -8.68
C ALA C 219 -55.82 1.19 -7.88
N ALA C 220 -55.63 1.04 -6.57
CA ALA C 220 -56.69 0.57 -5.69
C ALA C 220 -57.79 1.61 -5.51
N VAL C 221 -57.42 2.86 -5.26
CA VAL C 221 -58.44 3.88 -5.09
C VAL C 221 -59.16 4.14 -6.41
N ALA C 222 -58.44 3.94 -7.51
CA ALA C 222 -59.03 4.14 -8.83
C ALA C 222 -60.15 3.13 -9.02
N ARG C 223 -59.89 1.88 -8.63
CA ARG C 223 -60.90 0.81 -8.74
C ARG C 223 -62.11 1.17 -7.90
N ALA C 224 -61.87 1.81 -6.76
CA ALA C 224 -62.94 2.20 -5.86
C ALA C 224 -63.69 3.43 -6.37
N GLY C 225 -63.22 3.97 -7.49
CA GLY C 225 -63.87 5.16 -8.06
C GLY C 225 -63.51 6.41 -7.30
N HIS C 226 -62.37 6.41 -6.61
CA HIS C 226 -61.93 7.57 -5.84
C HIS C 226 -60.50 7.97 -6.14
N PRO C 227 -60.22 8.40 -7.38
CA PRO C 227 -58.86 8.79 -7.77
C PRO C 227 -58.36 10.01 -7.00
N GLU C 228 -59.27 10.73 -6.35
CA GLU C 228 -58.90 11.92 -5.58
C GLU C 228 -58.28 11.54 -4.23
N TRP C 229 -58.30 10.26 -3.89
CA TRP C 229 -57.74 9.80 -2.63
C TRP C 229 -56.23 9.55 -2.70
N GLU C 230 -55.50 10.26 -1.84
CA GLU C 230 -54.04 10.12 -1.78
C GLU C 230 -53.68 9.45 -0.46
N LEU C 231 -52.44 8.97 -0.35
CA LEU C 231 -52.00 8.35 0.88
C LEU C 231 -52.13 9.40 1.99
N PRO C 232 -52.23 8.96 3.25
CA PRO C 232 -52.37 9.86 4.40
C PRO C 232 -51.43 11.06 4.39
N ASP C 233 -51.98 12.24 4.64
CA ASP C 233 -51.18 13.46 4.65
C ASP C 233 -51.42 14.27 5.91
N ASP C 234 -52.05 13.65 6.90
CA ASP C 234 -52.38 14.34 8.15
C ASP C 234 -52.24 13.38 9.32
N ALA C 235 -51.28 12.47 9.24
CA ALA C 235 -51.07 11.49 10.30
C ALA C 235 -49.98 11.92 11.29
N GLY C 236 -49.39 13.08 11.01
CA GLY C 236 -48.34 13.59 11.90
C GLY C 236 -47.01 12.90 11.75
N LYS C 237 -46.28 12.82 12.86
CA LYS C 237 -44.97 12.19 12.85
C LYS C 237 -44.77 11.18 13.98
N TYR C 238 -43.67 10.44 13.88
CA TYR C 238 -43.33 9.38 14.85
C TYR C 238 -43.67 9.60 16.31
N ASN C 239 -43.30 10.76 16.86
CA ASN C 239 -43.53 11.01 18.27
C ASN C 239 -44.79 11.77 18.69
N ASP C 240 -45.74 11.94 17.77
CA ASP C 240 -46.97 12.63 18.13
C ASP C 240 -47.86 11.72 18.95
N VAL C 241 -48.95 12.29 19.46
CA VAL C 241 -49.96 11.56 20.21
C VAL C 241 -51.13 11.62 19.24
N PRO C 242 -52.02 10.60 19.24
CA PRO C 242 -53.16 10.59 18.33
C PRO C 242 -54.01 11.87 18.21
N GLU C 243 -54.38 12.42 19.36
CA GLU C 243 -55.20 13.62 19.40
C GLU C 243 -54.55 14.85 18.78
N SER C 244 -53.25 14.80 18.55
CA SER C 244 -52.54 15.94 17.97
C SER C 244 -52.47 15.83 16.45
N THR C 245 -53.08 14.79 15.89
CA THR C 245 -53.07 14.60 14.45
C THR C 245 -54.49 14.60 13.88
N GLY C 246 -54.61 14.94 12.60
CA GLY C 246 -55.92 14.96 11.97
C GLY C 246 -56.43 13.57 11.67
N PHE C 247 -55.51 12.65 11.39
CA PHE C 247 -55.88 11.28 11.06
C PHE C 247 -56.36 10.46 12.25
N PHE C 248 -55.63 10.55 13.37
CA PHE C 248 -55.94 9.76 14.56
C PHE C 248 -56.77 10.41 15.66
N LYS C 249 -57.08 11.69 15.53
CA LYS C 249 -57.85 12.34 16.58
C LYS C 249 -59.32 11.94 16.52
N SER C 250 -60.05 12.26 17.57
CA SER C 250 -61.48 11.94 17.64
C SER C 250 -62.17 12.45 16.37
N ASN C 251 -62.97 11.58 15.75
CA ASN C 251 -63.70 11.95 14.53
C ASN C 251 -62.70 12.27 13.42
N GLY C 252 -61.45 11.89 13.63
CA GLY C 252 -60.43 12.16 12.64
C GLY C 252 -60.62 11.41 11.33
N THR C 253 -59.60 11.48 10.50
CA THR C 253 -59.61 10.83 9.19
C THR C 253 -59.77 9.31 9.23
N TYR C 254 -59.23 8.67 10.26
CA TYR C 254 -59.30 7.21 10.31
C TYR C 254 -60.71 6.65 10.35
N VAL C 255 -61.70 7.47 10.68
CA VAL C 255 -63.07 6.98 10.72
C VAL C 255 -63.87 7.33 9.48
N THR C 256 -63.28 8.09 8.56
CA THR C 256 -63.94 8.48 7.33
C THR C 256 -63.83 7.33 6.34
N GLU C 257 -64.65 7.35 5.29
CA GLU C 257 -64.60 6.29 4.28
C GLU C 257 -63.20 6.18 3.70
N LYS C 258 -62.60 7.32 3.39
CA LYS C 258 -61.25 7.36 2.84
C LYS C 258 -60.27 6.72 3.81
N GLY C 259 -60.35 7.14 5.07
CA GLY C 259 -59.45 6.60 6.09
C GLY C 259 -59.60 5.10 6.21
N LYS C 260 -60.83 4.63 6.31
CA LYS C 260 -61.08 3.20 6.44
C LYS C 260 -60.60 2.44 5.22
N PHE C 261 -60.73 3.03 4.04
CA PHE C 261 -60.27 2.36 2.84
C PHE C 261 -58.75 2.16 2.89
N PHE C 262 -58.03 3.22 3.22
CA PHE C 262 -56.58 3.15 3.29
C PHE C 262 -56.10 2.11 4.29
N LEU C 263 -56.64 2.17 5.50
CA LEU C 263 -56.27 1.26 6.57
C LEU C 263 -56.48 -0.20 6.18
N THR C 264 -57.58 -0.48 5.50
CA THR C 264 -57.88 -1.83 5.06
C THR C 264 -56.84 -2.23 4.02
N TRP C 265 -56.57 -1.33 3.08
CA TRP C 265 -55.58 -1.58 2.04
C TRP C 265 -54.21 -1.79 2.68
N TYR C 266 -53.84 -0.87 3.57
CA TYR C 266 -52.57 -0.89 4.27
C TYR C 266 -52.35 -2.18 5.05
N SER C 267 -53.35 -2.58 5.82
CA SER C 267 -53.25 -3.80 6.62
C SER C 267 -53.37 -5.06 5.77
N ASN C 268 -54.13 -5.00 4.68
CA ASN C 268 -54.30 -6.15 3.81
C ASN C 268 -52.98 -6.54 3.16
N LYS C 269 -52.13 -5.55 2.90
CA LYS C 269 -50.83 -5.79 2.26
C LYS C 269 -50.00 -6.76 3.11
N LEU C 270 -50.07 -6.62 4.42
CA LEU C 270 -49.31 -7.48 5.32
C LEU C 270 -49.87 -8.90 5.31
N LEU C 271 -51.20 -9.04 5.36
CA LEU C 271 -51.82 -10.36 5.33
C LEU C 271 -51.34 -11.12 4.09
N ASN C 272 -51.47 -10.52 2.92
CA ASN C 272 -51.06 -11.17 1.69
C ASN C 272 -49.55 -11.31 1.60
N HIS C 273 -48.85 -10.38 2.23
CA HIS C 273 -47.39 -10.43 2.26
C HIS C 273 -47.01 -11.74 2.96
N GLY C 274 -47.59 -11.95 4.13
CA GLY C 274 -47.29 -13.17 4.88
C GLY C 274 -47.85 -14.42 4.21
N ASP C 275 -49.04 -14.31 3.64
CA ASP C 275 -49.67 -15.46 2.99
C ASP C 275 -48.83 -15.94 1.80
N GLN C 276 -48.39 -15.00 0.98
CA GLN C 276 -47.59 -15.34 -0.19
C GLN C 276 -46.23 -15.93 0.16
N ILE C 277 -45.58 -15.36 1.16
CA ILE C 277 -44.27 -15.85 1.57
C ILE C 277 -44.40 -17.17 2.31
N LEU C 278 -45.48 -17.34 3.06
CA LEU C 278 -45.68 -18.59 3.76
C LEU C 278 -46.03 -19.66 2.72
N ASP C 279 -46.53 -19.25 1.57
CA ASP C 279 -46.83 -20.21 0.51
C ASP C 279 -45.54 -20.90 0.12
N GLU C 280 -44.46 -20.11 0.07
CA GLU C 280 -43.16 -20.63 -0.29
C GLU C 280 -42.54 -21.48 0.81
N ALA C 281 -42.82 -21.14 2.07
CA ALA C 281 -42.27 -21.89 3.18
C ALA C 281 -42.84 -23.31 3.19
N ASN C 282 -44.16 -23.43 3.05
CA ASN C 282 -44.81 -24.73 3.02
C ASN C 282 -44.23 -25.56 1.88
N LYS C 283 -43.94 -24.89 0.77
CA LYS C 283 -43.37 -25.57 -0.39
C LYS C 283 -41.94 -26.01 -0.07
N ALA C 284 -41.15 -25.08 0.47
CA ALA C 284 -39.76 -25.37 0.79
C ALA C 284 -39.57 -26.48 1.83
N PHE C 285 -40.38 -26.43 2.89
CA PHE C 285 -40.27 -27.41 3.97
C PHE C 285 -41.30 -28.53 3.94
N LEU C 286 -41.93 -28.72 2.79
CA LEU C 286 -42.93 -29.78 2.61
C LEU C 286 -42.37 -31.12 3.10
N GLY C 287 -43.10 -31.80 3.97
CA GLY C 287 -42.66 -33.08 4.48
C GLY C 287 -41.76 -33.06 5.70
N CYS C 288 -41.10 -31.94 5.95
CA CYS C 288 -40.21 -31.85 7.10
C CYS C 288 -41.02 -31.89 8.38
N LYS C 289 -40.48 -32.55 9.41
CA LYS C 289 -41.18 -32.64 10.68
C LYS C 289 -40.96 -31.41 11.54
N VAL C 290 -41.28 -30.25 10.97
CA VAL C 290 -41.14 -28.98 11.66
C VAL C 290 -42.47 -28.24 11.53
N LYS C 291 -42.61 -27.16 12.28
CA LYS C 291 -43.80 -26.34 12.23
C LYS C 291 -43.33 -25.00 11.67
N LEU C 292 -44.20 -24.31 10.94
CA LEU C 292 -43.85 -23.01 10.41
C LEU C 292 -44.32 -22.02 11.45
N ALA C 293 -43.80 -20.79 11.38
CA ALA C 293 -44.20 -19.76 12.33
C ALA C 293 -43.83 -18.39 11.81
N ILE C 294 -44.52 -17.37 12.33
CA ILE C 294 -44.23 -15.99 11.98
C ILE C 294 -44.21 -15.25 13.30
N LYS C 295 -43.65 -14.05 13.30
CA LYS C 295 -43.58 -13.24 14.51
C LYS C 295 -44.44 -11.99 14.35
N VAL C 296 -45.42 -11.85 15.24
CA VAL C 296 -46.32 -10.71 15.23
C VAL C 296 -45.84 -9.75 16.32
N SER C 297 -45.60 -8.49 15.94
CA SER C 297 -45.12 -7.52 16.88
C SER C 297 -46.17 -7.14 17.92
N GLY C 298 -45.70 -6.79 19.11
CA GLY C 298 -46.60 -6.40 20.18
C GLY C 298 -46.63 -4.89 20.36
N ILE C 299 -47.56 -4.22 19.68
CA ILE C 299 -47.70 -2.78 19.78
C ILE C 299 -48.77 -2.56 20.85
N HIS C 300 -48.33 -2.38 22.09
CA HIS C 300 -49.27 -2.21 23.19
C HIS C 300 -49.61 -0.75 23.51
N TRP C 301 -48.80 0.18 23.03
CA TRP C 301 -49.09 1.57 23.31
C TRP C 301 -50.26 2.09 22.45
N TRP C 302 -51.18 2.80 23.11
CA TRP C 302 -52.37 3.36 22.48
C TRP C 302 -53.44 2.30 22.27
N TYR C 303 -53.18 1.10 22.81
CA TYR C 303 -54.15 0.02 22.70
C TYR C 303 -55.39 0.42 23.50
N LYS C 304 -55.20 1.24 24.53
CA LYS C 304 -56.30 1.67 25.38
C LYS C 304 -57.17 2.82 24.89
N VAL C 305 -56.88 3.37 23.72
CA VAL C 305 -57.72 4.43 23.19
C VAL C 305 -58.30 3.99 21.86
N GLU C 306 -59.48 4.51 21.53
CA GLU C 306 -60.18 4.15 20.31
C GLU C 306 -59.37 4.12 19.01
N ASN C 307 -58.41 5.02 18.85
CA ASN C 307 -57.63 5.07 17.61
C ASN C 307 -56.57 4.00 17.43
N HIS C 308 -56.14 3.35 18.51
CA HIS C 308 -55.11 2.32 18.41
C HIS C 308 -54.07 2.80 17.38
N ALA C 309 -53.72 4.08 17.47
CA ALA C 309 -52.78 4.69 16.53
C ALA C 309 -51.50 3.90 16.24
N ALA C 310 -50.77 3.53 17.29
CA ALA C 310 -49.52 2.80 17.13
C ALA C 310 -49.71 1.48 16.37
N GLU C 311 -50.84 0.83 16.59
CA GLU C 311 -51.11 -0.43 15.90
C GLU C 311 -51.39 -0.20 14.42
N LEU C 312 -52.20 0.81 14.10
CA LEU C 312 -52.52 1.10 12.71
C LEU C 312 -51.30 1.47 11.87
N THR C 313 -50.42 2.32 12.39
CA THR C 313 -49.24 2.72 11.63
C THR C 313 -48.33 1.52 11.41
N ALA C 314 -48.37 0.55 12.32
CA ALA C 314 -47.56 -0.65 12.19
C ALA C 314 -48.15 -1.64 11.18
N GLY C 315 -49.43 -1.48 10.86
CA GLY C 315 -50.06 -2.37 9.90
C GLY C 315 -51.16 -3.25 10.48
N TYR C 316 -51.34 -3.22 11.79
CA TYR C 316 -52.39 -4.01 12.43
C TYR C 316 -53.61 -3.11 12.52
N TYR C 317 -54.60 -3.38 11.67
CA TYR C 317 -55.80 -2.57 11.67
C TYR C 317 -56.72 -3.05 12.80
N ASN C 318 -56.29 -2.76 14.03
CA ASN C 318 -57.00 -3.17 15.23
C ASN C 318 -57.76 -1.99 15.88
N LEU C 319 -59.06 -2.18 16.10
CA LEU C 319 -59.89 -1.17 16.72
C LEU C 319 -60.73 -1.85 17.80
N ASN C 320 -61.41 -1.06 18.62
CA ASN C 320 -62.24 -1.62 19.68
C ASN C 320 -63.30 -2.54 19.09
N ASP C 321 -63.71 -2.27 17.87
CA ASP C 321 -64.74 -3.07 17.23
C ASP C 321 -64.28 -3.71 15.92
N ARG C 322 -62.98 -3.98 15.82
CA ARG C 322 -62.41 -4.63 14.64
C ARG C 322 -61.17 -5.39 15.07
N ASP C 323 -61.25 -6.72 15.05
CA ASP C 323 -60.13 -7.54 15.46
C ASP C 323 -59.10 -7.55 14.33
N GLY C 324 -58.05 -6.76 14.49
CA GLY C 324 -57.02 -6.68 13.46
C GLY C 324 -55.96 -7.76 13.53
N TYR C 325 -56.11 -8.71 14.45
CA TYR C 325 -55.13 -9.79 14.59
C TYR C 325 -55.65 -11.16 14.18
N ARG C 326 -56.91 -11.45 14.47
CA ARG C 326 -57.45 -12.75 14.13
C ARG C 326 -57.37 -13.06 12.63
N PRO C 327 -57.46 -12.03 11.77
CA PRO C 327 -57.38 -12.32 10.34
C PRO C 327 -56.00 -12.91 10.04
N ILE C 328 -55.00 -12.46 10.80
CA ILE C 328 -53.63 -12.96 10.62
C ILE C 328 -53.59 -14.43 11.05
N ALA C 329 -54.24 -14.72 12.17
CA ALA C 329 -54.27 -16.09 12.66
C ALA C 329 -54.97 -16.99 11.65
N ARG C 330 -56.09 -16.52 11.09
CA ARG C 330 -56.82 -17.30 10.10
C ARG C 330 -55.95 -17.54 8.88
N MET C 331 -55.17 -16.53 8.52
CA MET C 331 -54.27 -16.64 7.38
C MET C 331 -53.26 -17.74 7.71
N LEU C 332 -52.74 -17.74 8.93
CA LEU C 332 -51.75 -18.73 9.36
C LEU C 332 -52.32 -20.13 9.37
N SER C 333 -53.61 -20.25 9.62
CA SER C 333 -54.24 -21.55 9.70
C SER C 333 -54.04 -22.38 8.44
N ARG C 334 -54.13 -21.78 7.26
CA ARG C 334 -53.95 -22.58 6.04
C ARG C 334 -52.52 -23.07 5.88
N HIS C 335 -51.60 -22.47 6.60
CA HIS C 335 -50.20 -22.86 6.54
C HIS C 335 -49.84 -23.74 7.74
N HIS C 336 -50.85 -24.04 8.56
CA HIS C 336 -50.65 -24.87 9.75
C HIS C 336 -49.57 -24.23 10.60
N ALA C 337 -49.47 -22.91 10.49
CA ALA C 337 -48.44 -22.14 11.18
C ALA C 337 -48.76 -21.63 12.58
N ILE C 338 -47.69 -21.43 13.33
CA ILE C 338 -47.76 -20.92 14.69
C ILE C 338 -47.70 -19.40 14.67
N LEU C 339 -48.44 -18.78 15.58
CA LEU C 339 -48.41 -17.33 15.69
C LEU C 339 -47.59 -17.06 16.94
N ASN C 340 -46.35 -16.61 16.74
CA ASN C 340 -45.42 -16.30 17.82
C ASN C 340 -45.64 -14.85 18.24
N PHE C 341 -46.13 -14.63 19.45
CA PHE C 341 -46.39 -13.28 19.91
C PHE C 341 -45.37 -12.82 20.95
N THR C 342 -45.71 -11.80 21.74
CA THR C 342 -44.78 -11.30 22.75
C THR C 342 -45.50 -10.56 23.89
N CYS C 343 -44.75 -9.80 24.69
CA CYS C 343 -45.31 -9.06 25.82
C CYS C 343 -45.93 -9.97 26.88
N LEU C 344 -45.54 -11.25 26.87
CA LEU C 344 -46.06 -12.20 27.85
C LEU C 344 -45.66 -11.86 29.27
N GLU C 345 -44.57 -11.13 29.42
CA GLU C 345 -44.07 -10.76 30.74
C GLU C 345 -44.58 -9.41 31.24
N MET C 346 -45.25 -8.66 30.38
CA MET C 346 -45.72 -7.33 30.77
C MET C 346 -47.05 -7.21 31.46
N ARG C 347 -47.14 -6.23 32.36
CA ARG C 347 -48.38 -5.91 33.06
C ARG C 347 -48.63 -4.45 32.78
N ASP C 348 -49.89 -4.10 32.63
CA ASP C 348 -50.28 -2.73 32.32
C ASP C 348 -49.74 -1.73 33.35
N SER C 349 -49.65 -2.15 34.61
CA SER C 349 -49.15 -1.27 35.66
C SER C 349 -47.66 -0.94 35.52
N GLU C 350 -47.01 -1.54 34.53
CA GLU C 350 -45.57 -1.28 34.35
C GLU C 350 -45.33 -0.19 33.31
N GLN C 351 -46.38 0.19 32.60
CA GLN C 351 -46.27 1.22 31.57
C GLN C 351 -46.78 2.56 32.10
N PRO C 352 -46.17 3.67 31.65
CA PRO C 352 -46.60 5.00 32.09
C PRO C 352 -48.00 5.27 31.56
N SER C 353 -48.87 5.83 32.40
CA SER C 353 -50.25 6.11 32.02
C SER C 353 -50.44 6.85 30.70
N ASP C 354 -49.55 7.80 30.44
CA ASP C 354 -49.64 8.60 29.22
C ASP C 354 -49.37 7.80 27.95
N ALA C 355 -49.22 6.49 28.08
CA ALA C 355 -48.96 5.66 26.91
C ALA C 355 -50.19 4.86 26.53
N LYS C 356 -51.18 4.83 27.42
CA LYS C 356 -52.43 4.09 27.18
C LYS C 356 -52.09 2.66 26.75
N SER C 357 -51.13 2.07 27.46
CA SER C 357 -50.65 0.73 27.17
C SER C 357 -51.48 -0.36 27.81
N GLY C 358 -51.79 -1.39 27.02
CA GLY C 358 -52.57 -2.51 27.52
C GLY C 358 -52.03 -3.83 27.00
N PRO C 359 -50.75 -4.14 27.28
CA PRO C 359 -50.13 -5.39 26.83
C PRO C 359 -50.87 -6.64 27.32
N GLN C 360 -51.40 -6.58 28.54
CA GLN C 360 -52.13 -7.71 29.07
C GLN C 360 -53.34 -7.97 28.19
N GLU C 361 -54.12 -6.93 27.92
CA GLU C 361 -55.29 -7.05 27.09
C GLU C 361 -54.93 -7.41 25.65
N LEU C 362 -53.81 -6.89 25.16
CA LEU C 362 -53.36 -7.20 23.81
C LEU C 362 -53.01 -8.67 23.69
N VAL C 363 -52.26 -9.18 24.68
CA VAL C 363 -51.86 -10.59 24.69
C VAL C 363 -53.11 -11.46 24.66
N GLN C 364 -54.09 -11.10 25.49
CA GLN C 364 -55.35 -11.83 25.56
C GLN C 364 -56.10 -11.83 24.23
N GLN C 365 -56.15 -10.69 23.55
CA GLN C 365 -56.87 -10.62 22.28
C GLN C 365 -56.24 -11.52 21.23
N VAL C 366 -54.91 -11.42 21.10
CA VAL C 366 -54.17 -12.20 20.12
C VAL C 366 -54.20 -13.70 20.41
N LEU C 367 -53.87 -14.07 21.64
CA LEU C 367 -53.89 -15.48 22.01
C LEU C 367 -55.29 -16.07 21.81
N SER C 368 -56.31 -15.38 22.29
CA SER C 368 -57.69 -15.84 22.17
C SER C 368 -58.09 -15.98 20.71
N GLY C 369 -57.73 -14.98 19.90
CA GLY C 369 -58.04 -15.01 18.49
C GLY C 369 -57.39 -16.22 17.82
N GLY C 370 -56.12 -16.47 18.16
CA GLY C 370 -55.42 -17.60 17.59
C GLY C 370 -56.10 -18.89 17.96
N TRP C 371 -56.37 -19.07 19.25
CA TRP C 371 -57.03 -20.27 19.71
C TRP C 371 -58.40 -20.40 19.08
N ARG C 372 -59.00 -19.25 18.77
CA ARG C 372 -60.31 -19.19 18.15
C ARG C 372 -60.22 -19.73 16.73
N GLU C 373 -59.06 -19.51 16.10
CA GLU C 373 -58.84 -19.98 14.74
C GLU C 373 -58.26 -21.38 14.75
N TYR C 374 -58.12 -21.95 15.94
CA TYR C 374 -57.57 -23.28 16.11
C TYR C 374 -56.14 -23.42 15.62
N ILE C 375 -55.31 -22.39 15.84
CA ILE C 375 -53.91 -22.46 15.45
C ILE C 375 -53.08 -22.46 16.72
N ARG C 376 -51.80 -22.78 16.59
CA ARG C 376 -50.91 -22.80 17.73
C ARG C 376 -50.45 -21.37 18.01
N VAL C 377 -50.33 -21.02 19.28
CA VAL C 377 -49.89 -19.67 19.63
C VAL C 377 -48.76 -19.75 20.64
N ALA C 378 -47.60 -19.25 20.26
CA ALA C 378 -46.44 -19.24 21.15
C ALA C 378 -46.13 -17.78 21.42
N GLY C 379 -45.10 -17.51 22.23
CA GLY C 379 -44.78 -16.14 22.54
C GLY C 379 -43.45 -15.92 23.22
N GLU C 380 -43.06 -14.66 23.32
CA GLU C 380 -41.81 -14.30 23.95
C GLU C 380 -42.06 -13.14 24.91
N ASN C 381 -41.06 -12.86 25.74
CA ASN C 381 -41.14 -11.74 26.66
C ASN C 381 -40.62 -10.61 25.79
N ALA C 382 -41.26 -9.45 25.84
CA ALA C 382 -40.82 -8.32 25.02
C ALA C 382 -39.51 -7.72 25.50
N LEU C 383 -39.41 -7.48 26.80
CA LEU C 383 -38.22 -6.87 27.38
C LEU C 383 -37.46 -7.77 28.34
N PRO C 384 -36.14 -7.61 28.42
CA PRO C 384 -35.33 -8.43 29.31
C PRO C 384 -35.89 -8.34 30.73
N ARG C 385 -36.09 -9.49 31.36
CA ARG C 385 -36.61 -9.54 32.72
C ARG C 385 -35.97 -10.73 33.42
N TYR C 386 -35.61 -10.55 34.69
CA TYR C 386 -34.99 -11.62 35.44
C TYR C 386 -35.71 -11.84 36.78
N ASP C 387 -36.77 -11.05 36.99
CA ASP C 387 -37.55 -11.12 38.22
C ASP C 387 -38.71 -12.11 38.24
N ALA C 388 -39.01 -12.59 39.44
CA ALA C 388 -40.09 -13.55 39.65
C ALA C 388 -41.42 -13.02 39.09
N THR C 389 -41.67 -11.73 39.29
CA THR C 389 -42.89 -11.11 38.81
C THR C 389 -43.08 -11.28 37.29
N ALA C 390 -42.01 -11.10 36.53
CA ALA C 390 -42.05 -11.24 35.08
C ALA C 390 -42.34 -12.68 34.68
N TYR C 391 -41.65 -13.61 35.31
CA TYR C 391 -41.84 -15.03 35.01
C TYR C 391 -43.26 -15.49 35.33
N ASN C 392 -43.84 -15.00 36.42
CA ASN C 392 -45.19 -15.40 36.78
C ASN C 392 -46.20 -14.92 35.72
N GLN C 393 -45.96 -13.73 35.18
CA GLN C 393 -46.86 -13.19 34.16
C GLN C 393 -46.79 -14.07 32.92
N ILE C 394 -45.58 -14.50 32.56
CA ILE C 394 -45.39 -15.35 31.39
C ILE C 394 -46.10 -16.68 31.63
N ILE C 395 -45.84 -17.27 32.79
CA ILE C 395 -46.47 -18.54 33.14
C ILE C 395 -47.99 -18.40 33.11
N LEU C 396 -48.48 -17.24 33.57
CA LEU C 396 -49.91 -16.99 33.55
C LEU C 396 -50.40 -17.05 32.11
N ASN C 397 -49.72 -16.34 31.22
CA ASN C 397 -50.10 -16.32 29.81
C ASN C 397 -49.87 -17.67 29.13
N ALA C 398 -48.93 -18.45 29.64
CA ALA C 398 -48.62 -19.77 29.07
C ALA C 398 -49.80 -20.72 29.26
N ARG C 399 -50.51 -20.56 30.37
CA ARG C 399 -51.69 -21.37 30.68
C ARG C 399 -52.68 -20.43 31.39
N PRO C 400 -53.39 -19.60 30.61
CA PRO C 400 -54.38 -18.62 31.10
C PRO C 400 -55.35 -19.11 32.17
N GLN C 401 -55.78 -20.37 32.07
CA GLN C 401 -56.72 -20.90 33.05
C GLN C 401 -56.07 -21.92 33.97
N GLY C 402 -54.75 -21.81 34.10
CA GLY C 402 -53.99 -22.70 34.97
C GLY C 402 -53.91 -24.14 34.51
N VAL C 403 -53.33 -24.96 35.37
CA VAL C 403 -53.17 -26.38 35.10
C VAL C 403 -54.52 -27.09 35.20
N ASN C 404 -54.68 -28.16 34.45
CA ASN C 404 -55.89 -28.96 34.48
C ASN C 404 -55.49 -30.29 35.08
N ASN C 405 -56.16 -30.68 36.17
CA ASN C 405 -55.85 -31.93 36.85
C ASN C 405 -56.30 -33.18 36.12
N ASN C 406 -57.19 -33.03 35.14
CA ASN C 406 -57.68 -34.17 34.39
C ASN C 406 -57.63 -33.93 32.89
N GLY C 407 -56.43 -33.84 32.35
CA GLY C 407 -56.29 -33.61 30.92
C GLY C 407 -55.44 -32.40 30.60
N PRO C 408 -55.15 -32.15 29.33
CA PRO C 408 -54.34 -30.99 28.98
C PRO C 408 -55.06 -29.72 29.42
N PRO C 409 -54.32 -28.62 29.60
CA PRO C 409 -54.93 -27.36 30.02
C PRO C 409 -56.04 -26.90 29.09
N LYS C 410 -57.03 -26.21 29.66
CA LYS C 410 -58.15 -25.71 28.88
C LYS C 410 -57.63 -24.79 27.77
N LEU C 411 -56.69 -23.93 28.14
CA LEU C 411 -56.03 -23.03 27.19
C LEU C 411 -54.55 -23.20 27.44
N SER C 412 -53.76 -23.22 26.38
CA SER C 412 -52.34 -23.39 26.53
C SER C 412 -51.57 -22.84 25.36
N MET C 413 -50.44 -22.19 25.63
CA MET C 413 -49.61 -21.68 24.55
C MET C 413 -48.77 -22.84 24.06
N PHE C 414 -48.44 -22.85 22.78
CA PHE C 414 -47.66 -23.92 22.20
C PHE C 414 -46.25 -23.96 22.77
N GLY C 415 -45.72 -22.79 23.09
CA GLY C 415 -44.39 -22.71 23.66
C GLY C 415 -43.99 -21.28 23.96
N VAL C 416 -42.94 -21.10 24.74
CA VAL C 416 -42.46 -19.77 25.06
C VAL C 416 -40.97 -19.66 24.78
N THR C 417 -40.58 -18.59 24.10
CA THR C 417 -39.18 -18.38 23.78
C THR C 417 -38.71 -17.18 24.59
N TYR C 418 -37.77 -17.45 25.49
CA TYR C 418 -37.23 -16.43 26.37
C TYR C 418 -36.09 -15.63 25.77
N LEU C 419 -36.20 -14.31 25.91
CA LEU C 419 -35.19 -13.37 25.43
C LEU C 419 -34.54 -12.89 26.72
N ARG C 420 -33.23 -13.05 26.87
CA ARG C 420 -32.34 -13.66 25.88
C ARG C 420 -31.17 -14.31 26.64
N LEU C 421 -30.47 -15.25 26.00
CA LEU C 421 -29.33 -15.90 26.65
C LEU C 421 -28.20 -14.89 26.78
N SER C 422 -27.79 -14.64 28.02
CA SER C 422 -26.72 -13.69 28.31
C SER C 422 -25.98 -14.10 29.57
N ASP C 423 -24.91 -13.38 29.89
CA ASP C 423 -24.13 -13.66 31.09
C ASP C 423 -25.00 -13.32 32.28
N ASP C 424 -25.74 -12.21 32.18
CA ASP C 424 -26.63 -11.77 33.23
C ASP C 424 -27.56 -12.91 33.65
N LEU C 425 -28.17 -13.57 32.66
CA LEU C 425 -29.08 -14.67 32.94
C LEU C 425 -28.41 -15.81 33.71
N LEU C 426 -27.17 -16.12 33.34
CA LEU C 426 -26.45 -17.21 34.00
C LEU C 426 -25.91 -16.88 35.39
N GLN C 427 -26.04 -15.63 35.81
CA GLN C 427 -25.57 -15.27 37.14
C GLN C 427 -26.38 -16.07 38.15
N LYS C 428 -25.72 -16.47 39.22
CA LYS C 428 -26.33 -17.29 40.27
C LYS C 428 -27.78 -16.98 40.63
N SER C 429 -28.03 -15.79 41.17
CA SER C 429 -29.38 -15.43 41.57
C SER C 429 -30.37 -15.38 40.42
N ASN C 430 -30.01 -14.72 39.33
CA ASN C 430 -30.93 -14.65 38.19
C ASN C 430 -31.26 -16.03 37.66
N PHE C 431 -30.23 -16.85 37.47
CA PHE C 431 -30.42 -18.19 36.94
C PHE C 431 -31.27 -19.08 37.84
N ASN C 432 -31.13 -18.94 39.16
CA ASN C 432 -31.93 -19.76 40.05
C ASN C 432 -33.41 -19.45 39.92
N ILE C 433 -33.73 -18.19 39.61
CA ILE C 433 -35.12 -17.80 39.44
C ILE C 433 -35.61 -18.36 38.11
N PHE C 434 -34.73 -18.32 37.10
CA PHE C 434 -35.04 -18.83 35.77
C PHE C 434 -35.34 -20.32 35.81
N LYS C 435 -34.48 -21.06 36.52
CA LYS C 435 -34.67 -22.49 36.64
C LYS C 435 -36.05 -22.80 37.19
N LYS C 436 -36.54 -21.98 38.12
CA LYS C 436 -37.87 -22.19 38.69
C LYS C 436 -38.93 -21.87 37.64
N PHE C 437 -38.66 -20.84 36.84
CA PHE C 437 -39.58 -20.45 35.78
C PHE C 437 -39.75 -21.63 34.83
N VAL C 438 -38.65 -22.31 34.51
CA VAL C 438 -38.69 -23.47 33.62
C VAL C 438 -39.49 -24.60 34.25
N LEU C 439 -39.27 -24.81 35.55
CA LEU C 439 -39.96 -25.87 36.28
C LEU C 439 -41.46 -25.67 36.20
N LYS C 440 -41.93 -24.45 36.50
CA LYS C 440 -43.35 -24.14 36.48
C LYS C 440 -43.96 -24.20 35.07
N MET C 441 -43.17 -23.86 34.06
CA MET C 441 -43.63 -23.91 32.68
C MET C 441 -43.83 -25.37 32.36
N HIS C 442 -43.04 -26.20 33.02
CA HIS C 442 -43.08 -27.64 32.84
C HIS C 442 -44.08 -28.29 33.81
N ALA C 443 -44.92 -27.46 34.42
CA ALA C 443 -45.92 -27.95 35.36
C ALA C 443 -45.28 -28.77 36.47
N ASP C 444 -44.17 -28.27 37.01
CA ASP C 444 -43.44 -28.94 38.09
C ASP C 444 -42.79 -30.24 37.69
N GLN C 445 -42.85 -30.58 36.41
CA GLN C 445 -42.24 -31.82 35.95
C GLN C 445 -40.83 -31.55 35.45
N ASP C 446 -40.01 -32.61 35.42
CA ASP C 446 -38.64 -32.48 34.93
C ASP C 446 -38.66 -32.40 33.41
N TYR C 447 -37.54 -31.98 32.84
CA TYR C 447 -37.41 -31.89 31.39
C TYR C 447 -37.95 -33.17 30.80
N CYS C 448 -38.72 -33.05 29.72
CA CYS C 448 -39.29 -34.21 29.07
C CYS C 448 -38.82 -34.24 27.63
N ALA C 449 -38.09 -35.29 27.25
CA ALA C 449 -37.56 -35.42 25.91
C ALA C 449 -38.60 -35.78 24.85
N ASN C 450 -39.58 -36.60 25.21
CA ASN C 450 -40.60 -37.01 24.25
C ASN C 450 -41.79 -36.06 24.20
N PRO C 451 -41.94 -35.33 23.08
CA PRO C 451 -43.04 -34.37 22.89
C PRO C 451 -44.42 -34.97 23.03
N GLN C 452 -44.56 -36.24 22.65
CA GLN C 452 -45.85 -36.90 22.75
C GLN C 452 -46.45 -36.76 24.15
N LYS C 453 -45.58 -36.74 25.15
CA LYS C 453 -46.04 -36.63 26.53
C LYS C 453 -46.59 -35.27 26.92
N TYR C 454 -46.19 -34.21 26.21
CA TYR C 454 -46.74 -32.92 26.53
C TYR C 454 -47.60 -32.38 25.38
N ASN C 455 -48.37 -33.28 24.80
CA ASN C 455 -49.30 -32.96 23.73
C ASN C 455 -48.74 -32.28 22.47
N HIS C 456 -47.45 -32.43 22.20
CA HIS C 456 -46.89 -31.83 21.00
C HIS C 456 -46.67 -32.86 19.90
N ALA C 457 -47.61 -32.93 18.95
CA ALA C 457 -47.52 -33.87 17.85
C ALA C 457 -46.45 -33.43 16.86
N ILE C 458 -45.43 -34.26 16.68
CA ILE C 458 -44.35 -33.96 15.75
C ILE C 458 -44.58 -34.82 14.49
N THR C 459 -45.03 -34.16 13.42
CA THR C 459 -45.34 -34.83 12.16
C THR C 459 -44.87 -34.06 10.92
N PRO C 460 -44.88 -34.72 9.75
CA PRO C 460 -44.44 -34.08 8.51
C PRO C 460 -45.32 -32.88 8.16
N LEU C 461 -44.69 -31.78 7.74
CA LEU C 461 -45.42 -30.57 7.36
C LEU C 461 -46.26 -30.84 6.12
N LYS C 462 -47.55 -30.57 6.20
CA LYS C 462 -48.45 -30.78 5.08
C LYS C 462 -48.50 -29.54 4.19
N PRO C 463 -48.79 -29.74 2.89
CA PRO C 463 -48.86 -28.57 2.01
C PRO C 463 -49.94 -27.61 2.52
N SER C 464 -49.88 -26.36 2.08
CA SER C 464 -50.86 -25.36 2.50
C SER C 464 -52.27 -25.74 2.10
N ALA C 465 -53.24 -25.37 2.93
CA ALA C 465 -54.65 -25.64 2.64
C ALA C 465 -55.08 -24.67 1.52
N PRO C 466 -56.27 -24.88 0.93
CA PRO C 466 -56.68 -23.97 -0.15
C PRO C 466 -56.62 -22.50 0.25
N LYS C 467 -56.43 -21.64 -0.73
CA LYS C 467 -56.38 -20.20 -0.49
C LYS C 467 -57.66 -19.73 0.18
N ILE C 468 -57.53 -18.78 1.10
CA ILE C 468 -58.67 -18.22 1.78
C ILE C 468 -58.82 -16.80 1.24
N PRO C 469 -59.93 -16.51 0.54
CA PRO C 469 -60.15 -15.18 -0.02
C PRO C 469 -60.09 -14.05 1.01
N ILE C 470 -59.57 -12.91 0.58
CA ILE C 470 -59.43 -11.75 1.46
C ILE C 470 -60.69 -11.45 2.27
N GLU C 471 -61.86 -11.51 1.64
CA GLU C 471 -63.08 -11.22 2.39
C GLU C 471 -63.33 -12.22 3.49
N VAL C 472 -62.90 -13.47 3.29
CA VAL C 472 -63.09 -14.49 4.30
C VAL C 472 -62.09 -14.28 5.44
N LEU C 473 -60.90 -13.81 5.10
CA LEU C 473 -59.90 -13.55 6.12
C LEU C 473 -60.41 -12.39 6.96
N LEU C 474 -61.00 -11.40 6.29
CA LEU C 474 -61.50 -10.22 6.99
C LEU C 474 -62.77 -10.47 7.80
N GLU C 475 -63.38 -11.64 7.61
CA GLU C 475 -64.57 -11.95 8.40
C GLU C 475 -64.08 -12.15 9.84
N ALA C 476 -62.79 -12.42 10.00
CA ALA C 476 -62.23 -12.65 11.32
C ALA C 476 -62.05 -11.36 12.11
N THR C 477 -62.41 -10.23 11.52
CA THR C 477 -62.29 -8.96 12.22
C THR C 477 -63.46 -8.75 13.17
N LYS C 478 -64.48 -9.60 13.04
CA LYS C 478 -65.63 -9.48 13.92
C LYS C 478 -65.18 -9.55 15.37
N PRO C 479 -65.52 -8.52 16.17
CA PRO C 479 -65.13 -8.49 17.58
C PRO C 479 -65.64 -9.70 18.36
N THR C 480 -64.79 -10.21 19.24
CA THR C 480 -65.16 -11.35 20.07
C THR C 480 -64.45 -11.20 21.40
N ARG C 481 -65.19 -11.44 22.48
CA ARG C 481 -64.64 -11.33 23.82
C ARG C 481 -63.54 -12.36 23.98
N PRO C 482 -62.42 -11.98 24.60
CA PRO C 482 -61.32 -12.93 24.78
C PRO C 482 -61.73 -13.94 25.85
N PHE C 483 -61.04 -15.09 25.88
CA PHE C 483 -61.35 -16.10 26.88
C PHE C 483 -61.00 -15.56 28.26
N PRO C 484 -61.66 -16.07 29.31
CA PRO C 484 -61.39 -15.60 30.68
C PRO C 484 -59.97 -16.00 31.13
N TRP C 485 -59.26 -15.06 31.75
CA TRP C 485 -57.91 -15.29 32.24
C TRP C 485 -57.95 -15.35 33.76
N LEU C 486 -57.02 -16.10 34.34
CA LEU C 486 -56.94 -16.16 35.78
C LEU C 486 -56.29 -14.82 36.12
N ASP C 487 -56.49 -14.34 37.34
CA ASP C 487 -55.90 -13.07 37.75
C ASP C 487 -54.42 -13.27 38.12
N GLU C 488 -54.13 -14.44 38.67
CA GLU C 488 -52.77 -14.82 39.07
C GLU C 488 -52.61 -16.27 38.66
N THR C 489 -51.43 -16.65 38.23
CA THR C 489 -51.21 -18.04 37.83
C THR C 489 -51.27 -18.94 39.05
N ASP C 490 -51.52 -20.22 38.81
CA ASP C 490 -51.58 -21.21 39.88
C ASP C 490 -50.21 -21.86 40.01
N MET C 491 -49.26 -21.43 39.18
CA MET C 491 -47.91 -21.97 39.21
C MET C 491 -46.82 -20.89 39.31
N LYS C 492 -46.84 -20.13 40.40
CA LYS C 492 -45.85 -19.07 40.60
C LYS C 492 -44.47 -19.70 40.79
N VAL C 493 -43.43 -19.00 40.33
CA VAL C 493 -42.07 -19.51 40.45
C VAL C 493 -41.72 -19.72 41.92
N ASP C 494 -42.56 -19.17 42.79
CA ASP C 494 -42.39 -19.33 44.22
C ASP C 494 -43.51 -20.26 44.69
N GLY C 495 -44.43 -19.71 45.48
CA GLY C 495 -45.55 -20.49 45.98
C GLY C 495 -46.80 -20.28 45.14
N ASN D 6 5.48 27.66 -46.96
CA ASN D 6 5.88 26.54 -47.86
C ASN D 6 4.98 25.34 -47.63
N MET D 7 4.69 24.63 -48.71
CA MET D 7 3.87 23.44 -48.63
C MET D 7 4.63 22.41 -47.79
N LEU D 8 5.96 22.52 -47.79
CA LEU D 8 6.79 21.61 -47.01
C LEU D 8 6.49 21.69 -45.52
N LEU D 9 6.13 22.88 -45.04
CA LEU D 9 5.81 23.08 -43.64
C LEU D 9 4.47 22.40 -43.34
N ASN D 10 3.75 22.04 -44.41
CA ASN D 10 2.44 21.39 -44.29
C ASN D 10 2.56 19.90 -44.62
N TYR D 11 3.78 19.49 -44.92
CA TYR D 11 4.08 18.11 -45.26
C TYR D 11 4.01 17.26 -43.99
N VAL D 12 3.15 16.25 -44.00
CA VAL D 12 3.02 15.35 -42.86
C VAL D 12 3.58 13.99 -43.28
N PRO D 13 4.64 13.52 -42.61
CA PRO D 13 5.26 12.23 -42.94
C PRO D 13 4.33 11.01 -42.86
N VAL D 14 4.49 10.11 -43.83
CA VAL D 14 3.68 8.90 -43.90
C VAL D 14 4.53 7.64 -43.69
N TYR D 15 4.10 6.80 -42.76
CA TYR D 15 4.81 5.56 -42.46
C TYR D 15 3.93 4.36 -42.78
N VAL D 16 4.55 3.23 -43.12
CA VAL D 16 3.80 2.02 -43.45
C VAL D 16 4.18 0.86 -42.52
N MET D 17 3.16 0.29 -41.88
CA MET D 17 3.36 -0.84 -40.97
C MET D 17 3.80 -2.06 -41.77
N LEU D 18 4.88 -2.71 -41.33
CA LEU D 18 5.39 -3.89 -42.03
C LEU D 18 4.48 -5.10 -41.82
N PRO D 19 4.61 -6.13 -42.68
CA PRO D 19 3.80 -7.34 -42.58
C PRO D 19 4.13 -8.03 -41.26
N LEU D 20 3.15 -8.65 -40.61
CA LEU D 20 3.42 -9.32 -39.35
C LEU D 20 4.35 -10.49 -39.58
N GLY D 21 5.20 -10.78 -38.58
CA GLY D 21 6.11 -11.90 -38.69
C GLY D 21 7.30 -11.69 -39.63
N VAL D 22 7.58 -10.45 -40.00
CA VAL D 22 8.71 -10.18 -40.89
C VAL D 22 9.92 -10.90 -40.30
N VAL D 23 10.00 -10.87 -38.97
CA VAL D 23 11.01 -11.61 -38.23
C VAL D 23 10.05 -12.63 -37.59
N ASN D 24 10.26 -13.92 -37.86
CA ASN D 24 9.35 -14.94 -37.34
C ASN D 24 9.55 -15.36 -35.88
N VAL D 25 8.61 -16.17 -35.39
CA VAL D 25 8.64 -16.66 -34.02
C VAL D 25 9.95 -17.34 -33.64
N ASP D 26 10.70 -17.81 -34.63
CA ASP D 26 11.97 -18.48 -34.38
C ASP D 26 13.13 -17.48 -34.44
N ASN D 27 12.78 -16.21 -34.44
CA ASN D 27 13.75 -15.13 -34.49
C ASN D 27 14.64 -15.21 -35.71
N VAL D 28 14.01 -15.36 -36.87
CA VAL D 28 14.75 -15.41 -38.12
C VAL D 28 14.15 -14.41 -39.11
N PHE D 29 15.01 -13.63 -39.77
CA PHE D 29 14.54 -12.66 -40.76
C PHE D 29 14.46 -13.48 -42.01
N GLU D 30 13.31 -14.11 -42.19
CA GLU D 30 13.06 -15.01 -43.31
C GLU D 30 13.20 -14.54 -44.75
N ASP D 31 12.37 -13.58 -45.15
CA ASP D 31 12.40 -13.17 -46.53
C ASP D 31 12.84 -11.74 -46.80
N PRO D 32 14.16 -11.50 -46.75
CA PRO D 32 14.73 -10.17 -46.97
C PRO D 32 14.57 -9.73 -48.41
N ASP D 33 14.77 -10.68 -49.33
CA ASP D 33 14.64 -10.37 -50.74
C ASP D 33 13.20 -9.95 -51.04
N GLY D 34 12.25 -10.69 -50.48
CA GLY D 34 10.85 -10.35 -50.70
C GLY D 34 10.46 -9.01 -50.08
N LEU D 35 10.92 -8.74 -48.86
CA LEU D 35 10.59 -7.50 -48.19
C LEU D 35 11.29 -6.33 -48.90
N LYS D 36 12.57 -6.51 -49.20
CA LYS D 36 13.34 -5.47 -49.87
C LYS D 36 12.64 -5.00 -51.14
N GLU D 37 12.07 -5.96 -51.86
CA GLU D 37 11.38 -5.64 -53.11
C GLU D 37 10.21 -4.70 -52.79
N GLN D 38 9.46 -5.02 -51.74
CA GLN D 38 8.32 -4.18 -51.35
C GLN D 38 8.75 -2.82 -50.81
N LEU D 39 9.82 -2.79 -50.02
CA LEU D 39 10.30 -1.54 -49.43
C LEU D 39 10.78 -0.56 -50.50
N LEU D 40 11.42 -1.08 -51.56
CA LEU D 40 11.90 -0.21 -52.64
C LEU D 40 10.70 0.48 -53.29
N GLN D 41 9.61 -0.26 -53.43
CA GLN D 41 8.39 0.29 -54.02
C GLN D 41 7.80 1.36 -53.12
N LEU D 42 7.86 1.16 -51.81
CA LEU D 42 7.34 2.15 -50.88
C LEU D 42 8.19 3.41 -51.02
N ARG D 43 9.50 3.23 -50.92
CA ARG D 43 10.44 4.32 -51.04
C ARG D 43 10.17 5.08 -52.33
N ALA D 44 10.03 4.34 -53.42
CA ALA D 44 9.77 4.92 -54.73
C ALA D 44 8.48 5.72 -54.72
N ALA D 45 7.53 5.28 -53.91
CA ALA D 45 6.24 5.96 -53.82
C ALA D 45 6.33 7.20 -52.93
N GLY D 46 7.46 7.38 -52.25
CA GLY D 46 7.63 8.54 -51.40
C GLY D 46 7.37 8.30 -49.92
N VAL D 47 7.18 7.06 -49.52
CA VAL D 47 6.95 6.77 -48.12
C VAL D 47 8.16 7.20 -47.29
N ASP D 48 7.89 7.84 -46.16
CA ASP D 48 8.98 8.31 -45.30
C ASP D 48 9.63 7.18 -44.52
N GLY D 49 8.81 6.34 -43.90
CA GLY D 49 9.37 5.23 -43.14
C GLY D 49 8.38 4.10 -42.94
N VAL D 50 8.73 3.17 -42.06
CA VAL D 50 7.88 2.02 -41.78
C VAL D 50 7.79 1.80 -40.28
N MET D 51 6.86 0.95 -39.86
CA MET D 51 6.69 0.62 -38.46
C MET D 51 6.78 -0.89 -38.33
N VAL D 52 7.32 -1.37 -37.22
CA VAL D 52 7.44 -2.80 -37.00
C VAL D 52 7.31 -3.14 -35.52
N ASP D 53 6.68 -4.28 -35.24
CA ASP D 53 6.53 -4.74 -33.88
C ASP D 53 7.83 -5.44 -33.52
N VAL D 54 8.42 -5.06 -32.39
CA VAL D 54 9.65 -5.71 -31.93
C VAL D 54 9.14 -6.61 -30.82
N TRP D 55 8.66 -7.80 -31.22
CA TRP D 55 8.07 -8.77 -30.32
C TRP D 55 8.89 -9.30 -29.15
N TRP D 56 8.36 -9.08 -27.95
CA TRP D 56 8.97 -9.54 -26.72
C TRP D 56 9.04 -11.06 -26.79
N GLY D 57 7.97 -11.66 -27.29
CA GLY D 57 7.90 -13.10 -27.44
C GLY D 57 8.97 -13.68 -28.34
N ILE D 58 9.57 -12.83 -29.16
CA ILE D 58 10.63 -13.30 -30.05
C ILE D 58 12.01 -13.03 -29.43
N ILE D 59 12.21 -11.80 -28.96
CA ILE D 59 13.46 -11.35 -28.40
C ILE D 59 13.94 -12.03 -27.11
N GLU D 60 13.06 -12.15 -26.11
CA GLU D 60 13.44 -12.76 -24.84
C GLU D 60 12.84 -14.15 -24.63
N LEU D 61 12.73 -14.92 -25.71
CA LEU D 61 12.17 -16.26 -25.62
C LEU D 61 13.04 -17.26 -24.86
N LYS D 62 14.31 -17.34 -25.21
CA LYS D 62 15.22 -18.29 -24.56
C LYS D 62 15.14 -18.24 -23.04
N GLY D 63 14.98 -17.06 -22.48
CA GLY D 63 14.89 -16.96 -21.02
C GLY D 63 15.05 -15.55 -20.50
N PRO D 64 14.92 -15.37 -19.17
CA PRO D 64 15.05 -14.06 -18.53
C PRO D 64 16.35 -13.37 -18.89
N LYS D 65 16.23 -12.20 -19.54
CA LYS D 65 17.38 -11.42 -19.95
C LYS D 65 18.26 -12.06 -21.01
N GLN D 66 17.69 -13.00 -21.75
CA GLN D 66 18.42 -13.66 -22.83
C GLN D 66 17.84 -13.05 -24.09
N TYR D 67 18.47 -11.97 -24.55
CA TYR D 67 18.02 -11.24 -25.72
C TYR D 67 18.83 -11.58 -26.97
N ASP D 68 18.12 -11.85 -28.06
CA ASP D 68 18.75 -12.16 -29.35
C ASP D 68 18.21 -11.11 -30.31
N TRP D 69 19.04 -10.13 -30.64
CA TRP D 69 18.66 -9.04 -31.53
C TRP D 69 19.17 -9.20 -32.97
N ARG D 70 19.87 -10.29 -33.22
CA ARG D 70 20.45 -10.56 -34.54
C ARG D 70 19.48 -10.37 -35.70
N ALA D 71 18.38 -11.11 -35.70
CA ALA D 71 17.40 -11.00 -36.80
C ALA D 71 16.82 -9.61 -36.95
N TYR D 72 16.44 -8.97 -35.85
CA TYR D 72 15.87 -7.62 -35.95
C TYR D 72 16.90 -6.62 -36.47
N ARG D 73 18.16 -6.84 -36.11
CA ARG D 73 19.24 -5.98 -36.59
C ARG D 73 19.38 -6.08 -38.11
N SER D 74 19.18 -7.27 -38.66
CA SER D 74 19.27 -7.47 -40.10
C SER D 74 18.10 -6.77 -40.76
N LEU D 75 16.96 -6.79 -40.08
CA LEU D 75 15.76 -6.14 -40.59
C LEU D 75 16.03 -4.64 -40.65
N LEU D 76 16.41 -4.07 -39.51
CA LEU D 76 16.71 -2.64 -39.45
C LEU D 76 17.76 -2.24 -40.48
N GLN D 77 18.74 -3.10 -40.70
CA GLN D 77 19.80 -2.82 -41.67
C GLN D 77 19.20 -2.70 -43.06
N LEU D 78 18.28 -3.59 -43.41
CA LEU D 78 17.65 -3.54 -44.72
C LEU D 78 16.85 -2.26 -44.86
N VAL D 79 16.10 -1.93 -43.83
CA VAL D 79 15.28 -0.73 -43.86
C VAL D 79 16.16 0.49 -44.18
N GLN D 80 17.26 0.62 -43.45
CA GLN D 80 18.20 1.72 -43.63
C GLN D 80 18.76 1.77 -45.06
N GLU D 81 19.21 0.61 -45.55
CA GLU D 81 19.76 0.53 -46.91
C GLU D 81 18.72 0.93 -47.95
N CYS D 82 17.44 0.80 -47.59
CA CYS D 82 16.35 1.15 -48.49
C CYS D 82 16.00 2.64 -48.39
N GLY D 83 16.70 3.34 -47.50
CA GLY D 83 16.45 4.76 -47.34
C GLY D 83 15.17 5.12 -46.63
N LEU D 84 14.75 4.26 -45.70
CA LEU D 84 13.53 4.50 -44.94
C LEU D 84 13.85 4.60 -43.46
N THR D 85 13.03 5.32 -42.71
CA THR D 85 13.20 5.44 -41.28
C THR D 85 12.31 4.40 -40.61
N LEU D 86 12.50 4.17 -39.32
CA LEU D 86 11.71 3.15 -38.65
C LEU D 86 11.14 3.52 -37.29
N GLN D 87 9.86 3.18 -37.10
CA GLN D 87 9.19 3.41 -35.83
C GLN D 87 9.21 2.01 -35.21
N ALA D 88 9.91 1.86 -34.09
CA ALA D 88 10.02 0.56 -33.43
C ALA D 88 9.08 0.47 -32.24
N ILE D 89 8.25 -0.57 -32.22
CA ILE D 89 7.31 -0.78 -31.13
C ILE D 89 7.87 -1.81 -30.15
N MET D 90 7.94 -1.45 -28.88
CA MET D 90 8.40 -2.37 -27.85
C MET D 90 7.12 -3.14 -27.55
N SER D 91 6.87 -4.17 -28.36
CA SER D 91 5.67 -5.00 -28.25
C SER D 91 5.70 -6.07 -27.17
N PHE D 92 5.37 -5.69 -25.95
CA PHE D 92 5.36 -6.61 -24.82
C PHE D 92 4.02 -7.33 -24.74
N HIS D 93 3.45 -7.67 -25.89
CA HIS D 93 2.15 -8.35 -25.92
C HIS D 93 2.11 -9.50 -26.92
N GLN D 94 1.03 -10.26 -26.88
CA GLN D 94 0.86 -11.39 -27.77
C GLN D 94 0.44 -11.00 -29.18
N CYS D 95 1.00 -11.67 -30.17
CA CYS D 95 0.66 -11.44 -31.57
C CYS D 95 -0.20 -12.62 -31.97
N GLY D 96 -1.33 -12.35 -32.62
CA GLY D 96 -2.22 -13.42 -33.02
C GLY D 96 -2.96 -13.97 -31.82
N GLY D 97 -3.28 -15.26 -31.85
CA GLY D 97 -3.99 -15.85 -30.72
C GLY D 97 -5.43 -16.21 -31.02
N ASN D 98 -5.94 -15.79 -32.18
CA ASN D 98 -7.30 -16.11 -32.56
C ASN D 98 -7.28 -17.12 -33.70
N VAL D 99 -8.37 -17.86 -33.84
CA VAL D 99 -8.44 -18.85 -34.91
C VAL D 99 -8.37 -18.11 -36.25
N GLY D 100 -7.41 -18.47 -37.08
CA GLY D 100 -7.27 -17.81 -38.36
C GLY D 100 -6.00 -16.97 -38.45
N ASP D 101 -5.57 -16.44 -37.30
CA ASP D 101 -4.35 -15.63 -37.25
C ASP D 101 -3.18 -16.45 -37.79
N ILE D 102 -2.57 -15.93 -38.85
CA ILE D 102 -1.43 -16.58 -39.49
C ILE D 102 -0.18 -16.52 -38.61
N VAL D 103 0.11 -15.32 -38.10
CA VAL D 103 1.27 -15.13 -37.26
C VAL D 103 0.93 -15.12 -35.78
N ASN D 104 1.42 -16.12 -35.05
CA ASN D 104 1.17 -16.23 -33.62
C ASN D 104 2.48 -16.12 -32.84
N ILE D 105 2.58 -15.07 -32.04
CA ILE D 105 3.77 -14.85 -31.23
C ILE D 105 3.39 -14.58 -29.79
N PRO D 106 3.24 -15.64 -28.98
CA PRO D 106 2.87 -15.42 -27.59
C PRO D 106 4.02 -14.72 -26.84
N ILE D 107 3.75 -14.24 -25.64
CA ILE D 107 4.78 -13.59 -24.85
C ILE D 107 5.74 -14.72 -24.46
N PRO D 108 6.94 -14.38 -23.96
CA PRO D 108 7.92 -15.40 -23.57
C PRO D 108 7.32 -16.59 -22.83
N GLN D 109 7.60 -17.79 -23.32
CA GLN D 109 7.11 -19.01 -22.70
C GLN D 109 7.47 -19.05 -21.22
N TRP D 110 8.67 -18.61 -20.86
CA TRP D 110 9.10 -18.62 -19.47
C TRP D 110 8.23 -17.75 -18.59
N VAL D 111 7.54 -16.79 -19.21
CA VAL D 111 6.64 -15.92 -18.47
C VAL D 111 5.35 -16.71 -18.30
N LEU D 112 4.94 -17.39 -19.36
CA LEU D 112 3.73 -18.19 -19.32
C LEU D 112 3.91 -19.35 -18.33
N ASP D 113 5.14 -19.83 -18.17
CA ASP D 113 5.40 -20.92 -17.22
C ASP D 113 5.06 -20.42 -15.83
N ILE D 114 5.48 -19.18 -15.54
CA ILE D 114 5.20 -18.57 -14.25
C ILE D 114 3.70 -18.45 -14.14
N GLY D 115 3.07 -18.15 -15.27
CA GLY D 115 1.63 -18.00 -15.31
C GLY D 115 0.86 -19.24 -14.90
N GLU D 116 1.34 -20.42 -15.28
CA GLU D 116 0.67 -21.66 -14.94
C GLU D 116 0.56 -21.85 -13.44
N SER D 117 1.59 -21.46 -12.70
CA SER D 117 1.55 -21.60 -11.25
C SER D 117 1.00 -20.35 -10.57
N ASN D 118 0.81 -19.29 -11.35
CA ASN D 118 0.25 -18.05 -10.82
C ASN D 118 -0.59 -17.38 -11.90
N HIS D 119 -1.84 -17.83 -12.01
CA HIS D 119 -2.77 -17.34 -13.02
C HIS D 119 -3.12 -15.86 -12.89
N ASP D 120 -2.86 -15.28 -11.73
CA ASP D 120 -3.19 -13.87 -11.50
C ASP D 120 -2.24 -12.86 -12.14
N ILE D 121 -1.32 -13.33 -12.97
CA ILE D 121 -0.41 -12.40 -13.63
C ILE D 121 -1.07 -11.92 -14.94
N PHE D 122 -2.25 -12.46 -15.23
CA PHE D 122 -2.99 -12.11 -16.43
C PHE D 122 -4.23 -11.31 -16.11
N TYR D 123 -4.67 -10.49 -17.07
CA TYR D 123 -5.90 -9.72 -16.87
C TYR D 123 -6.99 -10.76 -16.74
N THR D 124 -7.86 -10.58 -15.75
CA THR D 124 -8.92 -11.54 -15.49
C THR D 124 -10.29 -10.90 -15.45
N ASN D 125 -11.26 -11.54 -16.11
CA ASN D 125 -12.60 -10.99 -16.11
C ASN D 125 -13.35 -11.55 -14.89
N ARG D 126 -14.55 -11.01 -14.65
CA ARG D 126 -15.34 -11.43 -13.51
C ARG D 126 -15.56 -12.94 -13.46
N SER D 127 -15.75 -13.56 -14.63
CA SER D 127 -15.98 -15.00 -14.70
C SER D 127 -14.75 -15.83 -14.35
N GLY D 128 -13.60 -15.16 -14.24
CA GLY D 128 -12.37 -15.86 -13.91
C GLY D 128 -11.50 -16.23 -15.10
N THR D 129 -11.94 -15.94 -16.32
CA THR D 129 -11.15 -16.26 -17.50
C THR D 129 -9.86 -15.44 -17.53
N ARG D 130 -8.75 -16.11 -17.83
CA ARG D 130 -7.45 -15.44 -17.89
C ARG D 130 -7.05 -15.09 -19.31
N ASN D 131 -6.60 -13.86 -19.51
CA ASN D 131 -6.17 -13.39 -20.83
C ASN D 131 -4.65 -13.44 -20.78
N LYS D 132 -4.05 -14.29 -21.62
CA LYS D 132 -2.59 -14.45 -21.63
C LYS D 132 -1.77 -13.55 -22.55
N GLU D 133 -2.41 -12.61 -23.22
CA GLU D 133 -1.70 -11.72 -24.15
C GLU D 133 -0.85 -10.62 -23.51
N TYR D 134 -1.05 -10.36 -22.22
CA TYR D 134 -0.31 -9.29 -21.56
C TYR D 134 -0.32 -9.49 -20.04
N LEU D 135 0.66 -8.89 -19.35
CA LEU D 135 0.73 -9.01 -17.89
C LEU D 135 -0.11 -7.90 -17.28
N THR D 136 -1.00 -8.25 -16.36
CA THR D 136 -1.87 -7.24 -15.73
C THR D 136 -1.10 -6.11 -15.08
N VAL D 137 -1.73 -4.94 -15.05
CA VAL D 137 -1.14 -3.77 -14.42
C VAL D 137 -0.86 -4.20 -12.99
N GLY D 138 -1.70 -5.10 -12.48
CA GLY D 138 -1.57 -5.57 -11.11
C GLY D 138 -0.19 -6.01 -10.66
N VAL D 139 0.64 -6.49 -11.58
CA VAL D 139 1.97 -6.96 -11.22
C VAL D 139 3.11 -6.09 -11.76
N ASP D 140 2.77 -4.88 -12.20
CA ASP D 140 3.77 -3.95 -12.72
C ASP D 140 4.95 -3.84 -11.74
N ASN D 141 4.63 -3.79 -10.44
CA ASN D 141 5.65 -3.66 -9.42
C ASN D 141 5.79 -4.86 -8.50
N GLU D 142 5.32 -6.02 -8.96
CA GLU D 142 5.42 -7.26 -8.16
C GLU D 142 6.62 -8.03 -8.69
N PRO D 143 7.64 -8.25 -7.84
CA PRO D 143 8.87 -8.98 -8.17
C PRO D 143 8.66 -10.49 -8.17
N ILE D 144 7.77 -10.94 -9.04
CA ILE D 144 7.44 -12.35 -9.12
C ILE D 144 7.90 -13.04 -10.41
N PHE D 145 8.69 -12.34 -11.21
CA PHE D 145 9.20 -12.92 -12.44
C PHE D 145 10.69 -13.16 -12.30
N HIS D 146 11.03 -14.24 -11.61
CA HIS D 146 12.40 -14.60 -11.35
C HIS D 146 13.13 -13.41 -10.76
N GLY D 147 12.47 -12.76 -9.80
CA GLY D 147 13.07 -11.61 -9.14
C GLY D 147 12.68 -10.24 -9.66
N ARG D 148 12.33 -10.14 -10.93
CA ARG D 148 11.97 -8.84 -11.49
C ARG D 148 10.46 -8.56 -11.43
N THR D 149 10.11 -7.28 -11.52
CA THR D 149 8.72 -6.86 -11.55
C THR D 149 8.39 -6.80 -13.03
N ALA D 150 7.11 -6.64 -13.38
CA ALA D 150 6.76 -6.57 -14.80
C ALA D 150 7.42 -5.36 -15.44
N ILE D 151 7.46 -4.25 -14.71
CA ILE D 151 8.07 -3.02 -15.23
C ILE D 151 9.58 -3.15 -15.45
N GLU D 152 10.27 -3.85 -14.55
CA GLU D 152 11.71 -4.04 -14.70
C GLU D 152 11.97 -4.86 -15.96
N ILE D 153 11.05 -5.78 -16.26
CA ILE D 153 11.18 -6.60 -17.47
C ILE D 153 11.14 -5.67 -18.68
N TYR D 154 10.11 -4.82 -18.74
CA TYR D 154 9.97 -3.89 -19.85
C TYR D 154 11.17 -2.97 -19.91
N SER D 155 11.61 -2.52 -18.74
CA SER D 155 12.75 -1.62 -18.62
C SER D 155 14.06 -2.25 -19.11
N ASP D 156 14.35 -3.46 -18.67
CA ASP D 156 15.57 -4.12 -19.10
C ASP D 156 15.53 -4.37 -20.59
N TYR D 157 14.34 -4.63 -21.11
CA TYR D 157 14.13 -4.90 -22.52
C TYR D 157 14.53 -3.68 -23.36
N MET D 158 13.97 -2.52 -23.02
CA MET D 158 14.28 -1.29 -23.74
C MET D 158 15.74 -0.88 -23.60
N LYS D 159 16.34 -1.15 -22.43
CA LYS D 159 17.74 -0.81 -22.24
C LYS D 159 18.62 -1.66 -23.15
N SER D 160 18.27 -2.93 -23.28
CA SER D 160 19.03 -3.84 -24.14
C SER D 160 18.85 -3.41 -25.59
N PHE D 161 17.61 -3.10 -25.96
CA PHE D 161 17.32 -2.66 -27.33
C PHE D 161 18.18 -1.45 -27.66
N ARG D 162 18.18 -0.46 -26.78
CA ARG D 162 18.96 0.76 -26.98
C ARG D 162 20.45 0.48 -27.15
N GLU D 163 20.96 -0.46 -26.37
CA GLU D 163 22.36 -0.83 -26.44
C GLU D 163 22.67 -1.57 -27.74
N ASN D 164 21.89 -2.60 -28.04
CA ASN D 164 22.11 -3.39 -29.25
C ASN D 164 21.74 -2.74 -30.59
N MET D 165 21.06 -1.62 -30.53
CA MET D 165 20.68 -0.91 -31.75
C MET D 165 21.32 0.48 -31.73
N SER D 166 22.34 0.63 -30.89
CA SER D 166 23.02 1.91 -30.74
C SER D 166 23.48 2.53 -32.04
N ASP D 167 23.92 1.71 -32.98
CA ASP D 167 24.38 2.21 -34.28
C ASP D 167 23.20 2.75 -35.10
N PHE D 168 22.11 2.00 -35.09
CA PHE D 168 20.92 2.42 -35.82
C PHE D 168 20.31 3.68 -35.24
N LEU D 169 20.32 3.78 -33.90
CA LEU D 169 19.79 4.96 -33.23
C LEU D 169 20.69 6.15 -33.54
N GLU D 170 21.98 5.88 -33.68
CA GLU D 170 22.94 6.91 -34.00
C GLU D 170 22.77 7.46 -35.41
N SER D 171 22.64 6.56 -36.36
CA SER D 171 22.50 6.96 -37.76
C SER D 171 21.17 7.66 -38.04
N GLY D 172 20.28 7.65 -37.05
CA GLY D 172 18.98 8.29 -37.25
C GLY D 172 18.00 7.42 -38.01
N LEU D 173 18.23 6.11 -38.00
CA LEU D 173 17.36 5.16 -38.67
C LEU D 173 16.03 5.05 -37.91
N ILE D 174 16.13 5.01 -36.59
CA ILE D 174 14.96 4.90 -35.72
C ILE D 174 14.50 6.31 -35.34
N ILE D 175 13.33 6.71 -35.80
CA ILE D 175 12.81 8.03 -35.50
C ILE D 175 12.00 8.06 -34.19
N ASP D 176 11.39 6.95 -33.81
CA ASP D 176 10.66 6.95 -32.55
C ASP D 176 10.45 5.56 -31.96
N ILE D 177 10.25 5.53 -30.65
CA ILE D 177 10.05 4.29 -29.92
C ILE D 177 8.64 4.24 -29.35
N GLU D 178 7.79 3.37 -29.89
CA GLU D 178 6.44 3.25 -29.37
C GLU D 178 6.46 2.15 -28.33
N VAL D 179 6.15 2.52 -27.10
CA VAL D 179 6.16 1.57 -25.99
C VAL D 179 4.82 0.87 -25.85
N GLY D 180 4.83 -0.45 -25.97
CA GLY D 180 3.61 -1.21 -25.82
C GLY D 180 3.19 -1.12 -24.37
N LEU D 181 1.87 -0.98 -24.13
CA LEU D 181 1.39 -0.86 -22.76
C LEU D 181 0.22 -1.77 -22.40
N GLY D 182 -0.09 -2.72 -23.28
CA GLY D 182 -1.18 -3.63 -23.01
C GLY D 182 -1.52 -4.47 -24.22
N PRO D 183 -2.75 -4.99 -24.30
CA PRO D 183 -3.25 -5.82 -25.39
C PRO D 183 -3.03 -5.10 -26.72
N ALA D 184 -2.50 -5.80 -27.71
CA ALA D 184 -2.25 -5.19 -29.01
C ALA D 184 -1.34 -3.98 -28.87
N GLY D 185 -0.54 -3.98 -27.80
CA GLY D 185 0.38 -2.89 -27.55
C GLY D 185 -0.28 -1.58 -27.15
N GLU D 186 -1.59 -1.62 -26.92
CA GLU D 186 -2.33 -0.42 -26.57
C GLU D 186 -2.52 -0.25 -25.07
N LEU D 187 -2.54 1.01 -24.63
CA LEU D 187 -2.73 1.34 -23.22
C LEU D 187 -4.22 1.19 -22.89
N ARG D 188 -4.63 -0.02 -22.54
CA ARG D 188 -6.03 -0.30 -22.21
C ARG D 188 -6.12 -1.70 -21.62
N TYR D 189 -7.33 -2.05 -21.19
CA TYR D 189 -7.59 -3.39 -20.65
C TYR D 189 -8.12 -4.20 -21.85
N PRO D 190 -7.88 -5.52 -21.85
CA PRO D 190 -8.34 -6.40 -22.93
C PRO D 190 -9.82 -6.67 -22.71
N SER D 191 -10.62 -5.62 -22.83
CA SER D 191 -12.06 -5.68 -22.59
C SER D 191 -12.94 -6.22 -23.72
N TYR D 192 -12.38 -6.42 -24.91
CA TYR D 192 -13.18 -6.95 -26.00
C TYR D 192 -12.46 -8.00 -26.82
N PRO D 193 -12.03 -9.10 -26.16
CA PRO D 193 -11.31 -10.22 -26.77
C PRO D 193 -12.19 -11.10 -27.65
N GLN D 194 -11.72 -11.38 -28.86
CA GLN D 194 -12.47 -12.22 -29.77
C GLN D 194 -12.47 -13.64 -29.22
N SER D 195 -11.31 -14.06 -28.71
CA SER D 195 -11.17 -15.40 -28.17
C SER D 195 -12.18 -15.72 -27.07
N GLN D 196 -12.72 -14.71 -26.40
CA GLN D 196 -13.71 -14.98 -25.36
C GLN D 196 -15.14 -14.78 -25.84
N GLY D 197 -15.30 -14.62 -27.15
CA GLY D 197 -16.63 -14.47 -27.70
C GLY D 197 -17.10 -13.08 -28.07
N TRP D 198 -16.37 -12.06 -27.64
CA TRP D 198 -16.76 -10.69 -27.95
C TRP D 198 -16.98 -10.50 -29.44
N GLU D 199 -17.98 -9.70 -29.77
CA GLU D 199 -18.30 -9.38 -31.15
C GLU D 199 -18.82 -7.95 -31.19
N PHE D 200 -18.35 -7.20 -32.18
CA PHE D 200 -18.78 -5.81 -32.35
C PHE D 200 -20.30 -5.84 -32.45
N PRO D 201 -20.99 -4.89 -31.78
CA PRO D 201 -20.46 -3.81 -30.94
C PRO D 201 -20.67 -4.06 -29.44
N GLY D 202 -20.29 -5.24 -28.95
CA GLY D 202 -20.45 -5.54 -27.54
C GLY D 202 -19.81 -4.51 -26.64
N ILE D 203 -20.38 -4.28 -25.46
CA ILE D 203 -19.84 -3.29 -24.53
C ILE D 203 -18.49 -3.73 -23.96
N GLY D 204 -18.21 -5.02 -23.97
CA GLY D 204 -16.96 -5.51 -23.43
C GLY D 204 -17.10 -5.78 -21.95
N GLU D 205 -16.01 -6.12 -21.28
CA GLU D 205 -16.07 -6.41 -19.84
C GLU D 205 -14.86 -5.87 -19.11
N PHE D 206 -15.07 -5.49 -17.85
CA PHE D 206 -13.99 -4.98 -17.02
C PHE D 206 -13.00 -6.12 -16.80
N GLN D 207 -11.72 -5.79 -16.77
CA GLN D 207 -10.66 -6.78 -16.61
C GLN D 207 -9.83 -6.47 -15.37
N CYS D 208 -10.51 -6.28 -14.24
CA CYS D 208 -9.84 -5.93 -13.00
C CYS D 208 -10.02 -6.97 -11.90
N TYR D 209 -10.20 -8.23 -12.28
CA TYR D 209 -10.45 -9.25 -11.28
C TYR D 209 -9.31 -10.16 -10.84
N ASP D 210 -8.10 -9.93 -11.35
CA ASP D 210 -6.97 -10.74 -10.92
C ASP D 210 -6.78 -10.33 -9.45
N LYS D 211 -6.22 -11.23 -8.63
CA LYS D 211 -6.06 -10.96 -7.20
C LYS D 211 -5.27 -9.71 -6.83
N TYR D 212 -4.31 -9.32 -7.66
CA TYR D 212 -3.52 -8.14 -7.36
C TYR D 212 -4.39 -6.89 -7.46
N LEU D 213 -5.13 -6.77 -8.56
CA LEU D 213 -6.01 -5.62 -8.72
C LEU D 213 -7.17 -5.69 -7.74
N LYS D 214 -7.62 -6.90 -7.43
CA LYS D 214 -8.72 -7.06 -6.49
C LYS D 214 -8.24 -6.57 -5.12
N ALA D 215 -7.04 -6.96 -4.72
CA ALA D 215 -6.48 -6.54 -3.44
C ALA D 215 -6.22 -5.04 -3.47
N ASP D 216 -5.79 -4.54 -4.61
CA ASP D 216 -5.51 -3.12 -4.81
C ASP D 216 -6.79 -2.32 -4.57
N PHE D 217 -7.86 -2.72 -5.25
CA PHE D 217 -9.16 -2.07 -5.11
C PHE D 217 -9.67 -2.15 -3.68
N LYS D 218 -9.53 -3.33 -3.07
CA LYS D 218 -9.99 -3.51 -1.70
C LYS D 218 -9.36 -2.51 -0.74
N ALA D 219 -8.06 -2.28 -0.88
CA ALA D 219 -7.39 -1.34 0.00
C ALA D 219 -7.81 0.10 -0.34
N ALA D 220 -8.12 0.33 -1.62
CA ALA D 220 -8.54 1.65 -2.05
C ALA D 220 -9.90 2.02 -1.46
N VAL D 221 -10.85 1.10 -1.51
CA VAL D 221 -12.17 1.39 -0.95
C VAL D 221 -12.07 1.50 0.57
N ALA D 222 -11.17 0.75 1.17
CA ALA D 222 -11.01 0.82 2.62
C ALA D 222 -10.54 2.22 2.98
N ARG D 223 -9.61 2.76 2.19
CA ARG D 223 -9.08 4.10 2.42
C ARG D 223 -10.23 5.10 2.31
N ALA D 224 -11.12 4.86 1.36
CA ALA D 224 -12.27 5.73 1.15
C ALA D 224 -13.33 5.50 2.21
N GLY D 225 -13.09 4.56 3.12
CA GLY D 225 -14.04 4.28 4.17
C GLY D 225 -15.25 3.49 3.70
N HIS D 226 -15.10 2.79 2.58
CA HIS D 226 -16.18 1.98 2.01
C HIS D 226 -15.79 0.53 1.79
N PRO D 227 -15.52 -0.21 2.87
CA PRO D 227 -15.13 -1.63 2.77
C PRO D 227 -16.22 -2.52 2.17
N GLU D 228 -17.44 -2.00 2.08
CA GLU D 228 -18.56 -2.78 1.53
C GLU D 228 -18.58 -2.76 0.01
N TRP D 229 -17.75 -1.93 -0.61
CA TRP D 229 -17.69 -1.84 -2.07
C TRP D 229 -16.85 -2.95 -2.69
N GLU D 230 -17.44 -3.69 -3.62
CA GLU D 230 -16.74 -4.76 -4.33
C GLU D 230 -16.56 -4.35 -5.78
N LEU D 231 -15.72 -5.05 -6.52
CA LEU D 231 -15.55 -4.72 -7.93
C LEU D 231 -16.94 -4.91 -8.57
N PRO D 232 -17.17 -4.31 -9.74
CA PRO D 232 -18.45 -4.41 -10.44
C PRO D 232 -19.03 -5.83 -10.59
N ASP D 233 -20.31 -5.96 -10.31
CA ASP D 233 -20.98 -7.25 -10.40
C ASP D 233 -22.33 -7.15 -11.10
N ASP D 234 -22.53 -6.07 -11.85
CA ASP D 234 -23.79 -5.88 -12.57
C ASP D 234 -23.52 -5.21 -13.92
N ALA D 235 -22.36 -5.46 -14.49
CA ALA D 235 -21.98 -4.88 -15.77
C ALA D 235 -22.27 -5.80 -16.95
N GLY D 236 -22.78 -6.99 -16.65
CA GLY D 236 -23.10 -7.92 -17.73
C GLY D 236 -21.90 -8.58 -18.40
N LYS D 237 -22.03 -8.84 -19.70
CA LYS D 237 -20.99 -9.51 -20.44
C LYS D 237 -20.61 -8.89 -21.77
N TYR D 238 -19.49 -9.36 -22.32
CA TYR D 238 -18.91 -8.87 -23.58
C TYR D 238 -19.86 -8.40 -24.68
N ASN D 239 -20.91 -9.15 -24.94
CA ASN D 239 -21.82 -8.77 -26.02
C ASN D 239 -23.13 -8.08 -25.65
N ASP D 240 -23.26 -7.67 -24.39
CA ASP D 240 -24.46 -6.95 -23.97
C ASP D 240 -24.46 -5.54 -24.52
N VAL D 241 -25.62 -4.89 -24.42
CA VAL D 241 -25.77 -3.49 -24.81
C VAL D 241 -25.91 -2.83 -23.44
N PRO D 242 -25.43 -1.59 -23.29
CA PRO D 242 -25.51 -0.89 -22.00
C PRO D 242 -26.81 -0.93 -21.22
N GLU D 243 -27.94 -0.74 -21.91
CA GLU D 243 -29.24 -0.73 -21.24
C GLU D 243 -29.71 -2.08 -20.72
N SER D 244 -29.04 -3.15 -21.11
CA SER D 244 -29.43 -4.47 -20.61
C SER D 244 -28.60 -4.81 -19.38
N THR D 245 -27.80 -3.85 -18.92
CA THR D 245 -26.95 -4.06 -17.75
C THR D 245 -27.27 -3.04 -16.66
N GLY D 246 -27.11 -3.44 -15.41
CA GLY D 246 -27.40 -2.54 -14.31
C GLY D 246 -26.36 -1.44 -14.14
N PHE D 247 -25.13 -1.73 -14.52
CA PHE D 247 -24.04 -0.78 -14.40
C PHE D 247 -24.10 0.36 -15.42
N PHE D 248 -24.34 0.02 -16.68
CA PHE D 248 -24.36 0.99 -17.77
C PHE D 248 -25.71 1.52 -18.22
N LYS D 249 -26.80 1.06 -17.62
CA LYS D 249 -28.11 1.53 -18.04
C LYS D 249 -28.37 2.92 -17.48
N SER D 250 -29.40 3.56 -17.99
CA SER D 250 -29.77 4.88 -17.51
C SER D 250 -29.83 4.84 -15.98
N ASN D 251 -29.19 5.81 -15.34
CA ASN D 251 -29.16 5.88 -13.88
C ASN D 251 -28.60 4.61 -13.26
N GLY D 252 -27.81 3.88 -14.03
CA GLY D 252 -27.21 2.65 -13.53
C GLY D 252 -26.13 2.92 -12.51
N THR D 253 -25.42 1.86 -12.12
CA THR D 253 -24.36 1.99 -11.13
C THR D 253 -23.24 2.96 -11.51
N TYR D 254 -22.94 3.10 -12.81
CA TYR D 254 -21.85 3.98 -13.19
C TYR D 254 -22.03 5.44 -12.79
N VAL D 255 -23.24 5.83 -12.41
CA VAL D 255 -23.44 7.22 -11.98
C VAL D 255 -23.48 7.33 -10.47
N THR D 256 -23.48 6.18 -9.79
CA THR D 256 -23.51 6.15 -8.34
C THR D 256 -22.14 6.51 -7.76
N GLU D 257 -22.09 6.79 -6.47
CA GLU D 257 -20.82 7.13 -5.83
C GLU D 257 -19.86 5.96 -5.95
N LYS D 258 -20.38 4.76 -5.75
CA LYS D 258 -19.59 3.54 -5.87
C LYS D 258 -19.08 3.40 -7.30
N GLY D 259 -19.99 3.49 -8.27
CA GLY D 259 -19.62 3.36 -9.66
C GLY D 259 -18.53 4.34 -10.07
N LYS D 260 -18.72 5.62 -9.72
CA LYS D 260 -17.74 6.65 -10.07
C LYS D 260 -16.39 6.37 -9.44
N PHE D 261 -16.38 5.90 -8.21
CA PHE D 261 -15.13 5.61 -7.54
C PHE D 261 -14.37 4.51 -8.27
N PHE D 262 -15.08 3.42 -8.60
CA PHE D 262 -14.46 2.30 -9.30
C PHE D 262 -13.85 2.74 -10.63
N LEU D 263 -14.64 3.42 -11.44
CA LEU D 263 -14.20 3.89 -12.75
C LEU D 263 -12.98 4.79 -12.68
N THR D 264 -12.94 5.64 -11.66
CA THR D 264 -11.80 6.54 -11.49
C THR D 264 -10.59 5.66 -11.19
N TRP D 265 -10.77 4.72 -10.26
CA TRP D 265 -9.72 3.79 -9.87
C TRP D 265 -9.25 2.96 -11.07
N TYR D 266 -10.22 2.37 -11.76
CA TYR D 266 -9.96 1.52 -12.93
C TYR D 266 -9.14 2.24 -14.00
N SER D 267 -9.56 3.46 -14.34
CA SER D 267 -8.87 4.24 -15.37
C SER D 267 -7.54 4.80 -14.87
N ASN D 268 -7.47 5.18 -13.59
CA ASN D 268 -6.23 5.70 -13.04
C ASN D 268 -5.09 4.68 -13.15
N LYS D 269 -5.43 3.39 -13.04
CA LYS D 269 -4.43 2.33 -13.13
C LYS D 269 -3.68 2.42 -14.46
N LEU D 270 -4.40 2.71 -15.55
CA LEU D 270 -3.80 2.83 -16.86
C LEU D 270 -2.90 4.06 -16.98
N LEU D 271 -3.31 5.17 -16.34
CA LEU D 271 -2.51 6.39 -16.38
C LEU D 271 -1.16 6.15 -15.69
N ASN D 272 -1.22 5.63 -14.47
CA ASN D 272 0.01 5.35 -13.73
C ASN D 272 0.78 4.23 -14.41
N HIS D 273 0.06 3.28 -15.02
CA HIS D 273 0.70 2.19 -15.74
C HIS D 273 1.59 2.79 -16.82
N GLY D 274 0.99 3.65 -17.66
CA GLY D 274 1.74 4.27 -18.74
C GLY D 274 2.86 5.18 -18.24
N ASP D 275 2.57 5.97 -17.22
CA ASP D 275 3.54 6.90 -16.67
C ASP D 275 4.78 6.18 -16.11
N GLN D 276 4.56 5.18 -15.26
CA GLN D 276 5.66 4.43 -14.67
C GLN D 276 6.52 3.71 -15.68
N ILE D 277 5.89 3.19 -16.73
CA ILE D 277 6.62 2.48 -17.76
C ILE D 277 7.33 3.47 -18.66
N LEU D 278 6.70 4.61 -18.92
CA LEU D 278 7.36 5.62 -19.75
C LEU D 278 8.56 6.19 -18.98
N ASP D 279 8.50 6.19 -17.66
CA ASP D 279 9.61 6.69 -16.86
C ASP D 279 10.85 5.88 -17.26
N GLU D 280 10.66 4.59 -17.46
CA GLU D 280 11.75 3.70 -17.84
C GLU D 280 12.20 3.92 -19.30
N ALA D 281 11.27 4.26 -20.17
CA ALA D 281 11.60 4.49 -21.57
C ALA D 281 12.45 5.76 -21.72
N ASN D 282 12.13 6.78 -20.94
CA ASN D 282 12.88 8.04 -20.99
C ASN D 282 14.30 7.83 -20.47
N LYS D 283 14.45 6.92 -19.51
CA LYS D 283 15.75 6.62 -18.93
C LYS D 283 16.55 5.75 -19.90
N ALA D 284 15.87 4.79 -20.52
CA ALA D 284 16.55 3.89 -21.45
C ALA D 284 17.01 4.59 -22.72
N PHE D 285 16.18 5.49 -23.24
CA PHE D 285 16.50 6.19 -24.48
C PHE D 285 17.01 7.61 -24.31
N LEU D 286 17.41 7.96 -23.09
CA LEU D 286 17.95 9.28 -22.78
C LEU D 286 19.06 9.67 -23.75
N GLY D 287 18.95 10.86 -24.32
CA GLY D 287 19.96 11.31 -25.26
C GLY D 287 19.75 10.90 -26.70
N CYS D 288 19.04 9.80 -26.93
CA CYS D 288 18.81 9.36 -28.30
C CYS D 288 17.95 10.37 -29.05
N LYS D 289 18.23 10.55 -30.33
CA LYS D 289 17.46 11.49 -31.14
C LYS D 289 16.21 10.80 -31.69
N VAL D 290 15.36 10.34 -30.78
CA VAL D 290 14.12 9.69 -31.14
C VAL D 290 13.03 10.26 -30.24
N LYS D 291 11.79 9.96 -30.58
CA LYS D 291 10.66 10.39 -29.78
C LYS D 291 10.03 9.14 -29.20
N LEU D 292 9.45 9.26 -28.02
CA LEU D 292 8.77 8.13 -27.40
C LEU D 292 7.33 8.25 -27.86
N ALA D 293 6.59 7.14 -27.81
CA ALA D 293 5.19 7.16 -28.21
C ALA D 293 4.44 6.02 -27.54
N ILE D 294 3.12 6.17 -27.43
CA ILE D 294 2.28 5.11 -26.91
C ILE D 294 1.14 5.02 -27.90
N LYS D 295 0.39 3.93 -27.83
CA LYS D 295 -0.74 3.74 -28.72
C LYS D 295 -2.03 3.69 -27.90
N VAL D 296 -2.94 4.61 -28.19
CA VAL D 296 -4.21 4.67 -27.49
C VAL D 296 -5.24 4.02 -28.41
N SER D 297 -6.03 3.10 -27.85
CA SER D 297 -7.02 2.38 -28.63
C SER D 297 -8.21 3.25 -29.02
N GLY D 298 -8.79 2.95 -30.18
CA GLY D 298 -9.94 3.69 -30.65
C GLY D 298 -11.25 2.93 -30.44
N ILE D 299 -11.88 3.15 -29.29
CA ILE D 299 -13.14 2.49 -28.96
C ILE D 299 -14.25 3.47 -29.36
N HIS D 300 -14.70 3.38 -30.60
CA HIS D 300 -15.72 4.29 -31.10
C HIS D 300 -17.16 3.84 -30.87
N TRP D 301 -17.36 2.55 -30.64
CA TRP D 301 -18.72 2.07 -30.41
C TRP D 301 -19.22 2.49 -29.03
N TRP D 302 -20.46 2.97 -29.00
CA TRP D 302 -21.11 3.44 -27.77
C TRP D 302 -20.62 4.82 -27.37
N TYR D 303 -19.81 5.42 -28.24
CA TYR D 303 -19.28 6.75 -27.98
C TYR D 303 -20.44 7.76 -27.99
N LYS D 304 -21.45 7.47 -28.81
CA LYS D 304 -22.61 8.34 -28.95
C LYS D 304 -23.72 8.21 -27.89
N VAL D 305 -23.50 7.43 -26.83
CA VAL D 305 -24.49 7.32 -25.77
C VAL D 305 -23.82 7.80 -24.50
N GLU D 306 -24.61 8.24 -23.54
CA GLU D 306 -24.08 8.76 -22.28
C GLU D 306 -23.15 7.87 -21.49
N ASN D 307 -23.37 6.55 -21.56
CA ASN D 307 -22.56 5.62 -20.80
C ASN D 307 -21.18 5.30 -21.35
N HIS D 308 -20.97 5.52 -22.65
CA HIS D 308 -19.67 5.22 -23.26
C HIS D 308 -19.21 3.88 -22.70
N ALA D 309 -20.13 2.91 -22.67
CA ALA D 309 -19.84 1.58 -22.12
C ALA D 309 -18.54 0.92 -22.55
N ALA D 310 -18.35 0.76 -23.86
CA ALA D 310 -17.14 0.13 -24.41
C ALA D 310 -15.87 0.86 -23.94
N GLU D 311 -15.92 2.18 -23.95
CA GLU D 311 -14.80 2.98 -23.52
C GLU D 311 -14.48 2.72 -22.05
N LEU D 312 -15.50 2.75 -21.19
CA LEU D 312 -15.28 2.51 -19.77
C LEU D 312 -14.66 1.14 -19.46
N THR D 313 -15.15 0.08 -20.11
CA THR D 313 -14.61 -1.25 -19.85
C THR D 313 -13.20 -1.40 -20.38
N ALA D 314 -12.80 -0.54 -21.31
CA ALA D 314 -11.45 -0.59 -21.87
C ALA D 314 -10.47 0.16 -20.97
N GLY D 315 -10.99 1.01 -20.08
CA GLY D 315 -10.11 1.75 -19.19
C GLY D 315 -10.10 3.26 -19.39
N TYR D 316 -10.78 3.74 -20.43
CA TYR D 316 -10.85 5.17 -20.70
C TYR D 316 -12.14 5.68 -20.08
N TYR D 317 -12.02 6.38 -18.96
CA TYR D 317 -13.20 6.91 -18.27
C TYR D 317 -13.68 8.16 -19.00
N ASN D 318 -14.26 7.96 -20.18
CA ASN D 318 -14.73 9.05 -21.01
C ASN D 318 -16.25 9.20 -21.02
N LEU D 319 -16.73 10.39 -20.65
CA LEU D 319 -18.16 10.66 -20.63
C LEU D 319 -18.42 11.97 -21.37
N ASN D 320 -19.69 12.27 -21.58
CA ASN D 320 -20.04 13.50 -22.27
C ASN D 320 -19.49 14.71 -21.54
N ASP D 321 -19.37 14.59 -20.22
CA ASP D 321 -18.86 15.69 -19.42
C ASP D 321 -17.59 15.33 -18.62
N ARG D 322 -16.80 14.42 -19.17
CA ARG D 322 -15.54 14.00 -18.53
C ARG D 322 -14.58 13.56 -19.63
N ASP D 323 -13.55 14.36 -19.87
CA ASP D 323 -12.60 14.05 -20.91
C ASP D 323 -11.69 12.93 -20.40
N GLY D 324 -11.92 11.72 -20.89
CA GLY D 324 -11.14 10.58 -20.45
C GLY D 324 -9.85 10.34 -21.21
N TYR D 325 -9.55 11.20 -22.18
CA TYR D 325 -8.32 11.03 -22.96
C TYR D 325 -7.29 12.10 -22.68
N ARG D 326 -7.73 13.34 -22.49
CA ARG D 326 -6.77 14.42 -22.24
C ARG D 326 -5.85 14.12 -21.06
N PRO D 327 -6.34 13.44 -20.01
CA PRO D 327 -5.45 13.15 -18.88
C PRO D 327 -4.27 12.29 -19.37
N ILE D 328 -4.53 11.47 -20.38
CA ILE D 328 -3.48 10.62 -20.94
C ILE D 328 -2.48 11.48 -21.70
N ALA D 329 -2.99 12.48 -22.42
CA ALA D 329 -2.12 13.38 -23.16
C ALA D 329 -1.26 14.16 -22.15
N ARG D 330 -1.89 14.65 -21.09
CA ARG D 330 -1.16 15.40 -20.09
C ARG D 330 -0.06 14.54 -19.46
N MET D 331 -0.32 13.25 -19.32
CA MET D 331 0.67 12.34 -18.76
C MET D 331 1.84 12.22 -19.75
N LEU D 332 1.50 12.07 -21.03
CA LEU D 332 2.51 11.93 -22.05
C LEU D 332 3.41 13.16 -22.14
N SER D 333 2.83 14.32 -21.85
CA SER D 333 3.58 15.56 -21.92
C SER D 333 4.90 15.50 -21.14
N ARG D 334 4.89 14.97 -19.92
CA ARG D 334 6.13 14.94 -19.14
C ARG D 334 7.19 14.04 -19.74
N HIS D 335 6.78 13.15 -20.64
CA HIS D 335 7.73 12.23 -21.28
C HIS D 335 8.06 12.72 -22.68
N HIS D 336 7.48 13.86 -23.06
CA HIS D 336 7.70 14.44 -24.38
C HIS D 336 7.30 13.42 -25.43
N ALA D 337 6.37 12.56 -25.07
CA ALA D 337 5.92 11.50 -25.95
C ALA D 337 4.76 11.83 -26.88
N ILE D 338 4.67 11.05 -27.94
CA ILE D 338 3.62 11.19 -28.96
C ILE D 338 2.42 10.33 -28.60
N LEU D 339 1.21 10.84 -28.85
CA LEU D 339 0.02 10.04 -28.61
C LEU D 339 -0.41 9.54 -29.98
N ASN D 340 -0.16 8.26 -30.24
CA ASN D 340 -0.50 7.64 -31.51
C ASN D 340 -1.92 7.09 -31.38
N PHE D 341 -2.84 7.68 -32.14
CA PHE D 341 -4.23 7.25 -32.08
C PHE D 341 -4.59 6.44 -33.33
N THR D 342 -5.89 6.30 -33.60
CA THR D 342 -6.32 5.53 -34.76
C THR D 342 -7.68 6.02 -35.28
N CYS D 343 -8.34 5.19 -36.09
CA CYS D 343 -9.66 5.53 -36.65
C CYS D 343 -9.62 6.74 -37.57
N LEU D 344 -8.43 7.11 -38.03
CA LEU D 344 -8.27 8.27 -38.91
C LEU D 344 -9.04 8.16 -40.22
N GLU D 345 -9.30 6.94 -40.67
CA GLU D 345 -10.00 6.71 -41.93
C GLU D 345 -11.51 6.49 -41.80
N MET D 346 -11.99 6.37 -40.58
CA MET D 346 -13.42 6.09 -40.37
C MET D 346 -14.40 7.25 -40.39
N ARG D 347 -15.58 6.97 -40.92
CA ARG D 347 -16.66 7.95 -40.97
C ARG D 347 -17.82 7.29 -40.22
N ASP D 348 -18.58 8.08 -39.48
CA ASP D 348 -19.70 7.57 -38.71
C ASP D 348 -20.70 6.84 -39.60
N SER D 349 -20.92 7.39 -40.79
CA SER D 349 -21.86 6.79 -41.74
C SER D 349 -21.46 5.39 -42.16
N GLU D 350 -20.24 4.98 -41.82
CA GLU D 350 -19.79 3.64 -42.19
C GLU D 350 -20.06 2.62 -41.09
N GLN D 351 -20.62 3.07 -39.98
CA GLN D 351 -20.92 2.18 -38.85
C GLN D 351 -22.41 1.89 -38.71
N PRO D 352 -22.76 0.66 -38.28
CA PRO D 352 -24.18 0.36 -38.12
C PRO D 352 -24.76 1.26 -37.04
N SER D 353 -25.97 1.75 -37.25
CA SER D 353 -26.60 2.63 -36.27
C SER D 353 -26.71 2.00 -34.89
N ASP D 354 -26.91 0.69 -34.85
CA ASP D 354 -27.04 -0.03 -33.59
C ASP D 354 -25.77 0.01 -32.73
N ALA D 355 -24.70 0.58 -33.28
CA ALA D 355 -23.44 0.65 -32.56
C ALA D 355 -23.21 1.98 -31.86
N LYS D 356 -23.97 3.01 -32.25
CA LYS D 356 -23.82 4.34 -31.67
C LYS D 356 -22.34 4.73 -31.74
N SER D 357 -21.77 4.49 -32.92
CA SER D 357 -20.36 4.73 -33.19
C SER D 357 -20.05 6.13 -33.73
N GLY D 358 -19.09 6.79 -33.08
CA GLY D 358 -18.70 8.12 -33.49
C GLY D 358 -17.19 8.26 -33.60
N PRO D 359 -16.56 7.43 -34.44
CA PRO D 359 -15.11 7.50 -34.60
C PRO D 359 -14.64 8.90 -34.98
N GLN D 360 -15.39 9.57 -35.86
CA GLN D 360 -15.05 10.92 -36.28
C GLN D 360 -14.95 11.85 -35.08
N GLU D 361 -15.96 11.80 -34.22
CA GLU D 361 -15.99 12.62 -33.02
C GLU D 361 -14.93 12.17 -32.01
N LEU D 362 -14.68 10.87 -31.93
CA LEU D 362 -13.68 10.36 -31.00
C LEU D 362 -12.31 10.93 -31.39
N VAL D 363 -11.99 10.83 -32.67
CA VAL D 363 -10.72 11.33 -33.20
C VAL D 363 -10.56 12.82 -32.89
N GLN D 364 -11.62 13.59 -33.09
CA GLN D 364 -11.58 15.01 -32.83
C GLN D 364 -11.31 15.32 -31.36
N GLN D 365 -11.89 14.51 -30.47
CA GLN D 365 -11.68 14.73 -29.04
C GLN D 365 -10.24 14.45 -28.64
N VAL D 366 -9.75 13.27 -29.02
CA VAL D 366 -8.39 12.82 -28.71
C VAL D 366 -7.31 13.72 -29.30
N LEU D 367 -7.47 14.08 -30.57
CA LEU D 367 -6.49 14.93 -31.22
C LEU D 367 -6.49 16.35 -30.62
N SER D 368 -7.67 16.89 -30.37
CA SER D 368 -7.80 18.24 -29.81
C SER D 368 -7.27 18.29 -28.39
N GLY D 369 -7.58 17.26 -27.61
CA GLY D 369 -7.11 17.22 -26.24
C GLY D 369 -5.60 17.12 -26.23
N GLY D 370 -5.06 16.36 -27.19
CA GLY D 370 -3.62 16.20 -27.28
C GLY D 370 -2.95 17.51 -27.65
N TRP D 371 -3.51 18.21 -28.62
CA TRP D 371 -2.95 19.47 -29.05
C TRP D 371 -3.10 20.54 -27.99
N ARG D 372 -4.14 20.41 -27.16
CA ARG D 372 -4.36 21.37 -26.09
C ARG D 372 -3.32 21.16 -24.99
N GLU D 373 -2.77 19.96 -24.92
CA GLU D 373 -1.75 19.65 -23.93
C GLU D 373 -0.38 19.90 -24.54
N TYR D 374 -0.39 20.39 -25.78
CA TYR D 374 0.84 20.68 -26.51
C TYR D 374 1.73 19.46 -26.75
N ILE D 375 1.12 18.31 -27.00
CA ILE D 375 1.90 17.11 -27.28
C ILE D 375 1.69 16.74 -28.75
N ARG D 376 2.59 15.92 -29.27
CA ARG D 376 2.48 15.49 -30.66
C ARG D 376 1.42 14.40 -30.76
N VAL D 377 0.60 14.45 -31.79
CA VAL D 377 -0.41 13.42 -31.97
C VAL D 377 -0.29 12.80 -33.35
N ALA D 378 -0.02 11.50 -33.40
CA ALA D 378 0.12 10.78 -34.65
C ALA D 378 -1.09 9.86 -34.73
N GLY D 379 -1.21 9.08 -35.80
CA GLY D 379 -2.34 8.19 -35.93
C GLY D 379 -2.26 7.15 -37.02
N GLU D 380 -3.20 6.20 -36.96
CA GLU D 380 -3.26 5.11 -37.92
C GLU D 380 -4.70 4.90 -38.38
N ASN D 381 -4.85 4.12 -39.45
CA ASN D 381 -6.19 3.77 -39.93
C ASN D 381 -6.49 2.54 -39.08
N ALA D 382 -7.73 2.44 -38.62
CA ALA D 382 -8.11 1.29 -37.79
C ALA D 382 -8.23 0.01 -38.61
N LEU D 383 -8.85 0.10 -39.78
CA LEU D 383 -9.06 -1.07 -40.61
C LEU D 383 -8.45 -0.95 -42.00
N PRO D 384 -8.16 -2.09 -42.64
CA PRO D 384 -7.57 -2.07 -43.98
C PRO D 384 -8.49 -1.29 -44.92
N ARG D 385 -7.93 -0.32 -45.64
CA ARG D 385 -8.71 0.46 -46.58
C ARG D 385 -7.77 0.80 -47.74
N TYR D 386 -8.30 0.74 -48.96
CA TYR D 386 -7.50 1.03 -50.14
C TYR D 386 -8.23 2.03 -51.04
N ASP D 387 -9.41 2.45 -50.60
CA ASP D 387 -10.24 3.37 -51.38
C ASP D 387 -9.96 4.86 -51.16
N ALA D 388 -10.28 5.66 -52.18
CA ALA D 388 -10.06 7.10 -52.13
C ALA D 388 -10.72 7.74 -50.92
N THR D 389 -12.00 7.43 -50.71
CA THR D 389 -12.74 7.97 -49.58
C THR D 389 -11.98 7.81 -48.26
N ALA D 390 -11.37 6.64 -48.06
CA ALA D 390 -10.62 6.34 -46.85
C ALA D 390 -9.38 7.21 -46.69
N TYR D 391 -8.64 7.42 -47.77
CA TYR D 391 -7.44 8.24 -47.71
C TYR D 391 -7.78 9.71 -47.47
N ASN D 392 -8.85 10.18 -48.11
CA ASN D 392 -9.28 11.56 -47.94
C ASN D 392 -9.63 11.85 -46.49
N GLN D 393 -10.28 10.90 -45.82
CA GLN D 393 -10.64 11.08 -44.42
C GLN D 393 -9.36 11.15 -43.56
N ILE D 394 -8.37 10.32 -43.90
CA ILE D 394 -7.11 10.32 -43.16
C ILE D 394 -6.46 11.68 -43.32
N ILE D 395 -6.35 12.12 -44.57
CA ILE D 395 -5.74 13.39 -44.89
C ILE D 395 -6.48 14.52 -44.19
N LEU D 396 -7.80 14.41 -44.11
CA LEU D 396 -8.59 15.42 -43.42
C LEU D 396 -8.12 15.47 -41.97
N ASN D 397 -8.00 14.30 -41.34
CA ASN D 397 -7.57 14.25 -39.94
C ASN D 397 -6.09 14.64 -39.76
N ALA D 398 -5.26 14.44 -40.77
CA ALA D 398 -3.84 14.81 -40.67
C ALA D 398 -3.69 16.32 -40.58
N ARG D 399 -4.56 17.04 -41.30
CA ARG D 399 -4.59 18.49 -41.32
C ARG D 399 -6.07 18.90 -41.29
N PRO D 400 -6.68 18.89 -40.09
CA PRO D 400 -8.08 19.22 -39.86
C PRO D 400 -8.56 20.55 -40.46
N GLN D 401 -7.66 21.53 -40.53
CA GLN D 401 -8.05 22.82 -41.07
C GLN D 401 -7.33 23.09 -42.38
N GLY D 402 -6.98 22.01 -43.07
CA GLY D 402 -6.30 22.13 -44.35
C GLY D 402 -4.90 22.71 -44.29
N VAL D 403 -4.35 22.97 -45.47
CA VAL D 403 -3.02 23.53 -45.62
C VAL D 403 -3.06 25.02 -45.28
N ASN D 404 -1.94 25.53 -44.78
CA ASN D 404 -1.81 26.95 -44.46
C ASN D 404 -0.85 27.51 -45.50
N ASN D 405 -1.32 28.44 -46.33
CA ASN D 405 -0.46 29.00 -47.38
C ASN D 405 0.65 29.91 -46.88
N ASN D 406 0.60 30.28 -45.60
CA ASN D 406 1.62 31.15 -45.04
C ASN D 406 2.13 30.65 -43.71
N GLY D 407 2.68 29.44 -43.69
CA GLY D 407 3.20 28.89 -42.45
C GLY D 407 2.76 27.46 -42.23
N PRO D 408 3.26 26.81 -41.17
CA PRO D 408 2.84 25.43 -40.94
C PRO D 408 1.34 25.43 -40.71
N PRO D 409 0.67 24.30 -41.01
CA PRO D 409 -0.78 24.23 -40.82
C PRO D 409 -1.25 24.59 -39.41
N LYS D 410 -2.41 25.21 -39.32
CA LYS D 410 -2.98 25.62 -38.03
C LYS D 410 -2.99 24.45 -37.04
N LEU D 411 -3.45 23.30 -37.52
CA LEU D 411 -3.51 22.08 -36.73
C LEU D 411 -2.93 21.00 -37.62
N SER D 412 -2.07 20.15 -37.06
CA SER D 412 -1.49 19.11 -37.88
C SER D 412 -1.05 17.91 -37.06
N MET D 413 -1.23 16.72 -37.61
CA MET D 413 -0.82 15.51 -36.93
C MET D 413 0.68 15.36 -37.15
N PHE D 414 1.37 14.79 -36.17
CA PHE D 414 2.81 14.62 -36.24
C PHE D 414 3.20 13.66 -37.35
N GLY D 415 2.35 12.67 -37.60
CA GLY D 415 2.61 11.69 -38.64
C GLY D 415 1.49 10.69 -38.74
N VAL D 416 1.45 9.95 -39.83
CA VAL D 416 0.41 8.93 -40.00
C VAL D 416 1.06 7.59 -40.37
N THR D 417 0.67 6.54 -39.67
CA THR D 417 1.20 5.21 -39.95
C THR D 417 0.07 4.38 -40.53
N TYR D 418 0.29 3.92 -41.74
CA TYR D 418 -0.70 3.15 -42.47
C TYR D 418 -0.61 1.65 -42.28
N LEU D 419 -1.75 1.03 -41.96
CA LEU D 419 -1.83 -0.41 -41.81
C LEU D 419 -2.50 -0.82 -43.13
N ARG D 420 -1.89 -1.73 -43.89
CA ARG D 420 -0.63 -2.37 -43.58
C ARG D 420 0.06 -2.74 -44.89
N LEU D 421 1.38 -2.95 -44.86
CA LEU D 421 2.09 -3.33 -46.07
C LEU D 421 1.70 -4.76 -46.44
N SER D 422 1.16 -4.93 -47.65
CA SER D 422 0.74 -6.24 -48.14
C SER D 422 0.81 -6.28 -49.66
N ASP D 423 0.60 -7.47 -50.23
CA ASP D 423 0.62 -7.64 -51.69
C ASP D 423 -0.56 -6.87 -52.28
N ASP D 424 -1.64 -6.82 -51.51
CA ASP D 424 -2.85 -6.11 -51.90
C ASP D 424 -2.54 -4.63 -52.12
N LEU D 425 -1.76 -4.05 -51.20
CA LEU D 425 -1.41 -2.64 -51.30
C LEU D 425 -0.57 -2.33 -52.51
N LEU D 426 0.33 -3.24 -52.85
CA LEU D 426 1.23 -3.03 -53.99
C LEU D 426 0.62 -3.30 -55.35
N GLN D 427 -0.62 -3.80 -55.38
CA GLN D 427 -1.29 -4.05 -56.64
C GLN D 427 -1.45 -2.72 -57.38
N LYS D 428 -1.31 -2.76 -58.69
CA LYS D 428 -1.38 -1.58 -59.55
C LYS D 428 -2.37 -0.48 -59.15
N SER D 429 -3.67 -0.78 -59.18
CA SER D 429 -4.68 0.22 -58.83
C SER D 429 -4.70 0.61 -57.36
N ASN D 430 -4.51 -0.37 -56.47
CA ASN D 430 -4.50 -0.04 -55.05
C ASN D 430 -3.34 0.91 -54.76
N PHE D 431 -2.15 0.50 -55.22
CA PHE D 431 -0.93 1.28 -55.01
C PHE D 431 -0.98 2.64 -55.70
N ASN D 432 -1.59 2.68 -56.88
CA ASN D 432 -1.69 3.92 -57.63
C ASN D 432 -2.40 4.94 -56.73
N ILE D 433 -3.48 4.52 -56.09
CA ILE D 433 -4.21 5.41 -55.20
C ILE D 433 -3.37 5.72 -53.97
N PHE D 434 -2.69 4.72 -53.42
CA PHE D 434 -1.85 4.91 -52.24
C PHE D 434 -0.83 6.00 -52.48
N LYS D 435 -0.25 6.01 -53.67
CA LYS D 435 0.75 7.01 -54.01
C LYS D 435 0.15 8.41 -53.96
N LYS D 436 -1.09 8.56 -54.43
CA LYS D 436 -1.74 9.87 -54.39
C LYS D 436 -1.94 10.28 -52.93
N PHE D 437 -2.22 9.30 -52.08
CA PHE D 437 -2.43 9.55 -50.66
C PHE D 437 -1.14 10.11 -50.05
N VAL D 438 -0.01 9.49 -50.40
CA VAL D 438 1.28 9.93 -49.89
C VAL D 438 1.56 11.35 -50.36
N LEU D 439 1.31 11.59 -51.65
CA LEU D 439 1.54 12.90 -52.23
C LEU D 439 0.75 13.98 -51.49
N LYS D 440 -0.53 13.72 -51.26
CA LYS D 440 -1.39 14.68 -50.57
C LYS D 440 -0.98 14.91 -49.12
N MET D 441 -0.57 13.84 -48.43
CA MET D 441 -0.13 13.95 -47.05
C MET D 441 1.09 14.86 -47.09
N HIS D 442 1.87 14.73 -48.16
CA HIS D 442 3.07 15.54 -48.37
C HIS D 442 2.76 16.93 -48.93
N ALA D 443 1.50 17.33 -48.87
CA ALA D 443 1.10 18.65 -49.37
C ALA D 443 1.56 18.85 -50.81
N ASP D 444 1.41 17.82 -51.63
CA ASP D 444 1.79 17.86 -53.05
C ASP D 444 3.28 17.96 -53.33
N GLN D 445 4.09 17.89 -52.28
CA GLN D 445 5.53 17.98 -52.47
C GLN D 445 6.10 16.57 -52.61
N ASP D 446 7.30 16.46 -53.15
CA ASP D 446 7.93 15.15 -53.29
C ASP D 446 8.53 14.76 -51.95
N TYR D 447 8.86 13.48 -51.81
CA TYR D 447 9.48 12.98 -50.59
C TYR D 447 10.55 13.99 -50.15
N CYS D 448 10.62 14.27 -48.86
CA CYS D 448 11.62 15.20 -48.35
C CYS D 448 12.45 14.51 -47.27
N ALA D 449 13.76 14.40 -47.49
CA ALA D 449 14.64 13.73 -46.55
C ALA D 449 14.94 14.49 -45.28
N ASN D 450 15.09 15.82 -45.37
CA ASN D 450 15.38 16.60 -44.18
C ASN D 450 14.15 17.05 -43.41
N PRO D 451 13.91 16.45 -42.23
CA PRO D 451 12.77 16.75 -41.36
C PRO D 451 12.63 18.23 -41.01
N GLN D 452 13.75 18.95 -40.93
CA GLN D 452 13.72 20.37 -40.62
C GLN D 452 12.78 21.10 -41.58
N LYS D 453 12.80 20.67 -42.84
CA LYS D 453 11.96 21.30 -43.84
C LYS D 453 10.47 21.14 -43.55
N TYR D 454 10.08 20.03 -42.92
CA TYR D 454 8.67 19.86 -42.59
C TYR D 454 8.40 19.98 -41.09
N ASN D 455 9.01 21.01 -40.50
CA ASN D 455 8.85 21.35 -39.09
C ASN D 455 8.99 20.21 -38.07
N HIS D 456 9.83 19.22 -38.37
CA HIS D 456 10.05 18.11 -37.43
C HIS D 456 11.45 18.21 -36.83
N ALA D 457 11.54 18.83 -35.66
CA ALA D 457 12.82 18.97 -34.97
C ALA D 457 13.30 17.63 -34.46
N ILE D 458 14.48 17.18 -34.91
CA ILE D 458 15.00 15.92 -34.44
C ILE D 458 16.14 16.26 -33.45
N THR D 459 15.91 15.94 -32.18
CA THR D 459 16.86 16.26 -31.13
C THR D 459 16.99 15.18 -30.06
N PRO D 460 18.03 15.28 -29.20
CA PRO D 460 18.23 14.29 -28.15
C PRO D 460 17.02 14.24 -27.22
N LEU D 461 16.66 13.04 -26.78
CA LEU D 461 15.52 12.84 -25.88
C LEU D 461 15.90 13.39 -24.51
N LYS D 462 15.06 14.27 -23.99
CA LYS D 462 15.32 14.86 -22.68
C LYS D 462 14.71 13.99 -21.59
N PRO D 463 15.29 14.01 -20.39
CA PRO D 463 14.72 13.20 -19.32
C PRO D 463 13.30 13.68 -19.03
N SER D 464 12.49 12.82 -18.42
CA SER D 464 11.11 13.16 -18.10
C SER D 464 11.00 14.42 -17.26
N ALA D 465 9.91 15.15 -17.44
CA ALA D 465 9.66 16.36 -16.67
C ALA D 465 9.21 15.90 -15.28
N PRO D 466 9.12 16.83 -14.31
CA PRO D 466 8.70 16.46 -12.96
C PRO D 466 7.37 15.68 -12.93
N LYS D 467 7.23 14.83 -11.93
CA LYS D 467 6.00 14.05 -11.77
C LYS D 467 4.80 14.97 -11.69
N ILE D 468 3.72 14.59 -12.38
CA ILE D 468 2.49 15.35 -12.34
C ILE D 468 1.54 14.57 -11.43
N PRO D 469 1.19 15.13 -10.27
CA PRO D 469 0.28 14.42 -9.35
C PRO D 469 -1.03 14.00 -10.00
N ILE D 470 -1.58 12.87 -9.54
CA ILE D 470 -2.82 12.35 -10.10
C ILE D 470 -3.94 13.39 -10.19
N GLU D 471 -4.13 14.19 -9.15
CA GLU D 471 -5.20 15.20 -9.21
C GLU D 471 -4.98 16.16 -10.37
N VAL D 472 -3.72 16.53 -10.60
CA VAL D 472 -3.41 17.45 -11.68
C VAL D 472 -3.67 16.80 -13.02
N LEU D 473 -3.37 15.51 -13.13
CA LEU D 473 -3.61 14.79 -14.37
C LEU D 473 -5.11 14.77 -14.62
N LEU D 474 -5.88 14.55 -13.56
CA LEU D 474 -7.33 14.48 -13.68
C LEU D 474 -8.00 15.82 -13.95
N GLU D 475 -7.29 16.91 -13.70
CA GLU D 475 -7.84 18.22 -13.97
C GLU D 475 -8.10 18.36 -15.46
N ALA D 476 -7.44 17.51 -16.25
CA ALA D 476 -7.60 17.54 -17.71
C ALA D 476 -8.87 16.84 -18.18
N THR D 477 -9.69 16.40 -17.23
CA THR D 477 -10.94 15.75 -17.58
C THR D 477 -12.02 16.79 -17.83
N LYS D 478 -11.75 18.03 -17.42
CA LYS D 478 -12.71 19.11 -17.63
C LYS D 478 -13.07 19.14 -19.12
N PRO D 479 -14.37 19.06 -19.43
CA PRO D 479 -14.81 19.07 -20.84
C PRO D 479 -14.42 20.33 -21.59
N THR D 480 -14.09 20.17 -22.87
CA THR D 480 -13.72 21.30 -23.73
C THR D 480 -14.16 20.98 -25.16
N ARG D 481 -14.73 21.97 -25.84
CA ARG D 481 -15.16 21.75 -27.22
C ARG D 481 -13.91 21.52 -28.05
N PRO D 482 -13.95 20.56 -28.97
CA PRO D 482 -12.79 20.28 -29.82
C PRO D 482 -12.60 21.42 -30.84
N PHE D 483 -11.44 21.44 -31.49
CA PHE D 483 -11.15 22.46 -32.49
C PHE D 483 -12.04 22.22 -33.70
N PRO D 484 -12.44 23.30 -34.39
CA PRO D 484 -13.28 23.10 -35.58
C PRO D 484 -12.55 22.31 -36.66
N TRP D 485 -13.26 21.37 -37.28
CA TRP D 485 -12.72 20.51 -38.33
C TRP D 485 -13.30 20.93 -39.67
N LEU D 486 -12.54 20.73 -40.74
CA LEU D 486 -13.06 21.02 -42.05
C LEU D 486 -14.04 19.86 -42.30
N ASP D 487 -15.03 20.08 -43.14
CA ASP D 487 -15.99 19.02 -43.46
C ASP D 487 -15.34 18.06 -44.46
N GLU D 488 -14.61 18.63 -45.40
CA GLU D 488 -13.89 17.86 -46.42
C GLU D 488 -12.49 18.46 -46.47
N THR D 489 -11.49 17.62 -46.71
CA THR D 489 -10.12 18.12 -46.78
C THR D 489 -9.92 18.91 -48.08
N ASP D 490 -8.86 19.72 -48.09
CA ASP D 490 -8.53 20.52 -49.25
C ASP D 490 -7.52 19.79 -50.15
N MET D 491 -7.09 18.62 -49.69
CA MET D 491 -6.13 17.84 -50.45
C MET D 491 -6.60 16.41 -50.73
N LYS D 492 -7.74 16.30 -51.40
CA LYS D 492 -8.30 15.00 -51.74
C LYS D 492 -7.36 14.29 -52.72
N VAL D 493 -7.31 12.96 -52.66
CA VAL D 493 -6.44 12.21 -53.54
C VAL D 493 -6.78 12.44 -55.01
N ASP D 494 -8.05 12.74 -55.28
CA ASP D 494 -8.47 13.03 -56.65
C ASP D 494 -8.60 14.54 -56.83
N GLY D 495 -9.83 14.98 -57.11
CA GLY D 495 -10.11 16.40 -57.30
C GLY D 495 -9.93 17.25 -56.05
S SO4 E . 28.15 31.31 -6.49
O1 SO4 E . 29.60 31.04 -6.36
O2 SO4 E . 27.94 32.63 -7.10
O3 SO4 E . 27.52 31.28 -5.15
O4 SO4 E . 27.50 30.28 -7.33
S SO4 F . 46.53 -16.31 -12.26
O1 SO4 F . 46.76 -17.22 -13.40
O2 SO4 F . 45.25 -15.60 -12.45
O3 SO4 F . 47.64 -15.33 -12.18
O4 SO4 F . 46.48 -17.08 -11.00
S SO4 G . 50.71 15.19 4.71
O1 SO4 G . 51.10 13.79 4.99
O2 SO4 G . 51.64 15.79 3.73
O3 SO4 G . 50.75 15.96 5.96
O4 SO4 G . 49.33 15.22 4.17
S SO4 H . 46.19 10.21 7.31
O1 SO4 H . 45.69 9.47 8.49
O2 SO4 H . 46.79 9.25 6.35
O3 SO4 H . 47.21 11.20 7.72
O4 SO4 H . 45.07 10.92 6.66
S SO4 I . 14.84 26.34 -12.32
O1 SO4 I . 15.63 25.86 -13.48
O2 SO4 I . 15.42 27.62 -11.84
O3 SO4 I . 14.88 25.32 -11.25
O4 SO4 I . 13.44 26.54 -12.72
S SO4 J . 37.00 7.37 -24.52
O1 SO4 J . 35.59 7.55 -24.12
O2 SO4 J . 37.52 8.62 -25.12
O3 SO4 J . 37.08 6.28 -25.50
O4 SO4 J . 37.82 7.04 -23.34
S SO4 K . -23.60 0.70 32.81
O1 SO4 K . -22.56 -0.22 32.30
O2 SO4 K . -23.02 2.04 32.99
O3 SO4 K . -24.10 0.22 34.12
O4 SO4 K . -24.69 0.76 31.84
S SO4 L . 24.71 10.52 18.33
O1 SO4 L . 24.63 9.17 17.73
O2 SO4 L . 24.77 11.53 17.27
O3 SO4 L . 25.92 10.61 19.17
O4 SO4 L . 23.50 10.75 19.16
S SO4 M . -6.12 -5.41 9.33
O1 SO4 M . -7.04 -5.48 10.47
O2 SO4 M . -4.82 -4.89 9.79
O3 SO4 M . -6.68 -4.51 8.30
O4 SO4 M . -5.93 -6.76 8.76
S SO4 N . -5.07 1.24 7.83
O1 SO4 N . -5.87 1.53 9.03
O2 SO4 N . -3.66 1.03 8.23
O3 SO4 N . -5.14 2.38 6.89
O4 SO4 N . -5.60 0.03 7.19
S SO4 O . -22.95 12.56 42.49
O1 SO4 O . -21.88 11.63 42.94
O2 SO4 O . -23.63 13.12 43.67
O3 SO4 O . -23.93 11.81 41.68
O4 SO4 O . -22.36 13.66 41.69
S SO4 P . 7.06 2.34 38.72
O1 SO4 P . 6.33 3.52 39.22
O2 SO4 P . 6.95 2.27 37.26
O3 SO4 P . 6.49 1.11 39.32
O4 SO4 P . 8.48 2.45 39.10
S SO4 Q . -26.85 -24.25 -2.34
O1 SO4 Q . -26.12 -23.58 -1.25
O2 SO4 Q . -26.20 -23.93 -3.62
O3 SO4 Q . -28.25 -23.77 -2.37
O4 SO4 Q . -26.84 -25.70 -2.11
S SO4 R . -50.47 -5.10 39.13
O1 SO4 R . -50.48 -6.15 40.16
O2 SO4 R . -49.37 -5.36 38.19
O3 SO4 R . -50.28 -3.78 39.76
O4 SO4 R . -51.76 -5.11 38.39
S SO4 S . -53.10 -28.09 11.62
O1 SO4 S . -54.07 -27.92 12.72
O2 SO4 S . -51.74 -27.93 12.15
O3 SO4 S . -53.36 -27.09 10.57
O4 SO4 S . -53.24 -29.45 11.06
S SO4 T . -49.95 -30.02 17.69
O1 SO4 T . -49.82 -31.11 18.68
O2 SO4 T . -48.68 -29.84 16.96
O3 SO4 T . -50.32 -28.77 18.39
O4 SO4 T . -51.01 -30.35 16.70
S SO4 U . -13.27 -19.48 3.78
O1 SO4 U . -13.38 -20.79 3.12
O2 SO4 U . -11.86 -19.06 3.82
O3 SO4 U . -13.78 -19.58 5.18
O4 SO4 U . -14.07 -18.48 3.05
S SO4 V . -35.45 0.16 15.45
O1 SO4 V . -36.57 -0.55 14.80
O2 SO4 V . -34.92 1.17 14.52
O3 SO4 V . -34.40 -0.81 15.81
O4 SO4 V . -35.93 0.81 16.68
S SO4 W . 22.34 -7.68 -23.83
O1 SO4 W . 22.08 -8.07 -25.24
O2 SO4 W . 21.22 -6.88 -23.31
O3 SO4 W . 23.57 -6.89 -23.78
O4 SO4 W . 22.49 -8.90 -23.02
S SO4 X . -20.70 10.82 -45.21
O1 SO4 X . -20.31 10.80 -43.79
O2 SO4 X . -20.23 9.59 -45.87
O3 SO4 X . -20.11 12.00 -45.87
O4 SO4 X . -22.18 10.91 -45.30
S SO4 Y . 8.55 18.64 -25.57
O1 SO4 Y . 7.49 18.52 -24.53
O2 SO4 Y . 9.84 18.86 -24.91
O3 SO4 Y . 8.25 19.76 -26.47
O4 SO4 Y . 8.59 17.39 -26.36
S SO4 Z . 8.67 18.73 -32.90
O1 SO4 Z . 7.22 18.50 -33.06
O2 SO4 Z . 8.90 19.45 -31.63
O3 SO4 Z . 9.17 19.52 -34.04
O4 SO4 Z . 9.38 17.43 -32.85
S SO4 AA . 21.59 -19.78 -34.03
O1 SO4 AA . 21.96 -20.99 -34.78
O2 SO4 AA . 22.72 -19.37 -33.17
O3 SO4 AA . 20.41 -20.05 -33.18
O4 SO4 AA . 21.27 -18.70 -34.99
S SO4 BA . -8.37 -9.71 -29.73
O1 SO4 BA . -9.77 -9.91 -30.12
O2 SO4 BA . -7.54 -10.81 -30.25
O3 SO4 BA . -8.26 -9.67 -28.25
O4 SO4 BA . -7.88 -8.44 -30.29
#